data_6WJL
#
_entry.id   6WJL
#
_cell.length_a   54.942
_cell.length_b   225.646
_cell.length_c   107.250
_cell.angle_alpha   90.000
_cell.angle_beta   104.750
_cell.angle_gamma   90.000
#
_symmetry.space_group_name_H-M   'P 1 21 1'
#
loop_
_entity.id
_entity.type
_entity.pdbx_description
1 polymer Glypican-2
2 polymer 'D3 Fab Heavy chain'
3 polymer 'VHH domain'
4 polymer 'D3 Fab Light Chain'
#
loop_
_entity_poly.entity_id
_entity_poly.type
_entity_poly.pdbx_seq_one_letter_code
_entity_poly.pdbx_strand_id
1 'polypeptide(L)'
;ETGSEAKVTRSCAETRQVLGARGYSLNLIPPALITGEHLRVCPQEYTCCSSETEQRLIRETEATFRGLVEDTGSFLVHTL
AARHRKFDEFFLEMLSVAQHSLTQLFSHSYGRLYAQHALIFNGLFSRLRDFYGETGEGLDDTLADFWAQLLERVFPLLHP
QYSFPPDYLLCLSRLASSTDGSLQPFGDSPRRLRLQITRTLVAARAFVQGLETGRNVVSEALKVPVSEGCSQALMRLIGC
PLCRGVPSLMPCQGFCLNVVRGCLSSRGLEPDWGNYLDGLLILADKLQGPFSFELTAESIGVKISEGLMYLQENSAKVSA
QVFQECGPPDPVPARNRRAPPPREEAGRLWSMVTEEERPTTAAGTNLHRLVWELRERLARMRGFWARLSLTVCGDSRMAA
DASLEAAPCWTGAGRGRYLPPVVGGSPAEQVNNPELKVDASGPDVPTRRRRLQLRAATARMKTAALGHDLDGQGTKHHHH
HH
;
G,E
2 'polypeptide(L)'
;EVQLVETGGGVVKPGGSLRLSCAASGFTFSDYYMSWIRQAPGKGLEWVSYISSSGSTIYYADSVKGRFTISRDNSKNTLY
LQMNSLRAEDTAVYYCARESGYDYVFDYWGQGTLVAVSSASTKGPSVFPLAPSSKSTSGGTAALGCLVKDYFPEPVTVSW
NSGALTSGVHTFPAVLQSSGLYSLSSVVTVPSSSLGTQTYICNVNHKPSNTKVDKKVEPK
;
H,F
3 'polypeptide(L)'
;(UNK)VQL(UNK)(UNK)SGGG(UNK)VQ(UNK)G(UNK)SL(UNK)LSC(UNK)A(UNK)(UNK)(UNK)(UNK)
(UNK)(UNK)(UNK)(UNK)(UNK)(UNK)(UNK)W(UNK)RQ(UNK)PG(UNK)(UNK)RE(UNK)V(UNK)(UNK)
(UNK)(UNK)(UNK)(UNK)(UNK)(UNK)(UNK)(UNK)(UNK)(UNK)(UNK)DS(UNK)(UNK)GRFT(UNK)S
(UNK)D(UNK)(UNK)(UNK)(UNK)(UNK)(UNK)(UNK)LQ(UNK)(UNK)(UNK)L(UNK)(UNK)(UNK)D(UNK)
A(UNK)YYC(UNK)(UNK)(UNK)(UNK)(UNK)(UNK)(UNK)(UNK)(UNK)(UNK)(UNK)(UNK)(UNK)(UNK)W
G(UNK)GT(UNK)VTVSS
;
K,I
4 'polypeptide(L)'
;DIQMTQSPSTLSAFVGDRVTITCRASQSISSWLAWYQQKPGKAPKLLIYAASTLQSGVPSRFSGSGSGTEFTLTISSLQP
EDFATYYCQQLNSYPITFGQGTRLEIKRTVAAPSVFIFPPSDEQLKSGTASVVCLLNNFYPREAKVQWKVDNALQSGNSQ
ESVTEQDSKDSTYSLSSTLTLSKADYEKHKVYACEVTHQGLSSPVTKSFNRGEC
;
L,J
#
# COMPACT_ATOMS: atom_id res chain seq x y z
N SER A 11 -25.44 6.86 -30.52
CA SER A 11 -24.45 5.84 -30.20
C SER A 11 -25.07 4.75 -29.33
N CYS A 12 -25.32 3.58 -29.92
CA CYS A 12 -25.88 2.47 -29.15
C CYS A 12 -24.96 1.99 -28.06
N ALA A 13 -23.68 2.39 -28.08
CA ALA A 13 -22.74 2.01 -27.04
C ALA A 13 -23.09 2.61 -25.68
N GLU A 14 -24.09 3.51 -25.62
CA GLU A 14 -24.65 3.92 -24.35
C GLU A 14 -25.20 2.72 -23.57
N THR A 15 -25.77 1.75 -24.28
CA THR A 15 -26.20 0.50 -23.65
C THR A 15 -25.02 -0.34 -23.19
N ARG A 16 -23.89 -0.26 -23.92
CA ARG A 16 -22.73 -1.12 -23.60
C ARG A 16 -22.26 -0.91 -22.17
N GLN A 17 -22.05 0.34 -21.77
CA GLN A 17 -21.62 0.61 -20.39
C GLN A 17 -22.72 0.23 -19.41
N VAL A 18 -23.98 0.52 -19.75
CA VAL A 18 -25.10 0.10 -18.90
C VAL A 18 -25.14 -1.41 -18.78
N LEU A 19 -24.92 -2.11 -19.91
CA LEU A 19 -24.86 -3.57 -19.86
C LEU A 19 -23.61 -4.05 -19.15
N GLY A 20 -22.53 -3.27 -19.19
CA GLY A 20 -21.34 -3.62 -18.41
C GLY A 20 -21.59 -3.58 -16.92
N ALA A 21 -22.48 -2.69 -16.47
CA ALA A 21 -22.88 -2.69 -15.07
C ALA A 21 -23.64 -3.96 -14.71
N ARG A 22 -24.39 -4.50 -15.67
CA ARG A 22 -25.08 -5.77 -15.46
C ARG A 22 -24.14 -6.97 -15.59
N GLY A 23 -22.98 -6.79 -16.21
CA GLY A 23 -21.93 -7.78 -16.20
C GLY A 23 -21.78 -8.62 -17.45
N TYR A 24 -22.12 -8.09 -18.62
CA TYR A 24 -22.03 -8.85 -19.86
C TYR A 24 -20.61 -8.84 -20.40
N SER A 25 -20.25 -9.93 -21.09
CA SER A 25 -19.00 -9.96 -21.85
C SER A 25 -19.19 -9.04 -23.05
N LEU A 26 -18.60 -7.86 -22.97
CA LEU A 26 -18.91 -6.77 -23.90
C LEU A 26 -18.09 -6.89 -25.19
N ASN A 27 -18.32 -7.99 -25.89
CA ASN A 27 -17.77 -8.21 -27.23
C ASN A 27 -18.91 -8.61 -28.16
N LEU A 28 -18.88 -8.04 -29.37
CA LEU A 28 -19.85 -8.20 -30.45
C LEU A 28 -21.21 -7.56 -30.12
N ILE A 29 -21.31 -6.84 -29.02
CA ILE A 29 -22.49 -6.05 -28.68
C ILE A 29 -22.22 -4.54 -28.73
N PRO A 30 -21.00 -4.04 -28.51
CA PRO A 30 -20.83 -2.57 -28.43
C PRO A 30 -21.21 -1.85 -29.72
N PRO A 31 -20.69 -2.25 -30.90
CA PRO A 31 -20.82 -1.34 -32.05
C PRO A 31 -21.68 -1.82 -33.20
N ALA A 32 -22.51 -2.84 -33.01
CA ALA A 32 -23.20 -3.49 -34.13
C ALA A 32 -24.70 -3.59 -33.88
N LEU A 33 -25.49 -3.14 -34.85
CA LEU A 33 -26.94 -3.31 -34.85
C LEU A 33 -27.36 -3.80 -36.24
N ILE A 34 -28.17 -4.85 -36.28
CA ILE A 34 -28.56 -5.43 -37.56
C ILE A 34 -30.00 -5.02 -37.89
N THR A 35 -30.98 -5.78 -37.42
CA THR A 35 -32.39 -5.47 -37.64
C THR A 35 -33.26 -6.15 -36.60
N LEU A 39 -44.68 -16.82 -29.47
CA LEU A 39 -43.55 -17.45 -28.79
C LEU A 39 -42.22 -16.82 -29.22
N ARG A 40 -42.19 -15.49 -29.23
CA ARG A 40 -40.99 -14.73 -29.56
C ARG A 40 -41.03 -13.43 -28.77
N VAL A 41 -40.10 -12.51 -29.05
CA VAL A 41 -40.00 -11.27 -28.29
C VAL A 41 -39.13 -10.29 -29.07
N CYS A 42 -39.21 -9.01 -28.69
CA CYS A 42 -38.36 -7.92 -29.17
C CYS A 42 -38.36 -7.84 -30.70
N PRO A 43 -39.33 -7.14 -31.31
CA PRO A 43 -39.33 -6.90 -32.76
C PRO A 43 -38.12 -6.06 -33.19
N THR A 47 -32.00 -3.67 -33.64
CA THR A 47 -31.82 -3.78 -32.20
C THR A 47 -30.37 -4.13 -31.88
N CYS A 48 -29.86 -3.57 -30.78
CA CYS A 48 -28.47 -3.78 -30.37
C CYS A 48 -28.33 -4.95 -29.39
N CYS A 49 -29.28 -5.89 -29.41
CA CYS A 49 -29.22 -7.09 -28.59
C CYS A 49 -28.95 -8.29 -29.50
N SER A 50 -27.92 -9.06 -29.17
CA SER A 50 -27.61 -10.25 -29.94
C SER A 50 -28.62 -11.35 -29.67
N SER A 51 -28.49 -12.45 -30.42
CA SER A 51 -29.44 -13.55 -30.29
C SER A 51 -29.36 -14.20 -28.91
N GLU A 52 -28.15 -14.57 -28.48
CA GLU A 52 -27.99 -15.20 -27.18
C GLU A 52 -28.23 -14.21 -26.03
N THR A 53 -28.04 -12.91 -26.27
CA THR A 53 -28.39 -11.92 -25.26
C THR A 53 -29.89 -11.95 -24.98
N GLU A 54 -30.70 -12.00 -26.04
CA GLU A 54 -32.15 -12.05 -25.87
C GLU A 54 -32.55 -13.25 -25.01
N GLN A 55 -32.17 -14.45 -25.45
CA GLN A 55 -32.50 -15.66 -24.70
C GLN A 55 -31.99 -15.62 -23.26
N ARG A 56 -30.97 -14.81 -22.98
CA ARG A 56 -30.42 -14.69 -21.64
C ARG A 56 -30.89 -13.43 -20.91
N LEU A 57 -31.43 -12.44 -21.63
CA LEU A 57 -31.92 -11.24 -20.98
C LEU A 57 -33.32 -11.44 -20.41
N ILE A 58 -34.15 -12.24 -21.07
CA ILE A 58 -35.48 -12.53 -20.51
C ILE A 58 -35.33 -13.28 -19.20
N ARG A 59 -34.37 -14.20 -19.12
CA ARG A 59 -34.08 -14.87 -17.86
C ARG A 59 -33.61 -13.87 -16.82
N GLU A 60 -32.79 -12.89 -17.23
CA GLU A 60 -32.38 -11.84 -16.31
C GLU A 60 -33.54 -10.92 -15.96
N THR A 61 -34.47 -10.72 -16.90
CA THR A 61 -35.61 -9.84 -16.65
C THR A 61 -36.56 -10.45 -15.63
N GLU A 62 -36.77 -11.77 -15.71
CA GLU A 62 -37.67 -12.43 -14.76
C GLU A 62 -37.16 -12.35 -13.34
N ALA A 63 -35.83 -12.32 -13.15
CA ALA A 63 -35.25 -12.47 -11.82
C ALA A 63 -35.70 -11.36 -10.88
N THR A 64 -35.60 -10.11 -11.32
CA THR A 64 -35.99 -9.00 -10.45
C THR A 64 -37.47 -9.06 -10.11
N PHE A 65 -38.30 -9.46 -11.07
CA PHE A 65 -39.74 -9.57 -10.85
C PHE A 65 -40.05 -10.47 -9.66
N ARG A 66 -39.33 -11.59 -9.56
CA ARG A 66 -39.47 -12.45 -8.39
C ARG A 66 -38.93 -11.77 -7.14
N GLY A 67 -37.68 -11.28 -7.21
CA GLY A 67 -37.08 -10.65 -6.06
C GLY A 67 -37.79 -9.39 -5.61
N LEU A 68 -38.39 -8.67 -6.55
CA LEU A 68 -39.12 -7.45 -6.19
C LEU A 68 -40.41 -7.80 -5.45
N VAL A 69 -41.16 -8.77 -5.97
CA VAL A 69 -42.44 -9.13 -5.35
C VAL A 69 -42.21 -9.77 -3.99
N GLU A 70 -41.24 -10.68 -3.88
CA GLU A 70 -41.01 -11.36 -2.61
C GLU A 70 -40.55 -10.39 -1.54
N ASP A 71 -39.66 -9.45 -1.90
CA ASP A 71 -39.23 -8.44 -0.94
C ASP A 71 -40.35 -7.42 -0.67
N THR A 72 -41.25 -7.23 -1.63
CA THR A 72 -42.35 -6.29 -1.43
C THR A 72 -43.29 -6.78 -0.32
N GLY A 73 -43.66 -8.05 -0.35
CA GLY A 73 -44.52 -8.62 0.67
C GLY A 73 -43.77 -9.48 1.66
N SER A 74 -42.49 -9.16 1.86
CA SER A 74 -41.66 -9.98 2.75
C SER A 74 -42.05 -9.81 4.21
N PHE A 75 -42.62 -8.65 4.57
CA PHE A 75 -42.92 -8.39 5.98
C PHE A 75 -44.14 -9.14 6.47
N LEU A 76 -45.04 -9.55 5.58
CA LEU A 76 -46.13 -10.42 6.01
C LEU A 76 -45.60 -11.78 6.46
N VAL A 77 -44.56 -12.28 5.79
CA VAL A 77 -43.97 -13.55 6.18
C VAL A 77 -43.28 -13.42 7.54
N HIS A 78 -42.65 -12.27 7.79
CA HIS A 78 -41.92 -12.07 9.04
C HIS A 78 -42.85 -11.73 10.19
N THR A 79 -43.92 -10.97 9.92
CA THR A 79 -44.84 -10.59 10.98
C THR A 79 -45.60 -11.80 11.50
N LEU A 80 -46.18 -12.60 10.59
CA LEU A 80 -46.89 -13.80 11.02
C LEU A 80 -45.94 -14.78 11.71
N ALA A 81 -44.67 -14.80 11.31
CA ALA A 81 -43.71 -15.65 12.00
C ALA A 81 -43.37 -15.09 13.37
N ALA A 82 -43.21 -13.76 13.49
CA ALA A 82 -42.89 -13.15 14.77
C ALA A 82 -44.03 -13.30 15.76
N ARG A 83 -45.26 -13.06 15.30
CA ARG A 83 -46.41 -13.22 16.20
C ARG A 83 -46.62 -14.69 16.56
N HIS A 84 -46.32 -15.60 15.64
CA HIS A 84 -46.42 -17.03 15.93
C HIS A 84 -45.45 -17.42 17.05
N ARG A 85 -44.16 -17.06 16.88
CA ARG A 85 -43.16 -17.45 17.87
C ARG A 85 -43.41 -16.78 19.22
N LYS A 86 -44.04 -15.61 19.23
CA LYS A 86 -44.33 -14.92 20.49
C LYS A 86 -45.68 -15.32 21.08
N PHE A 87 -46.62 -15.80 20.25
CA PHE A 87 -47.86 -16.35 20.79
C PHE A 87 -47.67 -17.80 21.24
N ASP A 88 -46.92 -18.60 20.47
CA ASP A 88 -46.67 -19.97 20.86
C ASP A 88 -45.87 -20.04 22.16
N GLU A 89 -44.87 -19.17 22.30
CA GLU A 89 -44.10 -19.10 23.54
C GLU A 89 -44.95 -18.60 24.70
N PHE A 90 -46.00 -17.82 24.41
CA PHE A 90 -46.87 -17.32 25.46
C PHE A 90 -47.69 -18.43 26.09
N PHE A 91 -48.33 -19.27 25.26
CA PHE A 91 -49.19 -20.32 25.79
C PHE A 91 -48.41 -21.34 26.61
N LEU A 92 -47.20 -21.69 26.16
CA LEU A 92 -46.38 -22.65 26.89
C LEU A 92 -46.00 -22.11 28.27
N GLU A 93 -45.72 -20.81 28.37
CA GLU A 93 -45.33 -20.23 29.65
C GLU A 93 -46.50 -20.23 30.63
N MET A 94 -47.68 -19.80 30.18
CA MET A 94 -48.85 -19.74 31.06
C MET A 94 -49.29 -21.13 31.51
N LEU A 95 -48.96 -22.17 30.74
CA LEU A 95 -49.18 -23.53 31.23
C LEU A 95 -48.25 -23.82 32.41
N SER A 96 -46.98 -23.44 32.29
CA SER A 96 -46.03 -23.64 33.37
C SER A 96 -46.26 -22.68 34.53
N VAL A 97 -46.86 -21.51 34.25
CA VAL A 97 -47.15 -20.56 35.31
C VAL A 97 -48.26 -21.10 36.21
N ALA A 98 -49.34 -21.59 35.60
CA ALA A 98 -50.46 -22.11 36.39
C ALA A 98 -50.10 -23.40 37.11
N GLN A 99 -49.19 -24.19 36.54
CA GLN A 99 -48.77 -25.42 37.20
C GLN A 99 -48.13 -25.13 38.55
N HIS A 100 -47.32 -24.07 38.64
CA HIS A 100 -46.68 -23.72 39.89
C HIS A 100 -47.64 -23.02 40.86
N SER A 101 -48.63 -22.29 40.33
CA SER A 101 -49.54 -21.57 41.19
C SER A 101 -50.54 -22.48 41.88
N LEU A 102 -50.95 -23.57 41.21
CA LEU A 102 -51.88 -24.50 41.83
C LEU A 102 -51.26 -25.23 43.00
N THR A 103 -49.94 -25.42 42.98
CA THR A 103 -49.27 -26.11 44.08
C THR A 103 -49.24 -25.25 45.35
N GLN A 104 -49.18 -23.93 45.19
CA GLN A 104 -49.01 -23.05 46.35
C GLN A 104 -50.25 -23.02 47.22
N LEU A 105 -51.44 -22.87 46.61
CA LEU A 105 -52.66 -22.69 47.39
C LEU A 105 -53.05 -23.97 48.12
N PHE A 106 -52.86 -25.13 47.48
CA PHE A 106 -53.27 -26.38 48.09
C PHE A 106 -52.33 -26.84 49.20
N SER A 107 -51.09 -26.36 49.22
CA SER A 107 -50.16 -26.70 50.29
C SER A 107 -50.37 -25.83 51.54
N HIS A 108 -51.00 -24.66 51.39
CA HIS A 108 -51.20 -23.78 52.53
C HIS A 108 -52.29 -24.30 53.45
N SER A 109 -53.44 -24.69 52.88
CA SER A 109 -54.61 -24.98 53.69
C SER A 109 -54.55 -26.36 54.33
N TYR A 110 -54.02 -27.35 53.63
CA TYR A 110 -54.09 -28.74 54.05
C TYR A 110 -52.69 -29.22 54.39
N GLY A 111 -52.43 -29.40 55.68
CA GLY A 111 -51.19 -29.99 56.17
C GLY A 111 -51.29 -31.49 56.40
N ARG A 112 -52.42 -32.10 56.08
CA ARG A 112 -52.54 -33.54 56.28
C ARG A 112 -52.02 -34.32 55.08
N LEU A 113 -52.42 -33.92 53.88
CA LEU A 113 -51.94 -34.56 52.67
C LEU A 113 -51.32 -33.53 51.72
N TYR A 114 -50.97 -33.95 50.51
CA TYR A 114 -50.26 -33.18 49.49
C TYR A 114 -48.84 -32.82 49.92
N ALA A 115 -48.42 -33.18 51.13
CA ALA A 115 -47.07 -32.86 51.58
C ALA A 115 -46.01 -33.53 50.72
N GLN A 116 -46.33 -34.68 50.13
CA GLN A 116 -45.43 -35.37 49.22
C GLN A 116 -46.22 -36.03 48.11
N HIS A 117 -47.23 -35.34 47.59
CA HIS A 117 -48.06 -35.86 46.51
C HIS A 117 -48.34 -34.77 45.48
N ALA A 118 -47.34 -33.92 45.23
CA ALA A 118 -47.43 -32.91 44.18
C ALA A 118 -46.87 -33.40 42.86
N LEU A 119 -46.50 -34.69 42.77
CA LEU A 119 -45.91 -35.26 41.58
C LEU A 119 -46.93 -35.51 40.47
N ILE A 120 -48.22 -35.48 40.78
CA ILE A 120 -49.24 -35.74 39.78
C ILE A 120 -49.46 -34.52 38.89
N PHE A 121 -49.35 -33.32 39.45
CA PHE A 121 -49.58 -32.11 38.66
C PHE A 121 -48.55 -31.97 37.55
N ASN A 122 -47.35 -32.50 37.74
CA ASN A 122 -46.35 -32.47 36.67
C ASN A 122 -46.80 -33.31 35.49
N GLY A 123 -47.23 -34.55 35.74
CA GLY A 123 -47.75 -35.39 34.68
C GLY A 123 -49.08 -34.93 34.12
N LEU A 124 -49.80 -34.08 34.85
CA LEU A 124 -51.07 -33.54 34.36
C LEU A 124 -50.82 -32.58 33.20
N PHE A 125 -50.11 -31.49 33.46
CA PHE A 125 -49.91 -30.47 32.44
C PHE A 125 -49.04 -30.98 31.30
N SER A 126 -48.08 -31.87 31.57
CA SER A 126 -47.20 -32.35 30.52
C SER A 126 -47.99 -33.04 29.41
N ARG A 127 -49.02 -33.81 29.78
CA ARG A 127 -49.90 -34.41 28.78
C ARG A 127 -50.88 -33.39 28.21
N LEU A 128 -51.24 -32.37 29.00
CA LEU A 128 -52.00 -31.26 28.45
C LEU A 128 -51.19 -30.51 27.40
N ARG A 129 -49.92 -30.24 27.70
CA ARG A 129 -49.04 -29.53 26.79
C ARG A 129 -48.71 -30.33 25.53
N ASP A 130 -49.05 -31.62 25.49
CA ASP A 130 -48.91 -32.42 24.28
C ASP A 130 -50.10 -32.28 23.35
N PHE A 131 -51.29 -31.99 23.89
CA PHE A 131 -52.43 -31.69 23.04
C PHE A 131 -52.28 -30.33 22.38
N TYR A 132 -51.69 -29.36 23.09
CA TYR A 132 -51.52 -28.02 22.56
C TYR A 132 -50.53 -28.01 21.40
N GLY A 133 -49.33 -28.54 21.60
CA GLY A 133 -48.32 -28.51 20.56
C GLY A 133 -48.35 -29.67 19.59
N GLU A 134 -49.53 -30.27 19.41
CA GLU A 134 -49.82 -31.43 18.56
C GLU A 134 -48.99 -32.66 18.90
N THR A 135 -48.27 -32.66 20.03
CA THR A 135 -47.45 -33.82 20.37
C THR A 135 -48.29 -35.07 20.57
N GLY A 136 -49.57 -34.90 20.91
CA GLY A 136 -50.52 -35.99 21.03
C GLY A 136 -51.91 -35.46 20.73
N GLU A 137 -52.86 -36.38 20.67
CA GLU A 137 -54.26 -36.04 20.47
C GLU A 137 -55.15 -36.87 21.39
N GLY A 138 -54.71 -37.05 22.64
CA GLY A 138 -55.47 -37.79 23.61
C GLY A 138 -55.65 -37.02 24.91
N LEU A 139 -56.85 -36.46 25.11
CA LEU A 139 -57.13 -35.63 26.27
C LEU A 139 -58.21 -36.21 27.19
N ASP A 140 -59.23 -36.84 26.62
CA ASP A 140 -60.30 -37.39 27.45
C ASP A 140 -59.77 -38.48 28.38
N ASP A 141 -58.88 -39.33 27.87
CA ASP A 141 -58.23 -40.31 28.74
C ASP A 141 -57.14 -39.67 29.60
N THR A 142 -56.55 -38.58 29.11
CA THR A 142 -55.53 -37.88 29.89
C THR A 142 -56.11 -37.36 31.21
N LEU A 143 -57.25 -36.69 31.14
CA LEU A 143 -57.88 -36.17 32.36
C LEU A 143 -58.35 -37.30 33.26
N ALA A 144 -58.88 -38.37 32.67
CA ALA A 144 -59.33 -39.52 33.46
C ALA A 144 -58.18 -40.15 34.23
N ASP A 145 -56.96 -40.07 33.68
CA ASP A 145 -55.79 -40.55 34.41
C ASP A 145 -55.54 -39.68 35.64
N PHE A 146 -55.68 -38.36 35.50
CA PHE A 146 -55.41 -37.45 36.62
C PHE A 146 -56.43 -37.64 37.73
N TRP A 147 -57.73 -37.64 37.39
CA TRP A 147 -58.75 -37.84 38.40
C TRP A 147 -58.59 -39.17 39.12
N ALA A 148 -58.10 -40.20 38.41
CA ALA A 148 -57.87 -41.49 39.04
C ALA A 148 -56.70 -41.43 40.01
N GLN A 149 -55.60 -40.79 39.60
CA GLN A 149 -54.45 -40.66 40.49
C GLN A 149 -54.79 -39.89 41.76
N LEU A 150 -55.71 -38.93 41.66
CA LEU A 150 -56.25 -38.28 42.85
C LEU A 150 -57.28 -39.16 43.55
N LEU A 151 -57.99 -39.99 42.80
CA LEU A 151 -59.02 -40.83 43.39
C LEU A 151 -58.43 -41.91 44.30
N GLU A 152 -57.28 -42.48 43.93
CA GLU A 152 -56.71 -43.60 44.67
C GLU A 152 -55.88 -43.16 45.86
N ARG A 153 -55.94 -41.89 46.23
CA ARG A 153 -55.10 -41.43 47.32
C ARG A 153 -55.87 -40.59 48.33
N VAL A 154 -56.93 -39.92 47.87
CA VAL A 154 -57.78 -39.18 48.79
C VAL A 154 -58.80 -40.08 49.46
N PHE A 155 -59.18 -41.07 48.64
CA PHE A 155 -60.19 -42.05 49.03
C PHE A 155 -59.80 -42.58 50.38
N PRO A 156 -58.47 -43.19 50.75
CA PRO A 156 -58.01 -43.78 52.02
C PRO A 156 -57.84 -42.78 53.15
N LEU A 157 -57.90 -41.48 52.88
CA LEU A 157 -57.75 -40.50 53.96
C LEU A 157 -58.92 -40.56 54.94
N LEU A 158 -60.13 -40.75 54.42
CA LEU A 158 -61.29 -40.98 55.27
C LEU A 158 -61.55 -42.47 55.50
N HIS A 159 -60.66 -43.33 55.02
CA HIS A 159 -60.70 -44.77 55.29
C HIS A 159 -59.34 -45.22 55.78
N PRO A 160 -58.86 -44.67 56.90
CA PRO A 160 -57.47 -44.91 57.28
C PRO A 160 -57.21 -46.29 57.85
N GLN A 161 -58.22 -46.92 58.46
CA GLN A 161 -58.01 -48.24 59.06
C GLN A 161 -57.72 -49.29 57.99
N TYR A 162 -58.34 -49.16 56.83
CA TYR A 162 -58.15 -50.12 55.75
C TYR A 162 -56.89 -49.80 54.94
N SER A 163 -56.25 -50.86 54.46
CA SER A 163 -55.14 -50.75 53.53
C SER A 163 -55.44 -51.60 52.31
N PHE A 164 -54.95 -51.15 51.14
CA PHE A 164 -55.35 -51.74 49.87
C PHE A 164 -54.13 -52.12 49.04
N PRO A 165 -53.92 -53.40 48.75
CA PRO A 165 -53.00 -53.78 47.68
C PRO A 165 -53.74 -53.93 46.37
N PRO A 166 -53.43 -53.10 45.38
CA PRO A 166 -54.22 -53.07 44.14
C PRO A 166 -54.27 -54.41 43.43
N ASP A 167 -55.26 -54.52 42.53
CA ASP A 167 -55.44 -55.74 41.76
C ASP A 167 -54.33 -55.88 40.71
N TYR A 168 -53.92 -57.12 40.45
CA TYR A 168 -52.78 -57.44 39.58
C TYR A 168 -51.62 -56.53 40.00
N LEU A 169 -50.93 -55.90 39.06
CA LEU A 169 -50.03 -54.78 39.35
C LEU A 169 -50.62 -53.46 38.87
N LEU A 170 -51.84 -53.48 38.35
CA LEU A 170 -52.59 -52.28 37.99
C LEU A 170 -54.02 -52.48 38.45
N CYS A 171 -54.51 -51.62 39.35
CA CYS A 171 -55.84 -51.74 39.94
C CYS A 171 -56.90 -52.13 38.91
N LEU A 172 -57.03 -51.33 37.87
CA LEU A 172 -58.02 -51.58 36.83
C LEU A 172 -57.54 -50.90 35.55
N SER A 173 -58.48 -50.40 34.75
CA SER A 173 -58.12 -49.54 33.62
C SER A 173 -57.30 -48.35 34.11
N ARG A 174 -57.84 -47.65 35.12
CA ARG A 174 -57.17 -46.63 35.92
C ARG A 174 -58.05 -46.49 37.17
N LEU A 175 -58.10 -47.55 37.95
CA LEU A 175 -59.02 -47.72 39.09
C LEU A 175 -60.44 -47.49 38.57
N ALA A 176 -61.23 -46.62 39.19
CA ALA A 176 -62.59 -46.37 38.73
C ALA A 176 -62.55 -45.51 37.47
N SER A 177 -62.47 -46.16 36.30
CA SER A 177 -62.43 -45.46 35.03
C SER A 177 -63.77 -44.83 34.66
N SER A 178 -64.79 -44.96 35.51
CA SER A 178 -66.11 -44.36 35.32
C SER A 178 -66.86 -44.93 34.12
N THR A 179 -66.15 -45.65 33.24
CA THR A 179 -66.83 -46.31 32.13
C THR A 179 -67.76 -47.40 32.68
N ASP A 180 -68.78 -47.71 31.90
CA ASP A 180 -69.89 -48.63 32.19
C ASP A 180 -70.87 -48.05 33.21
N GLY A 181 -70.60 -46.86 33.77
CA GLY A 181 -71.63 -46.14 34.50
C GLY A 181 -71.52 -46.17 36.01
N SER A 182 -70.32 -45.95 36.55
CA SER A 182 -70.16 -45.87 37.99
C SER A 182 -70.74 -44.55 38.51
N LEU A 183 -71.42 -44.63 39.66
CA LEU A 183 -71.90 -43.42 40.32
C LEU A 183 -70.68 -42.58 40.68
N GLN A 184 -70.50 -41.49 39.95
CA GLN A 184 -69.20 -40.80 39.91
C GLN A 184 -68.75 -40.38 41.30
N PRO A 185 -67.50 -40.66 41.68
CA PRO A 185 -67.03 -40.20 43.00
C PRO A 185 -67.03 -38.70 43.11
N PHE A 186 -66.40 -38.01 42.16
CA PHE A 186 -66.61 -36.58 42.00
C PHE A 186 -67.71 -36.41 40.97
N GLY A 187 -68.87 -35.95 41.42
CA GLY A 187 -70.08 -36.06 40.63
C GLY A 187 -69.99 -35.53 39.22
N ASP A 188 -70.02 -34.21 39.08
CA ASP A 188 -70.00 -33.57 37.78
C ASP A 188 -68.73 -32.79 37.47
N SER A 189 -67.82 -32.62 38.42
CA SER A 189 -66.61 -31.86 38.15
C SER A 189 -65.76 -32.42 37.00
N PRO A 190 -65.61 -33.75 36.83
CA PRO A 190 -64.83 -34.23 35.69
C PRO A 190 -65.40 -33.81 34.35
N ARG A 191 -66.72 -33.91 34.17
CA ARG A 191 -67.32 -33.50 32.91
C ARG A 191 -67.25 -31.99 32.72
N ARG A 192 -67.54 -31.24 33.78
CA ARG A 192 -67.53 -29.78 33.69
C ARG A 192 -66.12 -29.25 33.40
N LEU A 193 -65.11 -29.77 34.12
CA LEU A 193 -63.75 -29.28 33.88
C LEU A 193 -63.21 -29.74 32.53
N ARG A 194 -63.65 -30.91 32.06
CA ARG A 194 -63.24 -31.35 30.72
C ARG A 194 -63.75 -30.39 29.66
N LEU A 195 -65.01 -29.97 29.77
CA LEU A 195 -65.58 -29.04 28.80
C LEU A 195 -64.84 -27.71 28.82
N GLN A 196 -64.41 -27.26 30.00
CA GLN A 196 -63.71 -25.98 30.10
C GLN A 196 -62.27 -26.10 29.62
N ILE A 197 -61.60 -27.21 29.92
CA ILE A 197 -60.22 -27.39 29.47
C ILE A 197 -60.17 -27.67 27.98
N THR A 198 -61.14 -28.43 27.47
CA THR A 198 -61.13 -28.80 26.05
C THR A 198 -61.29 -27.57 25.16
N ARG A 199 -62.28 -26.72 25.48
CA ARG A 199 -62.49 -25.51 24.69
C ARG A 199 -61.29 -24.58 24.73
N THR A 200 -60.40 -24.73 25.71
CA THR A 200 -59.25 -23.84 25.80
C THR A 200 -58.08 -24.34 24.96
N LEU A 201 -57.72 -25.62 25.11
CA LEU A 201 -56.59 -26.17 24.39
C LEU A 201 -56.81 -26.22 22.89
N VAL A 202 -58.06 -26.40 22.45
CA VAL A 202 -58.32 -26.45 21.01
C VAL A 202 -58.43 -25.05 20.42
N ALA A 203 -58.87 -24.07 21.21
CA ALA A 203 -58.97 -22.71 20.68
C ALA A 203 -57.60 -22.05 20.55
N ALA A 204 -56.73 -22.25 21.55
CA ALA A 204 -55.37 -21.73 21.51
C ALA A 204 -54.50 -22.45 20.51
N ARG A 205 -54.92 -23.62 20.03
CA ARG A 205 -54.17 -24.41 19.07
C ARG A 205 -54.53 -24.07 17.62
N ALA A 206 -55.83 -24.00 17.32
CA ALA A 206 -56.25 -23.60 15.98
C ALA A 206 -55.80 -22.18 15.67
N PHE A 207 -55.58 -21.37 16.70
CA PHE A 207 -55.05 -20.03 16.49
C PHE A 207 -53.57 -20.07 16.12
N VAL A 208 -52.77 -20.83 16.88
CA VAL A 208 -51.34 -20.93 16.58
C VAL A 208 -51.11 -21.57 15.23
N GLN A 209 -51.81 -22.69 14.96
CA GLN A 209 -51.69 -23.33 13.65
C GLN A 209 -52.14 -22.40 12.53
N GLY A 210 -53.21 -21.64 12.77
CA GLY A 210 -53.66 -20.69 11.77
C GLY A 210 -52.59 -19.66 11.44
N LEU A 211 -51.89 -19.18 12.46
CA LEU A 211 -50.74 -18.30 12.22
C LEU A 211 -49.61 -19.06 11.53
N GLU A 212 -49.43 -20.34 11.88
CA GLU A 212 -48.36 -21.12 11.29
C GLU A 212 -48.58 -21.32 9.80
N THR A 213 -49.83 -21.56 9.39
CA THR A 213 -50.12 -21.62 7.96
C THR A 213 -49.87 -20.28 7.30
N GLY A 214 -50.37 -19.20 7.92
CA GLY A 214 -50.23 -17.88 7.33
C GLY A 214 -48.82 -17.54 6.91
N ARG A 215 -47.83 -17.92 7.71
CA ARG A 215 -46.45 -17.78 7.28
C ARG A 215 -46.17 -18.67 6.07
N ASN A 216 -46.47 -19.96 6.20
CA ASN A 216 -46.23 -20.89 5.10
C ASN A 216 -47.01 -20.48 3.85
N VAL A 217 -48.27 -20.07 4.01
CA VAL A 217 -49.09 -19.69 2.86
C VAL A 217 -48.42 -18.57 2.08
N VAL A 218 -48.20 -17.42 2.74
CA VAL A 218 -47.65 -16.26 2.04
C VAL A 218 -46.22 -16.50 1.60
N SER A 219 -45.47 -17.35 2.32
CA SER A 219 -44.09 -17.63 1.92
C SER A 219 -44.04 -18.26 0.53
N GLU A 220 -44.81 -19.33 0.31
CA GLU A 220 -44.82 -19.97 -1.00
C GLU A 220 -45.69 -19.22 -2.00
N ALA A 221 -46.68 -18.47 -1.51
CA ALA A 221 -47.47 -17.65 -2.41
C ALA A 221 -46.65 -16.52 -3.02
N LEU A 222 -45.60 -16.08 -2.32
CA LEU A 222 -44.74 -15.04 -2.84
C LEU A 222 -43.81 -15.54 -3.93
N LYS A 223 -43.57 -16.86 -3.98
CA LYS A 223 -42.82 -17.45 -5.10
C LYS A 223 -43.64 -17.26 -6.38
N VAL A 224 -43.09 -16.46 -7.30
CA VAL A 224 -43.87 -15.83 -8.37
C VAL A 224 -44.01 -16.76 -9.58
N PRO A 225 -45.06 -16.60 -10.41
CA PRO A 225 -45.29 -17.53 -11.53
C PRO A 225 -44.14 -17.53 -12.54
N VAL A 226 -43.98 -18.69 -13.19
CA VAL A 226 -43.07 -18.77 -14.33
C VAL A 226 -43.76 -18.32 -15.61
N SER A 227 -45.08 -18.56 -15.71
CA SER A 227 -45.96 -18.20 -16.82
C SER A 227 -45.24 -17.78 -18.09
N GLU A 228 -44.83 -18.75 -18.91
CA GLU A 228 -44.10 -18.44 -20.14
C GLU A 228 -44.90 -17.52 -21.05
N GLY A 229 -46.23 -17.64 -21.06
CA GLY A 229 -47.05 -16.68 -21.78
C GLY A 229 -46.91 -15.28 -21.23
N CYS A 230 -46.83 -15.15 -19.91
CA CYS A 230 -46.53 -13.85 -19.32
C CYS A 230 -45.05 -13.51 -19.48
N SER A 231 -44.17 -14.50 -19.27
CA SER A 231 -42.73 -14.23 -19.33
C SER A 231 -42.30 -13.82 -20.73
N GLN A 232 -42.67 -14.61 -21.75
CA GLN A 232 -42.48 -14.16 -23.12
C GLN A 232 -43.32 -12.92 -23.36
N ALA A 233 -42.67 -11.88 -23.89
CA ALA A 233 -43.18 -10.52 -24.10
C ALA A 233 -43.28 -9.71 -22.81
N LEU A 234 -42.97 -10.29 -21.65
CA LEU A 234 -42.72 -9.46 -20.48
C LEU A 234 -41.49 -8.59 -20.71
N MET A 235 -40.51 -9.12 -21.45
CA MET A 235 -39.31 -8.42 -21.85
C MET A 235 -39.66 -7.08 -22.51
N ARG A 236 -40.80 -7.03 -23.20
CA ARG A 236 -41.24 -5.79 -23.83
C ARG A 236 -41.41 -4.68 -22.80
N LEU A 237 -41.79 -5.01 -21.57
CA LEU A 237 -42.13 -3.99 -20.59
C LEU A 237 -40.93 -3.10 -20.28
N ILE A 238 -39.87 -3.68 -19.74
CA ILE A 238 -38.74 -2.90 -19.24
C ILE A 238 -37.45 -3.37 -19.90
N GLY A 239 -37.38 -4.65 -20.23
CA GLY A 239 -36.18 -5.22 -20.81
C GLY A 239 -35.88 -4.74 -22.22
N CYS A 240 -36.80 -4.97 -23.16
CA CYS A 240 -36.54 -4.59 -24.55
C CYS A 240 -36.29 -3.10 -24.76
N PRO A 241 -36.80 -2.17 -23.94
CA PRO A 241 -36.30 -0.78 -24.02
C PRO A 241 -34.78 -0.68 -24.01
N LEU A 242 -34.12 -1.46 -23.15
CA LEU A 242 -32.67 -1.45 -23.11
C LEU A 242 -32.05 -1.99 -24.39
N CYS A 243 -32.74 -2.91 -25.07
CA CYS A 243 -32.18 -3.55 -26.26
C CYS A 243 -32.02 -2.55 -27.40
N ARG A 244 -33.11 -1.87 -27.78
CA ARG A 244 -33.09 -0.95 -28.92
C ARG A 244 -32.61 0.44 -28.49
N GLY A 245 -33.49 1.20 -27.83
CA GLY A 245 -33.23 2.59 -27.53
C GLY A 245 -32.41 2.76 -26.26
N VAL A 246 -32.28 4.02 -25.87
CA VAL A 246 -31.53 4.40 -24.67
C VAL A 246 -32.29 3.88 -23.46
N PRO A 247 -31.61 3.54 -22.36
CA PRO A 247 -32.30 3.02 -21.17
C PRO A 247 -32.89 4.08 -20.26
N SER A 248 -32.85 5.36 -20.64
CA SER A 248 -33.32 6.43 -19.77
C SER A 248 -34.83 6.62 -19.83
N LEU A 249 -35.54 5.70 -20.47
CA LEU A 249 -36.99 5.84 -20.67
C LEU A 249 -37.73 4.80 -19.82
N MET A 250 -37.52 4.92 -18.52
CA MET A 250 -38.15 4.04 -17.56
C MET A 250 -39.67 4.02 -17.76
N PRO A 251 -40.28 2.84 -17.84
CA PRO A 251 -41.69 2.77 -18.25
C PRO A 251 -42.60 3.50 -17.27
N CYS A 252 -43.62 4.15 -17.81
CA CYS A 252 -44.59 4.86 -17.00
C CYS A 252 -45.68 3.89 -16.50
N GLN A 253 -46.59 4.46 -15.71
CA GLN A 253 -47.59 3.63 -15.02
C GLN A 253 -48.46 2.86 -16.01
N GLY A 254 -48.98 3.55 -17.03
CA GLY A 254 -49.93 3.00 -17.98
C GLY A 254 -49.63 1.60 -18.47
N PHE A 255 -48.40 1.37 -18.95
CA PHE A 255 -48.03 0.03 -19.38
C PHE A 255 -47.81 -0.90 -18.21
N CYS A 256 -47.11 -0.42 -17.18
CA CYS A 256 -46.64 -1.29 -16.10
C CYS A 256 -47.80 -1.97 -15.38
N LEU A 257 -48.82 -1.20 -14.97
CA LEU A 257 -49.84 -1.73 -14.08
C LEU A 257 -50.63 -2.88 -14.69
N ASN A 258 -50.61 -3.06 -16.01
CA ASN A 258 -51.36 -4.15 -16.61
C ASN A 258 -50.53 -5.42 -16.77
N VAL A 259 -49.21 -5.31 -17.00
CA VAL A 259 -48.40 -6.51 -17.12
C VAL A 259 -48.22 -7.18 -15.76
N VAL A 260 -48.09 -6.37 -14.70
CA VAL A 260 -47.94 -6.96 -13.37
C VAL A 260 -49.28 -7.51 -12.88
N ARG A 261 -50.40 -6.94 -13.35
CA ARG A 261 -51.70 -7.51 -13.00
C ARG A 261 -51.99 -8.75 -13.83
N GLY A 262 -51.69 -8.70 -15.13
CA GLY A 262 -51.94 -9.85 -15.99
C GLY A 262 -51.11 -11.06 -15.61
N CYS A 263 -49.87 -10.84 -15.18
CA CYS A 263 -49.03 -11.93 -14.71
C CYS A 263 -49.44 -12.43 -13.33
N LEU A 264 -50.12 -11.60 -12.54
CA LEU A 264 -50.52 -11.96 -11.19
C LEU A 264 -52.02 -12.06 -11.01
N SER A 265 -52.82 -11.96 -12.08
CA SER A 265 -54.26 -12.08 -11.95
C SER A 265 -54.67 -13.47 -11.47
N SER A 266 -53.78 -14.45 -11.55
CA SER A 266 -54.07 -15.79 -11.04
C SER A 266 -54.19 -15.79 -9.53
N ARG A 267 -53.13 -15.35 -8.83
CA ARG A 267 -53.13 -15.35 -7.38
C ARG A 267 -54.10 -14.32 -6.83
N GLY A 268 -55.39 -14.47 -7.15
CA GLY A 268 -56.41 -13.60 -6.61
C GLY A 268 -56.93 -14.13 -5.29
N LEU A 269 -56.07 -14.13 -4.27
CA LEU A 269 -56.44 -14.64 -2.95
C LEU A 269 -57.39 -13.71 -2.22
N GLU A 270 -57.72 -12.55 -2.79
CA GLU A 270 -58.54 -11.54 -2.11
C GLU A 270 -59.83 -12.09 -1.50
N PRO A 271 -60.63 -12.91 -2.19
CA PRO A 271 -61.84 -13.42 -1.52
C PRO A 271 -61.55 -14.34 -0.34
N ASP A 272 -60.50 -15.15 -0.43
CA ASP A 272 -60.15 -16.07 0.65
C ASP A 272 -59.16 -15.48 1.64
N TRP A 273 -58.48 -14.39 1.28
CA TRP A 273 -57.54 -13.77 2.21
C TRP A 273 -58.23 -12.88 3.22
N GLY A 274 -59.42 -12.36 2.89
CA GLY A 274 -60.12 -11.48 3.82
C GLY A 274 -60.71 -12.23 4.99
N ASN A 275 -61.39 -13.35 4.72
CA ASN A 275 -62.02 -14.11 5.81
C ASN A 275 -60.97 -14.70 6.75
N TYR A 276 -59.75 -14.90 6.26
CA TYR A 276 -58.69 -15.45 7.11
C TYR A 276 -58.38 -14.51 8.27
N LEU A 277 -58.12 -13.24 7.96
CA LEU A 277 -57.83 -12.28 9.02
C LEU A 277 -59.06 -12.00 9.88
N ASP A 278 -60.26 -12.20 9.33
CA ASP A 278 -61.47 -12.12 10.14
C ASP A 278 -61.49 -13.22 11.19
N GLY A 279 -61.28 -14.46 10.77
CA GLY A 279 -61.28 -15.57 11.73
C GLY A 279 -60.15 -15.46 12.74
N LEU A 280 -58.99 -14.96 12.31
CA LEU A 280 -57.89 -14.75 13.23
C LEU A 280 -58.29 -13.79 14.35
N LEU A 281 -58.96 -12.69 13.99
CA LEU A 281 -59.38 -11.74 15.02
C LEU A 281 -60.52 -12.30 15.86
N ILE A 282 -61.49 -12.98 15.22
CA ILE A 282 -62.64 -13.49 15.95
C ILE A 282 -62.20 -14.50 17.00
N LEU A 283 -61.41 -15.49 16.61
CA LEU A 283 -60.91 -16.44 17.59
C LEU A 283 -60.04 -15.75 18.64
N ALA A 284 -59.24 -14.78 18.23
CA ALA A 284 -58.38 -14.08 19.18
C ALA A 284 -59.21 -13.40 20.26
N ASP A 285 -60.33 -12.79 19.88
CA ASP A 285 -61.18 -12.10 20.84
C ASP A 285 -61.76 -13.07 21.86
N LYS A 286 -62.34 -14.18 21.41
CA LYS A 286 -62.84 -15.18 22.34
C LYS A 286 -61.73 -15.76 23.20
N LEU A 287 -60.53 -15.90 22.63
CA LEU A 287 -59.41 -16.43 23.39
C LEU A 287 -58.81 -15.35 24.31
N GLN A 288 -58.66 -14.13 23.81
CA GLN A 288 -58.21 -13.03 24.65
C GLN A 288 -59.19 -12.80 25.81
N GLY A 289 -60.46 -12.60 25.47
CA GLY A 289 -61.49 -12.43 26.48
C GLY A 289 -61.57 -13.65 27.37
N PRO A 290 -61.75 -13.43 28.67
CA PRO A 290 -61.81 -14.56 29.62
C PRO A 290 -62.93 -15.53 29.27
N PHE A 291 -62.93 -16.64 30.00
CA PHE A 291 -63.74 -17.86 29.79
C PHE A 291 -63.00 -18.82 28.87
N SER A 292 -61.95 -18.35 28.18
CA SER A 292 -61.15 -19.22 27.34
C SER A 292 -59.75 -19.49 27.84
N PHE A 293 -59.22 -18.69 28.76
CA PHE A 293 -57.94 -19.03 29.38
C PHE A 293 -57.91 -18.71 30.86
N GLU A 294 -57.69 -17.43 31.20
CA GLU A 294 -57.41 -17.06 32.59
C GLU A 294 -58.48 -17.54 33.55
N LEU A 295 -59.68 -17.85 33.05
CA LEU A 295 -60.69 -18.46 33.91
C LEU A 295 -60.34 -19.92 34.21
N THR A 296 -59.97 -20.70 33.20
CA THR A 296 -59.56 -22.09 33.43
C THR A 296 -58.14 -22.20 33.98
N ALA A 297 -57.45 -21.08 34.21
CA ALA A 297 -56.22 -21.15 34.98
C ALA A 297 -56.50 -21.34 36.46
N GLU A 298 -57.60 -20.75 36.95
CA GLU A 298 -58.04 -20.94 38.32
C GLU A 298 -59.24 -21.86 38.45
N SER A 299 -59.93 -22.16 37.34
CA SER A 299 -61.09 -23.04 37.42
C SER A 299 -60.71 -24.46 37.80
N ILE A 300 -59.47 -24.86 37.52
CA ILE A 300 -59.01 -26.19 37.90
C ILE A 300 -59.00 -26.33 39.42
N GLY A 301 -58.45 -25.34 40.11
CA GLY A 301 -58.38 -25.40 41.56
C GLY A 301 -59.75 -25.30 42.21
N VAL A 302 -60.65 -24.50 41.64
CA VAL A 302 -61.97 -24.33 42.22
C VAL A 302 -62.76 -25.63 42.09
N LYS A 303 -62.77 -26.23 40.90
CA LYS A 303 -63.56 -27.45 40.70
C LYS A 303 -62.95 -28.65 41.41
N ILE A 304 -61.62 -28.67 41.59
CA ILE A 304 -61.01 -29.76 42.34
C ILE A 304 -61.43 -29.71 43.80
N SER A 305 -61.30 -28.55 44.44
CA SER A 305 -61.75 -28.40 45.81
C SER A 305 -63.27 -28.50 45.94
N GLU A 306 -64.01 -28.21 44.86
CA GLU A 306 -65.45 -28.38 44.88
C GLU A 306 -65.83 -29.85 44.72
N GLY A 307 -65.14 -30.57 43.83
CA GLY A 307 -65.41 -31.98 43.67
C GLY A 307 -65.07 -32.81 44.90
N LEU A 308 -64.02 -32.41 45.61
CA LEU A 308 -63.67 -33.11 46.85
C LEU A 308 -64.71 -32.85 47.94
N MET A 309 -65.30 -31.66 47.96
CA MET A 309 -66.35 -31.38 48.94
C MET A 309 -67.58 -32.22 48.67
N TYR A 310 -67.98 -32.35 47.41
CA TYR A 310 -69.03 -33.31 47.05
C TYR A 310 -68.66 -34.69 47.55
N LEU A 311 -67.40 -35.09 47.38
CA LEU A 311 -66.96 -36.39 47.85
C LEU A 311 -67.09 -36.50 49.37
N GLN A 312 -66.65 -35.46 50.09
CA GLN A 312 -66.65 -35.50 51.55
C GLN A 312 -68.01 -35.88 52.12
N GLU A 313 -69.09 -35.34 51.55
CA GLU A 313 -70.44 -35.60 52.04
C GLU A 313 -71.17 -36.65 51.22
N ASN A 314 -70.65 -36.96 50.06
CA ASN A 314 -71.23 -38.08 49.28
C ASN A 314 -70.26 -39.23 49.29
N SER A 315 -69.31 -39.31 50.24
CA SER A 315 -68.47 -40.54 50.29
C SER A 315 -69.24 -41.62 50.99
N ALA A 316 -70.23 -41.26 51.81
CA ALA A 316 -70.96 -42.32 52.51
C ALA A 316 -71.62 -43.21 51.47
N LYS A 317 -72.27 -42.64 50.46
CA LYS A 317 -72.86 -43.50 49.41
C LYS A 317 -71.78 -44.19 48.57
N VAL A 318 -70.76 -43.46 48.12
CA VAL A 318 -69.76 -44.11 47.23
C VAL A 318 -68.88 -45.08 47.99
N SER A 319 -68.38 -44.72 49.17
CA SER A 319 -67.49 -45.69 49.86
C SER A 319 -68.28 -46.94 50.22
N ALA A 320 -69.52 -46.79 50.69
CA ALA A 320 -70.35 -47.97 51.03
C ALA A 320 -70.58 -48.80 49.78
N GLN A 321 -70.78 -48.14 48.64
CA GLN A 321 -71.00 -48.84 47.36
C GLN A 321 -69.65 -49.21 46.71
N VAL A 322 -68.50 -48.89 47.32
CA VAL A 322 -67.20 -49.35 46.74
C VAL A 322 -66.50 -50.32 47.70
N PHE A 323 -67.25 -50.97 48.58
CA PHE A 323 -66.59 -51.95 49.47
C PHE A 323 -65.88 -52.98 48.60
N GLN A 324 -66.49 -53.31 47.45
CA GLN A 324 -66.00 -54.30 46.46
C GLN A 324 -64.71 -53.82 45.81
N GLU A 325 -63.61 -54.59 45.88
CA GLU A 325 -62.33 -54.30 45.23
C GLU A 325 -61.68 -52.99 45.66
N CYS A 326 -60.80 -52.51 44.80
CA CYS A 326 -59.91 -51.39 45.06
C CYS A 326 -60.63 -50.07 44.75
N GLY A 327 -60.51 -49.10 45.65
CA GLY A 327 -61.19 -47.82 45.51
C GLY A 327 -60.26 -46.63 45.68
N THR A 360 -37.59 -18.08 34.39
CA THR A 360 -36.41 -17.24 34.30
C THR A 360 -36.55 -16.26 33.14
N THR A 361 -37.14 -16.71 32.05
CA THR A 361 -37.36 -15.86 30.89
C THR A 361 -38.27 -14.69 31.26
N ALA A 362 -38.23 -13.66 30.42
CA ALA A 362 -39.12 -12.51 30.59
C ALA A 362 -40.57 -12.99 30.63
N ALA A 363 -41.29 -12.55 31.67
CA ALA A 363 -42.65 -13.03 31.92
C ALA A 363 -43.52 -12.86 30.68
N GLY A 364 -44.48 -13.77 30.53
CA GLY A 364 -45.38 -13.75 29.40
C GLY A 364 -46.07 -12.42 29.21
N THR A 365 -45.88 -11.81 28.05
CA THR A 365 -46.52 -10.53 27.75
C THR A 365 -48.03 -10.65 27.90
N ASN A 366 -48.64 -9.65 28.54
CA ASN A 366 -50.06 -9.68 28.82
C ASN A 366 -50.85 -9.90 27.53
N LEU A 367 -51.79 -10.85 27.58
CA LEU A 367 -52.50 -11.24 26.36
C LEU A 367 -53.25 -10.07 25.74
N HIS A 368 -53.76 -9.16 26.57
CA HIS A 368 -54.43 -7.97 26.03
C HIS A 368 -53.46 -7.14 25.20
N ARG A 369 -52.23 -6.94 25.69
CA ARG A 369 -51.24 -6.25 24.90
C ARG A 369 -50.91 -7.04 23.64
N LEU A 370 -50.74 -8.36 23.78
CA LEU A 370 -50.43 -9.21 22.64
C LEU A 370 -51.54 -9.29 21.61
N VAL A 371 -52.75 -8.82 21.94
CA VAL A 371 -53.87 -8.90 21.01
C VAL A 371 -54.00 -7.63 20.17
N TRP A 372 -53.96 -6.45 20.81
CA TRP A 372 -54.00 -5.23 20.01
C TRP A 372 -52.67 -4.99 19.30
N GLU A 373 -51.57 -5.51 19.86
CA GLU A 373 -50.33 -5.57 19.09
C GLU A 373 -50.49 -6.48 17.88
N LEU A 374 -51.21 -7.60 18.06
CA LEU A 374 -51.56 -8.45 16.93
C LEU A 374 -52.54 -7.75 15.98
N ARG A 375 -53.51 -7.02 16.55
CA ARG A 375 -54.52 -6.36 15.73
C ARG A 375 -53.91 -5.30 14.83
N GLU A 376 -52.94 -4.54 15.34
CA GLU A 376 -52.34 -3.48 14.55
C GLU A 376 -51.51 -4.05 13.40
N ARG A 377 -50.74 -5.10 13.68
CA ARG A 377 -49.92 -5.72 12.64
C ARG A 377 -50.78 -6.22 11.48
N LEU A 378 -52.00 -6.68 11.78
CA LEU A 378 -52.86 -7.26 10.77
C LEU A 378 -53.68 -6.23 10.00
N ALA A 379 -53.80 -5.01 10.54
CA ALA A 379 -54.60 -3.98 9.86
C ALA A 379 -53.99 -3.61 8.51
N ARG A 380 -52.66 -3.57 8.43
CA ARG A 380 -51.96 -3.25 7.19
C ARG A 380 -51.82 -4.45 6.25
N MET A 381 -52.59 -5.52 6.48
CA MET A 381 -52.49 -6.72 5.68
C MET A 381 -53.75 -7.04 4.89
N ARG A 382 -54.90 -6.49 5.26
CA ARG A 382 -56.16 -6.89 4.64
C ARG A 382 -56.19 -6.54 3.16
N GLY A 383 -56.03 -5.26 2.83
CA GLY A 383 -56.03 -4.85 1.45
C GLY A 383 -54.65 -4.89 0.82
N PHE A 384 -53.91 -5.96 1.08
CA PHE A 384 -52.51 -6.02 0.63
C PHE A 384 -52.42 -6.40 -0.84
N TRP A 385 -53.17 -7.42 -1.27
CA TRP A 385 -53.04 -7.90 -2.64
C TRP A 385 -53.54 -6.88 -3.66
N ALA A 386 -54.54 -6.07 -3.29
CA ALA A 386 -55.01 -5.03 -4.19
C ALA A 386 -54.00 -3.90 -4.31
N ARG A 387 -53.23 -3.64 -3.25
CA ARG A 387 -52.20 -2.61 -3.25
C ARG A 387 -50.84 -3.14 -3.68
N LEU A 388 -50.78 -4.39 -4.17
CA LEU A 388 -49.49 -4.97 -4.54
C LEU A 388 -48.99 -4.45 -5.88
N SER A 389 -49.91 -4.14 -6.81
CA SER A 389 -49.49 -3.68 -8.13
C SER A 389 -48.89 -2.27 -8.07
N LEU A 390 -49.42 -1.42 -7.18
CA LEU A 390 -48.93 -0.06 -7.07
C LEU A 390 -47.48 -0.03 -6.59
N THR A 391 -47.15 -0.91 -5.64
CA THR A 391 -45.79 -0.92 -5.09
C THR A 391 -44.80 -1.45 -6.12
N VAL A 392 -45.18 -2.48 -6.89
CA VAL A 392 -44.27 -3.04 -7.89
C VAL A 392 -43.97 -2.02 -8.97
N CYS A 393 -44.99 -1.27 -9.42
CA CYS A 393 -44.80 -0.18 -10.36
C CYS A 393 -44.43 1.12 -9.67
N GLY A 394 -44.01 1.07 -8.40
CA GLY A 394 -43.62 2.25 -7.67
C GLY A 394 -42.27 2.10 -6.99
N ASP A 395 -41.32 1.47 -7.68
CA ASP A 395 -39.98 1.27 -7.13
C ASP A 395 -38.92 1.65 -8.17
N SER A 396 -38.55 0.71 -9.03
CA SER A 396 -37.59 0.99 -10.10
C SER A 396 -38.14 2.02 -11.09
N ARG A 397 -39.45 2.20 -11.13
CA ARG A 397 -40.09 3.12 -12.07
C ARG A 397 -40.26 4.48 -11.41
N MET A 398 -39.63 5.51 -11.98
CA MET A 398 -39.68 6.86 -11.42
C MET A 398 -40.96 7.61 -11.74
N ALA A 399 -42.05 6.89 -12.04
CA ALA A 399 -43.31 7.56 -12.36
C ALA A 399 -43.81 8.40 -11.20
N ALA A 400 -43.71 7.87 -9.98
CA ALA A 400 -44.10 8.59 -8.77
C ALA A 400 -45.55 9.06 -8.82
N LEU A 404 -35.37 20.01 -18.22
CA LEU A 404 -35.91 18.83 -17.54
C LEU A 404 -36.50 17.85 -18.54
N GLU A 405 -36.93 16.69 -18.06
CA GLU A 405 -37.29 15.58 -18.93
C GLU A 405 -38.79 15.63 -19.26
N ALA A 406 -39.34 14.52 -19.74
CA ALA A 406 -40.70 14.47 -20.25
C ALA A 406 -41.53 13.44 -19.49
N ALA A 407 -42.81 13.39 -19.84
CA ALA A 407 -43.79 12.51 -19.21
C ALA A 407 -44.04 11.22 -20.00
N PRO A 408 -44.14 11.24 -21.33
CA PRO A 408 -44.34 9.99 -22.07
C PRO A 408 -43.22 8.99 -21.81
N CYS A 409 -43.51 7.72 -22.09
CA CYS A 409 -42.57 6.66 -21.79
C CYS A 409 -42.69 5.57 -22.86
N TRP A 410 -42.03 4.44 -22.61
CA TRP A 410 -41.97 3.36 -23.58
C TRP A 410 -43.29 2.61 -23.63
N THR A 411 -43.67 2.17 -24.82
CA THR A 411 -44.84 1.32 -25.03
C THR A 411 -44.43 0.09 -25.84
N GLY A 412 -45.42 -0.73 -26.20
CA GLY A 412 -45.12 -2.03 -26.80
C GLY A 412 -44.39 -1.93 -28.12
N ALA A 413 -44.74 -0.95 -28.96
CA ALA A 413 -44.16 -0.83 -30.28
C ALA A 413 -43.60 0.55 -30.56
N GLY A 414 -43.31 1.33 -29.53
CA GLY A 414 -42.74 2.65 -29.72
C GLY A 414 -42.93 3.51 -28.49
N ARG A 415 -42.49 4.76 -28.63
CA ARG A 415 -42.60 5.76 -27.58
C ARG A 415 -43.95 6.49 -27.60
N GLY A 416 -44.89 6.01 -28.40
CA GLY A 416 -46.16 6.71 -28.60
C GLY A 416 -46.95 6.88 -27.31
N ARG A 417 -47.95 7.75 -27.38
CA ARG A 417 -48.72 8.08 -26.19
C ARG A 417 -49.60 6.90 -25.78
N TYR A 418 -49.78 6.73 -24.47
CA TYR A 418 -50.58 5.66 -23.91
C TYR A 418 -51.74 6.25 -23.10
N LEU A 419 -52.97 5.77 -23.37
CA LEU A 419 -54.10 6.06 -22.50
C LEU A 419 -55.05 4.86 -22.33
N PRO A 420 -54.55 3.65 -22.05
CA PRO A 420 -55.44 2.48 -22.02
C PRO A 420 -55.96 2.20 -20.62
N PRO A 421 -56.81 1.15 -20.41
CA PRO A 421 -57.33 0.90 -19.05
C PRO A 421 -56.47 -0.05 -18.24
N VAL A 422 -56.59 -0.03 -16.92
CA VAL A 422 -55.55 -0.68 -16.13
C VAL A 422 -55.96 -0.96 -14.68
N VAL A 423 -57.11 -1.60 -14.48
CA VAL A 423 -57.62 -1.91 -13.15
C VAL A 423 -57.89 -3.41 -12.96
N GLY A 424 -58.25 -4.12 -14.04
CA GLY A 424 -58.63 -5.52 -13.98
C GLY A 424 -57.77 -6.43 -13.11
N GLY A 425 -58.40 -7.23 -12.24
CA GLY A 425 -57.66 -8.02 -11.28
C GLY A 425 -58.13 -9.46 -11.08
N SER A 426 -59.14 -9.86 -11.84
CA SER A 426 -59.68 -11.21 -11.77
C SER A 426 -60.02 -11.68 -13.18
N PRO A 427 -60.27 -12.98 -13.41
CA PRO A 427 -60.48 -13.45 -14.79
C PRO A 427 -61.58 -12.72 -15.55
N ALA A 428 -62.73 -12.47 -14.91
CA ALA A 428 -63.76 -11.67 -15.56
C ALA A 428 -63.28 -10.25 -15.81
N GLU A 429 -62.42 -9.73 -14.93
CA GLU A 429 -61.90 -8.38 -15.09
C GLU A 429 -60.69 -8.35 -16.03
N GLN A 430 -59.88 -9.41 -16.01
CA GLN A 430 -58.68 -9.50 -16.82
C GLN A 430 -58.89 -10.32 -18.09
N VAL A 431 -60.14 -10.64 -18.44
CA VAL A 431 -60.40 -11.24 -19.75
C VAL A 431 -60.25 -10.21 -20.85
N ASN A 432 -60.30 -8.93 -20.52
CA ASN A 432 -60.04 -7.83 -21.45
C ASN A 432 -58.59 -7.37 -21.32
N ASN A 433 -57.68 -8.33 -21.23
CA ASN A 433 -56.26 -8.06 -21.03
C ASN A 433 -55.63 -7.53 -22.32
N PRO A 434 -55.13 -6.30 -22.35
CA PRO A 434 -54.57 -5.77 -23.61
C PRO A 434 -53.16 -6.25 -23.87
N GLU A 435 -52.43 -6.63 -22.81
CA GLU A 435 -50.99 -6.86 -22.91
C GLU A 435 -50.56 -8.28 -22.57
N LEU A 436 -51.50 -9.21 -22.37
CA LEU A 436 -51.14 -10.56 -21.97
C LEU A 436 -52.27 -11.52 -22.34
N LYS A 437 -52.08 -12.78 -21.95
CA LYS A 437 -53.07 -13.85 -22.23
C LYS A 437 -53.34 -14.60 -20.92
N VAL A 438 -54.29 -14.11 -20.14
CA VAL A 438 -54.65 -14.74 -18.83
C VAL A 438 -55.45 -16.01 -19.15
N ASP A 439 -55.38 -17.03 -18.28
CA ASP A 439 -56.07 -18.34 -18.44
C ASP A 439 -57.60 -18.18 -18.35
N ALA A 440 -58.35 -19.14 -18.88
CA ALA A 440 -59.83 -19.06 -18.92
C ALA A 440 -60.35 -18.91 -17.49
N SER A 441 -59.83 -19.70 -16.57
CA SER A 441 -60.16 -19.50 -15.15
C SER A 441 -58.88 -18.88 -14.64
N GLY A 442 -58.93 -17.72 -14.01
CA GLY A 442 -57.65 -17.07 -13.67
C GLY A 442 -56.78 -17.90 -12.75
N PRO A 443 -57.31 -18.47 -11.65
CA PRO A 443 -56.46 -19.15 -10.70
C PRO A 443 -55.67 -20.34 -11.27
N ASP A 444 -54.36 -20.36 -11.00
CA ASP A 444 -53.44 -21.41 -11.49
C ASP A 444 -53.59 -22.70 -10.68
N VAL A 445 -53.10 -23.81 -11.24
CA VAL A 445 -53.34 -25.14 -10.60
C VAL A 445 -52.74 -25.22 -9.20
N PRO A 446 -51.47 -24.85 -8.92
CA PRO A 446 -50.97 -24.88 -7.54
C PRO A 446 -51.60 -23.79 -6.66
N THR A 447 -51.80 -22.60 -7.19
CA THR A 447 -52.41 -21.57 -6.32
C THR A 447 -53.82 -21.98 -5.94
N ARG A 448 -54.63 -22.44 -6.91
CA ARG A 448 -56.03 -22.78 -6.60
C ARG A 448 -56.09 -23.83 -5.49
N ARG A 449 -54.96 -24.46 -5.20
CA ARG A 449 -54.87 -25.36 -4.06
C ARG A 449 -54.40 -24.64 -2.80
N ARG A 450 -54.19 -23.33 -2.86
CA ARG A 450 -53.98 -22.53 -1.67
C ARG A 450 -55.26 -21.88 -1.17
N ARG A 451 -56.35 -22.00 -1.91
CA ARG A 451 -57.69 -21.71 -1.43
C ARG A 451 -58.48 -22.97 -1.13
N LEU A 452 -57.78 -24.03 -0.70
CA LEU A 452 -58.41 -25.31 -0.44
C LEU A 452 -58.05 -25.82 0.95
N GLN A 453 -56.76 -25.94 1.25
CA GLN A 453 -56.30 -26.37 2.56
C GLN A 453 -55.78 -25.22 3.41
N LEU A 454 -55.80 -24.01 2.89
CA LEU A 454 -55.29 -22.84 3.61
C LEU A 454 -56.40 -21.86 3.98
N ARG A 455 -57.66 -22.21 3.69
CA ARG A 455 -58.82 -21.53 4.24
C ARG A 455 -59.67 -22.43 5.13
N ALA A 456 -59.37 -23.73 5.19
CA ALA A 456 -60.04 -24.59 6.15
C ALA A 456 -59.68 -24.20 7.57
N ALA A 457 -58.52 -23.56 7.75
CA ALA A 457 -58.14 -23.05 9.08
C ALA A 457 -59.13 -22.00 9.56
N THR A 458 -59.64 -21.17 8.64
CA THR A 458 -60.62 -20.16 9.02
C THR A 458 -61.84 -20.80 9.69
N ALA A 459 -62.44 -21.80 9.03
CA ALA A 459 -63.52 -22.54 9.65
C ALA A 459 -63.03 -23.36 10.84
N ARG A 460 -61.77 -23.79 10.80
CA ARG A 460 -61.20 -24.48 11.94
C ARG A 460 -60.96 -23.53 13.11
N MET A 461 -60.68 -22.26 12.82
CA MET A 461 -60.56 -21.27 13.88
C MET A 461 -61.93 -20.73 14.31
N LYS A 462 -62.87 -20.63 13.37
CA LYS A 462 -64.21 -20.17 13.73
C LYS A 462 -64.94 -21.19 14.60
N THR A 463 -64.94 -22.46 14.16
CA THR A 463 -65.62 -23.50 14.93
C THR A 463 -64.97 -23.65 16.30
N ALA A 464 -63.64 -23.56 16.38
CA ALA A 464 -62.96 -23.65 17.66
C ALA A 464 -63.36 -22.51 18.59
N ALA A 465 -63.65 -21.32 18.02
CA ALA A 465 -64.11 -20.21 18.82
C ALA A 465 -65.49 -20.46 19.42
N LEU A 466 -66.26 -21.40 18.86
CA LEU A 466 -67.56 -21.77 19.42
C LEU A 466 -67.46 -22.86 20.47
N GLY A 467 -66.41 -23.68 20.44
CA GLY A 467 -66.21 -24.78 21.36
C GLY A 467 -66.17 -26.14 20.70
N HIS A 468 -66.83 -26.27 19.55
CA HIS A 468 -66.81 -27.50 18.77
C HIS A 468 -65.57 -27.54 17.88
N ASP A 469 -65.09 -28.74 17.60
CA ASP A 469 -63.83 -28.92 16.90
C ASP A 469 -63.94 -30.12 15.96
N LEU A 470 -62.79 -30.68 15.58
CA LEU A 470 -62.70 -31.77 14.63
C LEU A 470 -63.41 -31.44 13.33
N GLU B 1 -31.08 2.23 -3.65
CA GLU B 1 -32.45 1.79 -3.84
C GLU B 1 -33.32 2.16 -2.63
N VAL B 2 -33.38 1.27 -1.64
CA VAL B 2 -34.10 1.57 -0.41
C VAL B 2 -33.28 2.60 0.37
N GLN B 3 -33.82 3.80 0.51
CA GLN B 3 -33.07 4.93 1.01
C GLN B 3 -33.76 5.56 2.21
N LEU B 4 -32.98 5.89 3.23
CA LEU B 4 -33.45 6.59 4.42
C LEU B 4 -32.49 7.75 4.68
N VAL B 5 -32.88 8.96 4.27
CA VAL B 5 -32.05 10.15 4.37
C VAL B 5 -32.52 10.99 5.55
N GLU B 6 -31.58 11.44 6.37
CA GLU B 6 -31.86 12.23 7.56
C GLU B 6 -31.34 13.65 7.39
N THR B 7 -32.07 14.61 7.95
CA THR B 7 -31.68 16.01 7.88
C THR B 7 -31.96 16.68 9.22
N GLY B 8 -31.36 17.84 9.42
CA GLY B 8 -31.55 18.62 10.63
C GLY B 8 -30.25 19.11 11.21
N GLY B 9 -30.29 20.30 11.80
CA GLY B 9 -29.13 20.85 12.47
C GLY B 9 -28.73 20.03 13.68
N GLY B 10 -27.53 20.31 14.18
CA GLY B 10 -27.02 19.52 15.28
C GLY B 10 -26.18 20.27 16.30
N VAL B 11 -26.12 21.60 16.20
CA VAL B 11 -25.31 22.41 17.11
C VAL B 11 -26.26 23.36 17.83
N VAL B 12 -26.65 22.99 19.05
CA VAL B 12 -27.51 23.82 19.88
C VAL B 12 -27.04 23.72 21.33
N LYS B 13 -27.33 24.76 22.10
CA LYS B 13 -27.01 24.81 23.52
C LYS B 13 -28.07 24.03 24.30
N PRO B 14 -27.79 23.68 25.56
CA PRO B 14 -28.81 23.01 26.38
C PRO B 14 -30.07 23.86 26.50
N GLY B 15 -31.20 23.27 26.11
CA GLY B 15 -32.47 23.94 26.06
C GLY B 15 -32.99 24.19 24.66
N GLY B 16 -32.09 24.19 23.67
CA GLY B 16 -32.53 24.36 22.30
C GLY B 16 -33.35 23.18 21.81
N SER B 17 -34.19 23.43 20.81
CA SER B 17 -35.09 22.42 20.27
C SER B 17 -34.64 22.07 18.86
N LEU B 18 -34.61 20.76 18.57
CA LEU B 18 -34.26 20.26 17.25
C LEU B 18 -35.33 19.31 16.76
N ARG B 19 -35.61 19.35 15.46
CA ARG B 19 -36.46 18.37 14.82
C ARG B 19 -35.73 17.81 13.62
N LEU B 20 -35.83 16.49 13.44
CA LEU B 20 -35.14 15.77 12.39
C LEU B 20 -36.15 15.10 11.48
N SER B 21 -35.85 15.09 10.19
CA SER B 21 -36.70 14.45 9.19
C SER B 21 -35.99 13.26 8.58
N CYS B 22 -36.71 12.15 8.45
CA CYS B 22 -36.19 10.90 7.89
C CYS B 22 -36.98 10.63 6.61
N ALA B 23 -36.61 11.33 5.53
CA ALA B 23 -37.29 11.15 4.26
C ALA B 23 -37.00 9.77 3.69
N ALA B 24 -38.07 9.05 3.31
CA ALA B 24 -37.97 7.68 2.86
C ALA B 24 -38.41 7.55 1.41
N SER B 25 -37.66 6.77 0.64
CA SER B 25 -38.00 6.47 -0.75
C SER B 25 -37.56 5.05 -1.06
N GLY B 26 -38.10 4.51 -2.16
CA GLY B 26 -37.79 3.17 -2.59
C GLY B 26 -38.74 2.10 -2.09
N PHE B 27 -39.66 2.44 -1.21
CA PHE B 27 -40.62 1.47 -0.67
C PHE B 27 -41.81 2.22 -0.11
N THR B 28 -42.92 1.50 0.04
CA THR B 28 -44.13 2.08 0.62
C THR B 28 -43.91 2.30 2.11
N PHE B 29 -43.91 3.57 2.52
CA PHE B 29 -43.64 3.93 3.91
C PHE B 29 -44.74 3.48 4.85
N SER B 30 -45.94 3.23 4.35
CA SER B 30 -47.10 2.98 5.20
C SER B 30 -47.16 1.56 5.74
N ASP B 31 -46.34 0.64 5.23
CA ASP B 31 -46.45 -0.75 5.63
C ASP B 31 -45.60 -1.09 6.86
N TYR B 32 -44.43 -0.46 6.99
CA TYR B 32 -43.42 -0.90 7.94
C TYR B 32 -43.45 -0.06 9.22
N TYR B 33 -42.93 -0.65 10.30
CA TYR B 33 -42.73 0.06 11.55
C TYR B 33 -41.40 0.82 11.48
N MET B 34 -41.43 2.08 11.90
CA MET B 34 -40.23 2.91 11.93
C MET B 34 -39.74 3.10 13.36
N SER B 35 -38.51 3.57 13.48
CA SER B 35 -37.88 3.72 14.78
C SER B 35 -36.72 4.69 14.68
N TRP B 36 -36.26 5.15 15.84
CA TRP B 36 -35.08 5.99 15.96
C TRP B 36 -34.08 5.32 16.89
N ILE B 37 -32.83 5.22 16.44
CA ILE B 37 -31.75 4.66 17.24
C ILE B 37 -30.57 5.62 17.14
N ARG B 38 -29.99 5.98 18.28
CA ARG B 38 -28.89 6.93 18.32
C ARG B 38 -27.58 6.24 18.70
N GLN B 39 -26.48 6.76 18.16
CA GLN B 39 -25.14 6.27 18.45
C GLN B 39 -24.34 7.43 19.01
N ALA B 40 -23.99 7.34 20.29
CA ALA B 40 -23.17 8.35 20.94
C ALA B 40 -21.72 8.25 20.44
N PRO B 41 -20.86 9.19 20.81
CA PRO B 41 -19.42 8.99 20.56
C PRO B 41 -18.89 7.70 21.16
N GLY B 42 -19.59 7.12 22.14
CA GLY B 42 -19.23 5.82 22.66
C GLY B 42 -19.53 4.71 21.64
N LYS B 43 -19.31 3.48 22.10
CA LYS B 43 -19.42 2.34 21.20
C LYS B 43 -20.85 1.87 21.02
N GLY B 44 -21.63 1.85 22.10
CA GLY B 44 -22.94 1.23 22.04
C GLY B 44 -23.96 2.05 21.28
N LEU B 45 -24.99 1.35 20.81
CA LEU B 45 -26.14 1.96 20.16
C LEU B 45 -27.30 2.01 21.15
N GLU B 46 -27.92 3.18 21.29
CA GLU B 46 -29.01 3.39 22.23
C GLU B 46 -30.31 3.58 21.50
N TRP B 47 -31.35 2.86 21.93
CA TRP B 47 -32.69 2.97 21.35
C TRP B 47 -33.48 4.03 22.10
N VAL B 48 -34.19 4.88 21.35
CA VAL B 48 -34.90 6.00 21.93
C VAL B 48 -36.42 5.93 21.68
N SER B 49 -36.83 5.54 20.47
CA SER B 49 -38.25 5.55 20.14
C SER B 49 -38.50 4.62 18.96
N TYR B 50 -39.78 4.48 18.62
CA TYR B 50 -40.30 3.59 17.59
C TYR B 50 -41.79 3.87 17.47
N ILE B 51 -42.32 3.74 16.25
CA ILE B 51 -43.72 4.09 16.00
C ILE B 51 -44.32 3.07 15.03
N SER B 52 -45.60 2.76 15.23
CA SER B 52 -46.31 1.81 14.39
C SER B 52 -46.47 2.36 12.97
N SER B 53 -46.82 1.47 12.05
CA SER B 53 -47.05 1.87 10.67
C SER B 53 -48.24 2.81 10.57
N SER B 54 -49.34 2.51 11.25
CA SER B 54 -50.49 3.40 11.25
C SER B 54 -50.27 4.58 12.19
N GLY B 55 -49.34 4.49 13.13
CA GLY B 55 -49.13 5.53 14.11
C GLY B 55 -49.98 5.39 15.36
N SER B 56 -50.56 4.21 15.60
CA SER B 56 -51.45 4.05 16.73
C SER B 56 -50.71 3.76 18.03
N THR B 57 -49.53 3.15 17.95
CA THR B 57 -48.73 2.81 19.12
C THR B 57 -47.40 3.55 19.07
N ILE B 58 -47.06 4.24 20.16
CA ILE B 58 -45.84 5.03 20.26
C ILE B 58 -45.10 4.60 21.52
N TYR B 59 -43.81 4.33 21.38
CA TYR B 59 -42.97 3.92 22.49
C TYR B 59 -41.76 4.84 22.59
N TYR B 60 -41.41 5.22 23.82
CA TYR B 60 -40.24 6.03 24.10
C TYR B 60 -39.37 5.32 25.12
N ALA B 61 -38.06 5.56 25.03
CA ALA B 61 -37.15 5.00 26.01
C ALA B 61 -37.34 5.67 27.37
N ASP B 62 -36.80 5.03 28.40
CA ASP B 62 -36.95 5.55 29.75
C ASP B 62 -36.22 6.88 29.93
N SER B 63 -35.17 7.12 29.17
CA SER B 63 -34.39 8.34 29.28
C SER B 63 -34.92 9.48 28.43
N VAL B 64 -36.01 9.26 27.69
CA VAL B 64 -36.55 10.27 26.79
C VAL B 64 -38.08 10.31 26.92
N LYS B 65 -38.58 10.08 28.14
CA LYS B 65 -40.02 9.88 28.30
C LYS B 65 -40.79 11.19 28.25
N GLY B 66 -40.22 12.27 28.79
CA GLY B 66 -40.96 13.51 28.94
C GLY B 66 -40.73 14.55 27.87
N ARG B 67 -39.46 14.80 27.52
CA ARG B 67 -39.11 15.88 26.60
C ARG B 67 -39.02 15.43 25.15
N PHE B 68 -39.25 14.15 24.86
CA PHE B 68 -39.14 13.63 23.50
C PHE B 68 -40.51 13.30 22.94
N THR B 69 -40.68 13.54 21.64
CA THR B 69 -41.94 13.25 20.96
C THR B 69 -41.63 12.86 19.52
N ILE B 70 -42.24 11.78 19.05
CA ILE B 70 -42.05 11.29 17.69
C ILE B 70 -43.36 11.39 16.94
N SER B 71 -43.25 11.69 15.64
CA SER B 71 -44.44 11.76 14.79
C SER B 71 -44.24 10.97 13.50
N ARG B 72 -45.17 11.10 12.55
CA ARG B 72 -45.14 10.31 11.33
C ARG B 72 -46.00 10.99 10.28
N ASP B 73 -45.68 10.71 9.02
CA ASP B 73 -46.39 11.31 7.88
C ASP B 73 -46.33 10.32 6.72
N ASN B 74 -47.32 9.43 6.66
CA ASN B 74 -47.35 8.40 5.62
C ASN B 74 -47.67 8.95 4.24
N SER B 75 -48.15 10.18 4.14
CA SER B 75 -48.38 10.80 2.83
C SER B 75 -47.07 11.33 2.25
N LYS B 76 -46.39 12.21 2.99
CA LYS B 76 -45.10 12.71 2.56
C LYS B 76 -43.99 11.68 2.66
N ASN B 77 -44.25 10.54 3.32
CA ASN B 77 -43.25 9.49 3.53
C ASN B 77 -42.03 10.06 4.26
N THR B 78 -42.27 10.55 5.47
CA THR B 78 -41.23 11.18 6.27
C THR B 78 -41.45 10.87 7.74
N LEU B 79 -40.37 10.51 8.43
CA LEU B 79 -40.40 10.23 9.87
C LEU B 79 -39.73 11.38 10.60
N TYR B 80 -40.36 11.86 11.66
CA TYR B 80 -39.86 13.00 12.42
C TYR B 80 -39.46 12.57 13.83
N LEU B 81 -38.85 13.52 14.54
CA LEU B 81 -38.53 13.35 15.96
C LEU B 81 -38.38 14.72 16.59
N GLN B 82 -39.15 14.99 17.63
CA GLN B 82 -39.11 16.26 18.32
C GLN B 82 -38.15 16.16 19.50
N MET B 83 -37.05 16.91 19.44
CA MET B 83 -36.07 16.96 20.52
C MET B 83 -36.19 18.30 21.23
N ASN B 84 -36.68 18.27 22.46
CA ASN B 84 -36.92 19.47 23.25
C ASN B 84 -36.15 19.42 24.56
N SER B 85 -35.58 20.55 24.95
CA SER B 85 -34.93 20.72 26.26
C SER B 85 -33.94 19.59 26.53
N LEU B 86 -33.15 19.27 25.50
CA LEU B 86 -32.17 18.19 25.60
C LEU B 86 -31.07 18.55 26.59
N ARG B 87 -30.71 17.57 27.41
CA ARG B 87 -29.53 17.70 28.26
C ARG B 87 -28.28 17.33 27.47
N ALA B 88 -27.12 17.55 28.10
CA ALA B 88 -25.85 17.24 27.44
C ALA B 88 -25.69 15.77 27.13
N GLU B 89 -26.42 14.90 27.83
CA GLU B 89 -26.30 13.46 27.60
C GLU B 89 -26.91 13.03 26.27
N ASP B 90 -27.82 13.83 25.71
CA ASP B 90 -28.46 13.48 24.44
C ASP B 90 -27.53 13.58 23.25
N THR B 91 -26.31 14.10 23.44
CA THR B 91 -25.36 14.26 22.35
C THR B 91 -25.02 12.90 21.75
N ALA B 92 -25.41 12.68 20.49
CA ALA B 92 -25.21 11.41 19.82
C ALA B 92 -25.47 11.59 18.33
N VAL B 93 -25.23 10.52 17.58
CA VAL B 93 -25.56 10.45 16.16
C VAL B 93 -26.86 9.65 16.04
N TYR B 94 -27.90 10.29 15.51
CA TYR B 94 -29.25 9.73 15.53
C TYR B 94 -29.58 9.12 14.17
N TYR B 95 -29.90 7.82 14.19
CA TYR B 95 -30.30 7.09 12.99
C TYR B 95 -31.81 6.83 13.02
N CYS B 96 -32.39 6.70 11.82
CA CYS B 96 -33.74 6.19 11.66
C CYS B 96 -33.69 4.87 10.90
N ALA B 97 -34.49 3.90 11.34
CA ALA B 97 -34.46 2.56 10.79
C ALA B 97 -35.88 2.08 10.52
N ARG B 98 -35.96 0.99 9.77
CA ARG B 98 -37.23 0.36 9.39
C ARG B 98 -37.28 -1.05 9.94
N GLU B 99 -38.42 -1.44 10.50
CA GLU B 99 -38.60 -2.79 10.99
C GLU B 99 -39.05 -3.69 9.84
N SER B 100 -38.30 -4.76 9.60
CA SER B 100 -38.59 -5.65 8.48
C SER B 100 -39.87 -6.45 8.68
N GLY B 101 -40.48 -6.40 9.85
CA GLY B 101 -41.66 -7.21 10.14
C GLY B 101 -41.49 -7.98 11.42
N TYR B 102 -40.36 -8.69 11.54
CA TYR B 102 -40.01 -9.35 12.78
C TYR B 102 -39.77 -8.32 13.87
N ASP B 103 -40.20 -8.63 15.09
CA ASP B 103 -40.18 -7.67 16.19
C ASP B 103 -38.77 -7.14 16.46
N TYR B 104 -38.57 -5.84 16.23
CA TYR B 104 -37.38 -5.11 16.65
C TYR B 104 -36.12 -5.55 15.90
N VAL B 105 -36.24 -5.80 14.60
CA VAL B 105 -35.09 -5.95 13.72
C VAL B 105 -35.10 -4.80 12.73
N PHE B 106 -33.93 -4.24 12.47
CA PHE B 106 -33.76 -3.06 11.63
C PHE B 106 -32.81 -3.41 10.50
N ASP B 107 -33.38 -3.70 9.32
CA ASP B 107 -32.60 -4.12 8.16
C ASP B 107 -32.03 -2.95 7.37
N TYR B 108 -32.72 -1.82 7.32
CA TYR B 108 -32.28 -0.65 6.57
C TYR B 108 -32.13 0.53 7.53
N TRP B 109 -30.91 1.06 7.61
CA TRP B 109 -30.59 2.19 8.47
C TRP B 109 -30.31 3.44 7.64
N GLY B 110 -30.36 4.58 8.31
CA GLY B 110 -30.09 5.85 7.65
C GLY B 110 -28.62 6.21 7.64
N GLN B 111 -28.27 7.18 6.78
CA GLN B 111 -26.88 7.59 6.67
C GLN B 111 -26.35 8.18 7.98
N GLY B 112 -27.22 8.82 8.75
CA GLY B 112 -26.83 9.39 10.03
C GLY B 112 -26.55 10.88 9.99
N THR B 113 -27.09 11.61 10.96
CA THR B 113 -26.76 13.02 11.17
C THR B 113 -26.70 13.26 12.67
N LEU B 114 -25.67 13.98 13.12
CA LEU B 114 -25.33 14.02 14.53
C LEU B 114 -25.87 15.28 15.19
N VAL B 115 -26.23 15.16 16.46
CA VAL B 115 -26.74 16.26 17.27
C VAL B 115 -25.76 16.48 18.42
N ALA B 116 -25.37 17.74 18.62
CA ALA B 116 -24.40 18.08 19.66
C ALA B 116 -24.98 19.15 20.56
N VAL B 117 -24.80 18.98 21.87
CA VAL B 117 -25.23 19.94 22.87
C VAL B 117 -24.00 20.46 23.59
N SER B 118 -23.78 21.76 23.52
CA SER B 118 -22.62 22.37 24.17
C SER B 118 -22.92 23.84 24.43
N SER B 119 -22.30 24.37 25.48
CA SER B 119 -22.47 25.77 25.85
C SER B 119 -21.42 26.67 25.22
N ALA B 120 -20.48 26.12 24.46
CA ALA B 120 -19.45 26.92 23.82
C ALA B 120 -19.99 27.59 22.55
N SER B 121 -19.20 28.50 22.00
CA SER B 121 -19.56 29.24 20.80
C SER B 121 -18.54 28.94 19.70
N THR B 122 -18.87 29.39 18.48
CA THR B 122 -18.00 29.15 17.34
C THR B 122 -16.68 29.89 17.52
N LYS B 123 -15.58 29.14 17.45
CA LYS B 123 -14.25 29.70 17.66
C LYS B 123 -13.27 29.02 16.71
N GLY B 124 -12.36 29.82 16.14
CA GLY B 124 -11.36 29.31 15.25
C GLY B 124 -10.20 28.66 15.99
N PRO B 125 -9.42 27.84 15.29
CA PRO B 125 -8.32 27.12 15.94
C PRO B 125 -7.01 27.88 15.89
N SER B 126 -6.16 27.61 16.88
CA SER B 126 -4.82 28.15 16.94
C SER B 126 -3.83 27.09 16.45
N VAL B 127 -3.02 27.45 15.46
CA VAL B 127 -2.08 26.53 14.84
C VAL B 127 -0.69 26.76 15.44
N PHE B 128 -0.07 25.69 15.91
CA PHE B 128 1.25 25.74 16.53
C PHE B 128 2.12 24.62 15.97
N PRO B 129 3.44 24.80 15.96
CA PRO B 129 4.32 23.80 15.36
C PRO B 129 4.87 22.80 16.37
N LEU B 130 5.21 21.62 15.85
CA LEU B 130 5.93 20.59 16.58
C LEU B 130 7.24 20.37 15.84
N ALA B 131 8.23 21.20 16.14
CA ALA B 131 9.48 21.19 15.39
C ALA B 131 10.17 19.84 15.55
N PRO B 132 10.85 19.36 14.51
CA PRO B 132 11.54 18.07 14.62
C PRO B 132 12.69 18.15 15.61
N SER B 133 12.90 17.05 16.32
CA SER B 133 13.94 16.96 17.35
C SER B 133 15.12 16.17 16.78
N SER B 134 16.24 16.86 16.57
CA SER B 134 17.46 16.22 16.08
C SER B 134 18.68 17.06 16.40
N THR B 137 24.98 12.70 12.98
CA THR B 137 24.90 12.93 11.54
C THR B 137 23.45 12.93 11.07
N SER B 138 22.89 11.74 10.89
CA SER B 138 21.51 11.57 10.43
C SER B 138 20.81 10.60 11.37
N GLY B 139 20.08 11.14 12.35
CA GLY B 139 19.40 10.32 13.33
C GLY B 139 18.12 9.69 12.82
N GLY B 140 18.24 8.58 12.09
CA GLY B 140 17.06 7.90 11.58
C GLY B 140 16.29 8.78 10.62
N THR B 141 14.99 8.88 10.84
CA THR B 141 14.11 9.76 10.08
C THR B 141 13.28 10.57 11.07
N ALA B 142 13.63 11.84 11.24
CA ALA B 142 12.95 12.69 12.21
C ALA B 142 11.50 12.93 11.81
N ALA B 143 10.70 13.31 12.79
CA ALA B 143 9.28 13.56 12.58
C ALA B 143 8.91 14.94 13.12
N LEU B 144 8.06 15.64 12.38
CA LEU B 144 7.54 16.94 12.76
C LEU B 144 6.02 16.87 12.89
N GLY B 145 5.41 17.95 13.35
CA GLY B 145 3.99 17.95 13.60
C GLY B 145 3.38 19.32 13.43
N CYS B 146 2.07 19.39 13.70
CA CYS B 146 1.28 20.60 13.51
C CYS B 146 0.15 20.57 14.54
N LEU B 147 0.17 21.51 15.47
CA LEU B 147 -0.79 21.52 16.58
C LEU B 147 -1.98 22.41 16.26
N VAL B 148 -3.18 21.89 16.48
CA VAL B 148 -4.42 22.63 16.34
C VAL B 148 -5.13 22.60 17.69
N LYS B 149 -5.43 23.77 18.24
CA LYS B 149 -5.93 23.86 19.61
C LYS B 149 -7.08 24.85 19.70
N ASP B 150 -8.05 24.51 20.55
CA ASP B 150 -9.13 25.41 20.94
C ASP B 150 -9.98 25.87 19.77
N TYR B 151 -10.90 25.01 19.33
CA TYR B 151 -11.83 25.37 18.26
C TYR B 151 -13.17 24.69 18.52
N PHE B 152 -14.18 25.10 17.75
CA PHE B 152 -15.53 24.58 17.86
C PHE B 152 -16.32 25.04 16.64
N PRO B 153 -17.15 24.17 16.03
CA PRO B 153 -17.42 22.78 16.38
C PRO B 153 -16.39 21.76 15.90
N GLU B 154 -16.88 20.67 15.29
CA GLU B 154 -16.08 19.48 15.05
C GLU B 154 -15.21 19.54 13.79
N PRO B 155 -15.77 19.72 12.59
CA PRO B 155 -14.99 19.45 11.37
C PRO B 155 -13.89 20.48 11.16
N VAL B 156 -12.65 20.00 11.09
CA VAL B 156 -11.50 20.81 10.71
C VAL B 156 -10.51 19.89 9.98
N THR B 157 -10.03 20.35 8.83
CA THR B 157 -9.21 19.52 7.95
C THR B 157 -7.78 20.06 7.90
N VAL B 158 -6.82 19.18 8.18
CA VAL B 158 -5.40 19.52 8.12
C VAL B 158 -4.81 18.90 6.86
N SER B 159 -4.00 19.68 6.15
CA SER B 159 -3.36 19.22 4.93
C SER B 159 -1.92 19.73 4.90
N TRP B 160 -1.11 19.11 4.05
CA TRP B 160 0.31 19.44 3.93
C TRP B 160 0.64 19.65 2.47
N ASN B 161 1.11 20.86 2.14
CA ASN B 161 1.62 21.18 0.80
C ASN B 161 0.53 21.11 -0.25
N SER B 162 -0.70 21.47 0.15
CA SER B 162 -1.84 21.60 -0.78
C SER B 162 -2.09 20.29 -1.54
N GLY B 163 -2.05 19.17 -0.81
CA GLY B 163 -2.29 17.88 -1.42
C GLY B 163 -1.12 17.29 -2.18
N ALA B 164 0.05 17.94 -2.15
CA ALA B 164 1.21 17.38 -2.83
C ALA B 164 1.85 16.26 -2.02
N LEU B 165 2.05 16.49 -0.72
CA LEU B 165 2.63 15.49 0.18
C LEU B 165 1.52 14.92 1.04
N THR B 166 1.31 13.60 0.94
CA THR B 166 0.31 12.92 1.75
C THR B 166 0.80 11.60 2.35
N SER B 167 1.96 11.08 1.94
CA SER B 167 2.45 9.82 2.47
C SER B 167 2.99 9.99 3.89
N GLY B 168 2.78 8.96 4.71
CA GLY B 168 3.31 8.94 6.05
C GLY B 168 2.74 10.00 6.98
N VAL B 169 1.64 10.63 6.56
CA VAL B 169 1.01 11.68 7.35
C VAL B 169 -0.09 11.06 8.21
N HIS B 170 -0.04 11.33 9.51
CA HIS B 170 -1.01 10.82 10.47
C HIS B 170 -1.80 12.00 11.05
N THR B 171 -3.10 12.01 10.80
CA THR B 171 -4.00 13.03 11.33
C THR B 171 -4.86 12.37 12.41
N PHE B 172 -4.61 12.73 13.66
CA PHE B 172 -5.26 12.12 14.81
C PHE B 172 -6.69 12.64 14.97
N PRO B 173 -7.59 11.84 15.53
CA PRO B 173 -8.92 12.33 15.85
C PRO B 173 -8.89 13.38 16.95
N ALA B 174 -9.82 14.33 16.87
CA ALA B 174 -9.89 15.39 17.86
C ALA B 174 -10.35 14.84 19.21
N VAL B 175 -9.95 15.54 20.27
CA VAL B 175 -10.30 15.16 21.63
C VAL B 175 -10.96 16.35 22.32
N LEU B 176 -12.10 16.10 22.96
CA LEU B 176 -12.81 17.15 23.70
C LEU B 176 -12.16 17.34 25.06
N GLN B 177 -11.62 18.53 25.30
CA GLN B 177 -10.90 18.82 26.53
C GLN B 177 -11.83 19.45 27.56
N SER B 178 -11.26 19.89 28.68
CA SER B 178 -12.08 20.37 29.79
C SER B 178 -12.79 21.67 29.44
N SER B 179 -12.15 22.55 28.67
CA SER B 179 -12.77 23.81 28.31
C SER B 179 -13.95 23.64 27.37
N GLY B 180 -14.07 22.49 26.72
CA GLY B 180 -15.16 22.22 25.81
C GLY B 180 -14.84 22.44 24.34
N LEU B 181 -13.57 22.63 23.99
CA LEU B 181 -13.16 22.87 22.61
C LEU B 181 -12.27 21.73 22.14
N TYR B 182 -12.50 21.28 20.91
CA TYR B 182 -11.73 20.17 20.36
C TYR B 182 -10.30 20.61 20.07
N SER B 183 -9.43 19.62 19.87
CA SER B 183 -8.02 19.87 19.60
C SER B 183 -7.42 18.60 19.00
N LEU B 184 -6.56 18.78 17.99
CA LEU B 184 -5.93 17.65 17.32
C LEU B 184 -4.56 18.04 16.85
N SER B 185 -3.82 17.06 16.33
CA SER B 185 -2.48 17.26 15.78
C SER B 185 -2.29 16.33 14.60
N SER B 186 -1.41 16.74 13.68
CA SER B 186 -1.08 15.94 12.51
C SER B 186 0.44 15.93 12.34
N VAL B 187 1.03 14.74 12.37
CA VAL B 187 2.46 14.59 12.29
C VAL B 187 2.85 14.02 10.93
N VAL B 188 4.09 14.26 10.53
CA VAL B 188 4.64 13.80 9.26
C VAL B 188 6.04 13.25 9.52
N THR B 189 6.31 12.07 8.96
CA THR B 189 7.63 11.46 9.05
C THR B 189 8.42 11.75 7.78
N VAL B 190 9.61 12.32 7.94
CA VAL B 190 10.43 12.73 6.81
C VAL B 190 11.89 12.36 7.10
N PRO B 191 12.71 12.29 6.06
CA PRO B 191 14.15 12.06 6.29
C PRO B 191 14.78 13.20 7.07
N SER B 192 15.86 12.89 7.77
CA SER B 192 16.58 13.89 8.56
C SER B 192 17.41 14.83 7.70
N SER B 193 17.49 14.59 6.39
CA SER B 193 18.25 15.43 5.48
C SER B 193 17.36 16.41 4.71
N SER B 194 16.04 16.33 4.89
CA SER B 194 15.11 17.20 4.19
C SER B 194 14.73 18.43 5.00
N LEU B 195 15.38 18.66 6.14
CA LEU B 195 15.06 19.82 6.96
C LEU B 195 15.55 21.12 6.35
N GLY B 196 16.44 21.06 5.37
CA GLY B 196 16.96 22.27 4.74
C GLY B 196 16.67 22.36 3.26
N THR B 197 16.42 21.21 2.62
CA THR B 197 16.18 21.21 1.19
C THR B 197 14.74 21.59 0.86
N GLN B 198 13.78 20.88 1.45
CA GLN B 198 12.37 21.07 1.14
C GLN B 198 11.66 21.76 2.29
N THR B 199 10.47 22.28 2.00
CA THR B 199 9.68 23.06 2.95
C THR B 199 8.31 22.41 3.14
N TYR B 200 7.83 22.42 4.38
CA TYR B 200 6.53 21.86 4.74
C TYR B 200 5.66 22.95 5.33
N ILE B 201 4.43 23.05 4.83
CA ILE B 201 3.43 23.98 5.36
C ILE B 201 2.15 23.20 5.63
N CYS B 202 1.68 23.24 6.88
CA CYS B 202 0.43 22.59 7.26
C CYS B 202 -0.65 23.66 7.33
N ASN B 203 -1.43 23.77 6.26
CA ASN B 203 -2.53 24.73 6.20
C ASN B 203 -3.78 24.09 6.81
N VAL B 204 -4.31 24.73 7.85
CA VAL B 204 -5.45 24.20 8.61
C VAL B 204 -6.65 25.10 8.34
N ASN B 205 -7.78 24.49 8.00
CA ASN B 205 -9.00 25.20 7.64
C ASN B 205 -10.12 24.74 8.55
N HIS B 206 -10.76 25.71 9.24
CA HIS B 206 -11.94 25.45 10.05
C HIS B 206 -13.13 26.05 9.33
N LYS B 207 -13.99 25.18 8.78
CA LYS B 207 -15.12 25.64 7.98
C LYS B 207 -16.09 26.53 8.74
N PRO B 208 -16.61 26.15 9.93
CA PRO B 208 -17.65 26.96 10.56
C PRO B 208 -17.17 28.32 11.06
N SER B 209 -15.88 28.60 11.04
CA SER B 209 -15.35 29.88 11.48
C SER B 209 -14.60 30.64 10.40
N ASN B 210 -14.48 30.08 9.19
CA ASN B 210 -13.81 30.74 8.07
C ASN B 210 -12.38 31.12 8.41
N THR B 211 -11.66 30.20 9.07
CA THR B 211 -10.33 30.48 9.59
C THR B 211 -9.31 29.60 8.87
N LYS B 212 -9.01 29.97 7.63
CA LYS B 212 -7.95 29.32 6.88
C LYS B 212 -6.60 29.86 7.33
N VAL B 213 -5.78 29.00 7.94
CA VAL B 213 -4.50 29.39 8.50
C VAL B 213 -3.41 28.55 7.85
N ASP B 214 -2.44 29.22 7.24
CA ASP B 214 -1.25 28.58 6.68
C ASP B 214 -0.07 28.82 7.61
N LYS B 215 0.63 27.75 7.98
CA LYS B 215 1.73 27.85 8.92
C LYS B 215 2.90 27.02 8.44
N LYS B 216 4.11 27.45 8.82
CA LYS B 216 5.36 26.81 8.42
C LYS B 216 6.04 26.23 9.64
N VAL B 217 6.63 25.05 9.48
CA VAL B 217 7.37 24.37 10.54
C VAL B 217 8.84 24.39 10.14
N GLU B 218 9.60 25.36 10.69
CA GLU B 218 11.02 25.50 10.38
C GLU B 218 11.86 24.92 11.50
N PRO B 219 12.84 24.06 11.19
CA PRO B 219 13.58 23.35 12.22
C PRO B 219 14.75 24.14 12.78
N LYS B 220 15.12 23.79 14.02
CA LYS B 220 16.30 24.36 14.66
C LYS B 220 17.17 23.25 15.25
N UNK C 6 14.07 -23.41 28.68
CA UNK C 6 15.02 -23.97 29.67
C UNK C 6 15.38 -25.37 29.24
N SER C 7 15.80 -25.54 27.99
CA SER C 7 16.19 -26.90 27.52
C SER C 7 17.51 -26.84 26.76
N GLY C 8 18.32 -27.90 26.86
CA GLY C 8 19.60 -27.97 26.16
C GLY C 8 19.88 -29.37 25.65
N GLY C 9 20.24 -29.49 24.38
CA GLY C 9 20.63 -30.77 23.72
C GLY C 9 21.98 -30.64 23.04
N GLY C 10 22.51 -29.44 23.03
CA GLY C 10 23.80 -29.11 22.38
C GLY C 10 23.57 -28.24 21.17
N UNK C 11 24.65 -27.83 20.51
CA UNK C 11 24.58 -26.96 19.32
C UNK C 11 23.92 -27.73 18.17
N VAL C 12 23.20 -27.04 17.29
CA VAL C 12 22.51 -27.73 16.18
C VAL C 12 22.95 -27.14 14.83
N GLN C 13 22.80 -27.91 13.77
CA GLN C 13 23.22 -27.49 12.40
C GLN C 13 22.28 -26.42 11.88
N UNK C 14 22.77 -25.54 11.01
CA UNK C 14 21.89 -24.49 10.47
C UNK C 14 20.69 -25.14 9.78
N GLY C 15 19.50 -24.60 10.01
CA GLY C 15 18.27 -25.11 9.39
C GLY C 15 17.59 -26.18 10.23
N UNK C 16 18.22 -26.59 11.32
CA UNK C 16 17.62 -27.63 12.20
C UNK C 16 16.59 -26.99 13.12
N SER C 17 15.75 -27.79 13.76
CA SER C 17 14.66 -27.20 14.59
C SER C 17 14.58 -27.86 15.97
N LEU C 18 14.24 -27.09 17.00
CA LEU C 18 14.12 -27.60 18.40
C LEU C 18 13.20 -26.71 19.26
N UNK C 19 12.86 -27.16 20.48
CA UNK C 19 11.91 -26.50 21.41
C UNK C 19 12.57 -26.10 22.74
N LEU C 20 11.95 -25.14 23.44
CA LEU C 20 12.41 -24.56 24.73
C LEU C 20 11.29 -24.62 25.77
N SER C 21 11.48 -23.99 26.93
CA SER C 21 10.45 -23.93 28.01
C SER C 21 10.77 -22.78 28.98
N CYS C 22 9.90 -22.44 29.93
CA CYS C 22 10.23 -21.30 30.84
C CYS C 22 9.79 -21.56 32.29
N UNK C 23 10.60 -21.14 33.28
CA UNK C 23 10.25 -21.22 34.72
C UNK C 23 11.24 -20.39 35.56
N ALA C 24 10.80 -19.23 36.07
CA ALA C 24 11.65 -18.34 36.90
C ALA C 24 10.99 -18.08 38.26
N UNK C 25 9.70 -17.74 38.26
CA UNK C 25 8.99 -17.55 39.54
C UNK C 25 7.78 -18.47 39.52
N UNK C 26 7.68 -19.33 40.53
CA UNK C 26 6.58 -20.30 40.68
C UNK C 26 5.49 -19.69 41.54
N UNK C 27 4.37 -19.34 40.91
CA UNK C 27 3.19 -18.74 41.60
C UNK C 27 1.95 -18.95 40.72
N UNK C 28 0.75 -18.68 41.22
CA UNK C 28 -0.41 -18.88 40.33
C UNK C 28 -0.26 -17.90 39.18
N UNK C 29 -0.26 -18.39 37.94
CA UNK C 29 -0.11 -17.52 36.75
C UNK C 29 -0.72 -18.17 35.50
N UNK C 30 -2.04 -18.35 35.45
CA UNK C 30 -2.61 -18.92 34.21
C UNK C 30 -3.22 -17.81 33.37
N UNK C 31 -3.45 -16.63 33.95
CA UNK C 31 -4.12 -15.52 33.23
C UNK C 31 -3.14 -14.52 32.61
N UNK C 32 -2.11 -14.08 33.33
CA UNK C 32 -1.15 -13.12 32.76
C UNK C 32 -0.35 -13.80 31.64
N UNK C 33 0.08 -13.08 30.61
CA UNK C 33 0.74 -13.82 29.52
C UNK C 33 2.25 -13.60 29.53
N UNK C 34 2.99 -14.69 29.53
CA UNK C 34 4.47 -14.66 29.52
C UNK C 34 4.99 -14.26 28.15
N UNK C 35 6.26 -13.87 28.08
CA UNK C 35 6.86 -13.35 26.86
C UNK C 35 8.10 -14.16 26.51
N TRP C 36 8.75 -13.79 25.41
CA TRP C 36 9.91 -14.50 24.91
C TRP C 36 10.77 -13.55 24.10
N UNK C 37 12.00 -13.31 24.56
CA UNK C 37 12.95 -12.43 23.91
C UNK C 37 14.15 -13.23 23.41
N ARG C 38 15.00 -12.55 22.65
CA ARG C 38 16.31 -13.06 22.27
C ARG C 38 17.29 -11.90 22.23
N GLN C 39 18.44 -12.07 22.88
CA GLN C 39 19.44 -11.02 22.95
C GLN C 39 20.82 -11.64 22.75
N UNK C 40 21.55 -11.13 21.76
CA UNK C 40 22.91 -11.57 21.53
C UNK C 40 23.88 -10.51 22.00
N PRO C 41 24.88 -10.86 22.80
CA PRO C 41 25.89 -9.87 23.22
C PRO C 41 26.50 -9.17 22.02
N GLY C 42 26.43 -7.84 22.04
CA GLY C 42 26.70 -7.03 20.86
C GLY C 42 25.46 -6.43 20.23
N UNK C 43 24.30 -6.56 20.87
CA UNK C 43 23.02 -6.06 20.38
C UNK C 43 22.02 -6.17 21.53
N UNK C 44 21.14 -5.18 21.64
CA UNK C 44 20.15 -5.20 22.71
C UNK C 44 19.11 -6.29 22.43
N ARG C 45 18.22 -6.47 23.41
CA ARG C 45 17.21 -7.52 23.32
C ARG C 45 16.16 -7.16 22.26
N GLU C 46 15.87 -8.11 21.38
CA GLU C 46 14.87 -7.96 20.35
C GLU C 46 13.75 -8.97 20.56
N UNK C 47 12.59 -8.68 19.97
CA UNK C 47 11.39 -9.45 20.22
C UNK C 47 11.34 -10.70 19.37
N VAL C 48 10.64 -11.72 19.87
CA VAL C 48 10.49 -13.00 19.18
C VAL C 48 9.00 -13.34 19.09
N UNK C 49 8.42 -13.68 20.24
CA UNK C 49 7.03 -14.11 20.29
C UNK C 49 6.42 -13.66 21.61
N UNK C 50 5.09 -13.52 21.57
CA UNK C 50 4.30 -13.07 22.73
C UNK C 50 3.24 -14.11 23.03
N UNK C 51 3.35 -14.72 24.20
CA UNK C 51 2.42 -15.76 24.65
C UNK C 51 1.25 -15.11 25.37
N UNK C 52 0.28 -14.60 24.63
CA UNK C 52 -0.90 -13.95 25.25
C UNK C 52 -1.80 -14.99 25.93
N UNK C 53 -2.67 -14.57 26.85
CA UNK C 53 -3.54 -15.48 27.61
C UNK C 53 -4.37 -16.31 26.64
N UNK C 54 -4.61 -17.57 26.98
CA UNK C 54 -5.33 -18.49 26.08
C UNK C 54 -6.68 -17.89 25.66
N UNK C 55 -6.93 -17.96 24.35
CA UNK C 55 -8.09 -17.48 23.56
C UNK C 55 -7.96 -15.99 23.22
N UNK C 56 -6.85 -15.36 23.60
CA UNK C 56 -6.62 -13.93 23.26
C UNK C 56 -5.62 -13.84 22.11
N UNK C 57 -5.28 -14.98 21.51
CA UNK C 57 -4.41 -15.22 20.33
C UNK C 57 -2.92 -15.20 20.61
N UNK C 58 -2.10 -15.52 19.60
CA UNK C 58 -0.63 -15.57 19.73
C UNK C 58 -0.02 -14.65 18.68
N UNK C 59 0.95 -13.81 19.08
CA UNK C 59 1.59 -12.83 18.16
C UNK C 59 3.12 -13.01 18.18
N UNK C 60 3.71 -13.00 16.99
CA UNK C 60 5.14 -13.23 16.80
C UNK C 60 5.78 -11.99 16.21
N UNK C 61 7.09 -11.88 16.40
CA UNK C 61 7.85 -10.82 15.76
C UNK C 61 8.06 -11.13 14.29
N ASP C 62 8.25 -10.08 13.49
CA ASP C 62 8.40 -10.27 12.05
C ASP C 62 9.67 -11.02 11.70
N SER C 63 10.66 -11.07 12.60
CA SER C 63 11.90 -11.76 12.30
C SER C 63 11.74 -13.27 12.29
N UNK C 64 10.77 -13.79 13.05
CA UNK C 64 10.59 -15.23 13.19
C UNK C 64 9.18 -15.64 12.78
N UNK C 65 8.60 -14.92 11.83
CA UNK C 65 7.25 -15.20 11.39
C UNK C 65 7.20 -16.51 10.60
N GLY C 66 6.49 -17.49 11.13
CA GLY C 66 6.37 -18.80 10.53
C GLY C 66 7.33 -19.84 11.07
N ARG C 67 8.45 -19.41 11.63
CA ARG C 67 9.43 -20.34 12.20
C ARG C 67 9.07 -20.73 13.62
N PHE C 68 9.30 -19.82 14.56
CA PHE C 68 9.16 -20.14 15.97
C PHE C 68 7.68 -20.15 16.37
N THR C 69 7.36 -20.98 17.35
CA THR C 69 5.99 -21.13 17.83
C THR C 69 5.96 -20.99 19.34
N UNK C 70 4.75 -20.86 19.89
CA UNK C 70 4.57 -20.67 21.32
C UNK C 70 3.24 -21.27 21.74
N SER C 71 3.21 -21.85 22.94
CA SER C 71 1.99 -22.41 23.52
C SER C 71 2.16 -22.45 25.02
N UNK C 72 1.04 -22.58 25.72
CA UNK C 72 1.05 -22.51 27.18
C UNK C 72 -0.02 -23.42 27.75
N ASP C 73 0.06 -23.66 29.06
CA ASP C 73 -0.90 -24.46 29.79
C ASP C 73 -1.45 -23.65 30.96
N UNK C 74 -2.75 -23.78 31.19
CA UNK C 74 -3.40 -22.99 32.25
C UNK C 74 -3.26 -23.64 33.61
N UNK C 75 -3.28 -24.98 33.68
CA UNK C 75 -3.16 -25.68 34.95
C UNK C 75 -1.71 -25.97 35.31
N UNK C 76 -0.88 -26.29 34.31
CA UNK C 76 0.54 -26.54 34.59
C UNK C 76 1.28 -25.26 34.95
N UNK C 77 0.81 -24.11 34.46
CA UNK C 77 1.45 -22.82 34.71
C UNK C 77 2.91 -22.82 34.25
N UNK C 78 3.12 -23.29 33.02
CA UNK C 78 4.44 -23.34 32.40
C UNK C 78 4.29 -23.06 30.91
N UNK C 79 5.16 -22.22 30.38
CA UNK C 79 5.09 -21.74 29.00
C UNK C 79 6.34 -22.18 28.26
N UNK C 80 6.16 -22.60 27.00
CA UNK C 80 7.24 -23.10 26.17
C UNK C 80 7.26 -22.36 24.84
N LEU C 81 8.36 -22.54 24.11
CA LEU C 81 8.54 -21.95 22.78
C LEU C 81 9.19 -23.00 21.90
N GLN C 82 8.54 -23.35 20.79
CA GLN C 82 9.12 -24.25 19.81
C GLN C 82 9.84 -23.46 18.73
N UNK C 83 11.06 -23.89 18.40
CA UNK C 83 11.90 -23.21 17.41
C UNK C 83 12.09 -24.14 16.22
N UNK C 84 11.75 -23.65 15.03
CA UNK C 84 11.91 -24.40 13.79
C UNK C 84 12.62 -23.55 12.75
N UNK C 85 13.30 -24.23 11.83
CA UNK C 85 14.08 -23.59 10.74
C UNK C 85 14.98 -22.48 11.29
N LEU C 86 15.96 -22.82 12.11
CA LEU C 86 16.85 -21.80 12.68
C LEU C 86 17.87 -21.34 11.64
N UNK C 87 17.89 -20.05 11.34
CA UNK C 87 18.90 -19.49 10.47
C UNK C 87 20.23 -19.36 11.22
N UNK C 88 21.35 -19.30 10.49
CA UNK C 88 22.65 -19.17 11.18
C UNK C 88 22.88 -17.81 11.81
N UNK C 89 21.85 -16.96 11.84
CA UNK C 89 21.94 -15.65 12.47
C UNK C 89 20.92 -15.47 13.59
N ASP C 90 20.30 -16.56 14.05
CA ASP C 90 19.36 -16.53 15.17
C ASP C 90 20.02 -16.92 16.49
N UNK C 91 21.34 -16.77 16.59
CA UNK C 91 22.07 -17.19 17.78
C UNK C 91 22.02 -16.10 18.84
N ALA C 92 21.43 -16.42 19.98
CA ALA C 92 21.27 -15.51 21.10
C ALA C 92 20.72 -16.30 22.28
N UNK C 93 20.71 -15.66 23.45
CA UNK C 93 20.11 -16.25 24.64
C UNK C 93 18.66 -15.80 24.75
N TYR C 94 17.75 -16.75 24.93
CA TYR C 94 16.32 -16.51 24.88
C TYR C 94 15.77 -16.44 26.30
N TYR C 95 15.28 -15.27 26.69
CA TYR C 95 14.76 -15.06 28.03
C TYR C 95 13.26 -14.85 27.99
N CYS C 96 12.58 -15.29 29.06
CA CYS C 96 11.14 -15.13 29.21
C CYS C 96 10.84 -14.16 30.34
N UNK C 97 9.76 -13.40 30.18
CA UNK C 97 9.38 -12.39 31.16
C UNK C 97 7.87 -12.24 31.16
N UNK C 98 7.28 -12.28 32.35
CA UNK C 98 5.83 -12.16 32.49
C UNK C 98 5.44 -10.70 32.56
N UNK C 99 4.31 -10.36 31.92
CA UNK C 99 3.74 -9.03 32.06
C UNK C 99 2.97 -8.95 33.38
N UNK C 100 3.34 -7.99 34.23
CA UNK C 100 2.74 -7.89 35.55
C UNK C 100 1.27 -7.48 35.45
N UNK C 101 0.97 -6.44 34.68
CA UNK C 101 -0.39 -5.96 34.57
C UNK C 101 -1.23 -6.90 33.70
N UNK C 102 -2.52 -6.58 33.63
CA UNK C 102 -3.49 -7.39 32.88
C UNK C 102 -3.85 -6.78 31.53
N UNK C 103 -3.83 -5.45 31.42
CA UNK C 103 -4.25 -4.74 30.21
C UNK C 103 -3.24 -4.81 29.08
N UNK C 104 -2.31 -5.78 29.10
CA UNK C 104 -1.31 -5.96 28.04
C UNK C 104 -0.49 -4.69 27.83
N UNK C 105 -0.17 -4.01 28.92
CA UNK C 105 0.58 -2.76 28.86
C UNK C 105 2.04 -2.96 28.49
N UNK C 106 2.49 -4.18 28.23
CA UNK C 106 3.85 -4.43 27.84
C UNK C 106 4.88 -4.14 28.90
N UNK C 107 4.60 -4.54 30.14
CA UNK C 107 5.48 -4.27 31.29
C UNK C 107 6.10 -5.58 31.73
N UNK C 108 7.36 -5.79 31.40
CA UNK C 108 8.09 -7.01 31.75
C UNK C 108 8.94 -6.70 32.98
N UNK C 109 8.34 -6.86 34.17
CA UNK C 109 9.00 -6.47 35.40
C UNK C 109 10.07 -7.48 35.81
N UNK C 110 9.81 -8.78 35.64
CA UNK C 110 10.70 -9.83 36.11
C UNK C 110 11.16 -10.67 34.94
N TRP C 111 12.48 -10.82 34.79
CA TRP C 111 13.08 -11.55 33.69
C TRP C 111 13.73 -12.83 34.18
N GLY C 112 14.07 -13.70 33.23
CA GLY C 112 14.73 -14.95 33.54
C GLY C 112 16.02 -15.10 32.75
N UNK C 113 16.74 -16.17 33.06
CA UNK C 113 18.01 -16.43 32.39
C UNK C 113 17.80 -16.98 30.98
N GLY C 114 17.07 -18.08 30.87
CA GLY C 114 16.89 -18.74 29.59
C GLY C 114 18.00 -19.73 29.28
N THR C 115 17.97 -20.23 28.06
CA THR C 115 18.94 -21.24 27.63
C THR C 115 19.11 -21.16 26.11
N UNK C 116 20.33 -20.84 25.68
CA UNK C 116 20.66 -20.84 24.26
C UNK C 116 21.29 -22.17 23.87
N VAL C 117 21.63 -22.31 22.59
CA VAL C 117 22.15 -23.56 22.06
C VAL C 117 23.15 -23.25 20.94
N THR C 118 22.99 -22.09 20.32
CA THR C 118 23.79 -21.64 19.18
C THR C 118 23.53 -22.53 17.96
N VAL C 119 24.18 -22.22 16.84
CA VAL C 119 24.00 -22.96 15.60
C VAL C 119 25.38 -23.30 15.04
N SER C 120 25.49 -24.47 14.41
CA SER C 120 26.76 -24.93 13.86
C SER C 120 26.82 -24.71 12.35
N ASP D 1 -33.91 -2.24 32.05
CA ASP D 1 -33.84 -3.15 33.19
C ASP D 1 -33.26 -4.51 32.78
N ILE D 2 -32.96 -4.66 31.49
CA ILE D 2 -32.39 -5.89 30.96
C ILE D 2 -31.00 -5.58 30.41
N GLN D 3 -30.06 -6.50 30.65
CA GLN D 3 -28.66 -6.29 30.36
C GLN D 3 -28.20 -7.24 29.24
N MET D 4 -27.43 -6.70 28.30
CA MET D 4 -26.81 -7.48 27.24
C MET D 4 -25.30 -7.36 27.32
N THR D 5 -24.61 -8.42 26.93
CA THR D 5 -23.15 -8.48 27.01
C THR D 5 -22.60 -9.20 25.79
N GLN D 6 -21.35 -8.87 25.43
CA GLN D 6 -20.66 -9.52 24.33
C GLN D 6 -19.26 -9.91 24.78
N SER D 7 -18.62 -10.79 23.99
CA SER D 7 -17.27 -11.25 24.26
C SER D 7 -16.66 -11.84 23.00
N PRO D 8 -15.41 -11.47 22.66
CA PRO D 8 -14.60 -10.52 23.43
C PRO D 8 -14.77 -9.08 22.95
N SER D 9 -14.17 -8.13 23.67
CA SER D 9 -14.26 -6.73 23.25
C SER D 9 -13.47 -6.48 21.98
N THR D 10 -12.36 -7.19 21.79
CA THR D 10 -11.53 -7.03 20.60
C THR D 10 -10.88 -8.37 20.29
N LEU D 11 -11.04 -8.83 19.05
CA LEU D 11 -10.47 -10.09 18.61
C LEU D 11 -9.55 -9.85 17.42
N SER D 12 -8.33 -10.39 17.49
CA SER D 12 -7.34 -10.27 16.44
C SER D 12 -7.30 -11.57 15.65
N ALA D 13 -7.50 -11.48 14.34
CA ALA D 13 -7.50 -12.64 13.47
C ALA D 13 -7.08 -12.24 12.07
N PHE D 14 -6.50 -13.20 11.34
CA PHE D 14 -6.04 -12.97 9.98
C PHE D 14 -7.18 -13.12 8.99
N VAL D 15 -6.92 -12.68 7.76
CA VAL D 15 -7.87 -12.88 6.66
C VAL D 15 -7.83 -14.34 6.24
N GLY D 16 -8.99 -15.00 6.27
CA GLY D 16 -9.09 -16.40 5.96
C GLY D 16 -9.20 -17.32 7.16
N ASP D 17 -9.25 -16.76 8.36
CA ASP D 17 -9.36 -17.56 9.58
C ASP D 17 -10.82 -17.85 9.90
N ARG D 18 -11.04 -18.57 11.00
CA ARG D 18 -12.37 -18.84 11.53
C ARG D 18 -12.57 -18.00 12.78
N VAL D 19 -13.68 -17.25 12.82
CA VAL D 19 -13.93 -16.29 13.88
C VAL D 19 -15.29 -16.58 14.49
N THR D 20 -15.35 -16.64 15.82
CA THR D 20 -16.60 -16.83 16.55
C THR D 20 -16.74 -15.71 17.56
N ILE D 21 -17.85 -14.97 17.49
CA ILE D 21 -18.15 -13.87 18.40
C ILE D 21 -19.31 -14.31 19.28
N THR D 22 -19.11 -14.26 20.59
CA THR D 22 -20.10 -14.74 21.56
C THR D 22 -20.83 -13.57 22.21
N CYS D 23 -22.16 -13.64 22.18
CA CYS D 23 -23.02 -12.66 22.85
C CYS D 23 -23.76 -13.36 23.99
N ARG D 24 -23.90 -12.65 25.12
CA ARG D 24 -24.49 -13.21 26.32
C ARG D 24 -25.53 -12.25 26.87
N ALA D 25 -26.69 -12.77 27.26
CA ALA D 25 -27.79 -11.98 27.78
C ALA D 25 -28.04 -12.30 29.24
N SER D 26 -28.66 -11.36 29.94
CA SER D 26 -28.96 -11.55 31.35
C SER D 26 -30.08 -12.57 31.54
N GLN D 27 -31.21 -12.36 30.86
CA GLN D 27 -32.37 -13.23 30.97
C GLN D 27 -32.54 -14.03 29.68
N SER D 28 -33.45 -15.00 29.75
CA SER D 28 -33.64 -15.91 28.62
C SER D 28 -34.32 -15.21 27.46
N ILE D 29 -33.88 -15.55 26.25
CA ILE D 29 -34.49 -15.08 25.01
C ILE D 29 -34.51 -16.27 24.05
N SER D 30 -35.71 -16.79 23.78
CA SER D 30 -35.88 -18.02 23.02
C SER D 30 -35.15 -17.98 21.68
N SER D 31 -35.62 -17.13 20.76
CA SER D 31 -34.93 -16.93 19.49
C SER D 31 -34.82 -15.46 19.12
N TRP D 32 -35.10 -14.54 20.04
CA TRP D 32 -35.09 -13.11 19.75
C TRP D 32 -33.67 -12.57 19.96
N LEU D 33 -32.88 -12.55 18.89
CA LEU D 33 -31.55 -11.95 18.92
C LEU D 33 -31.15 -11.58 17.50
N ALA D 34 -30.59 -10.38 17.36
CA ALA D 34 -30.17 -9.86 16.06
C ALA D 34 -28.69 -9.49 16.11
N TRP D 35 -28.06 -9.54 14.94
CA TRP D 35 -26.66 -9.18 14.79
C TRP D 35 -26.50 -8.12 13.72
N TYR D 36 -25.53 -7.22 13.92
CA TYR D 36 -25.28 -6.13 12.99
C TYR D 36 -23.78 -5.92 12.82
N GLN D 37 -23.39 -5.46 11.63
CA GLN D 37 -22.02 -5.09 11.32
C GLN D 37 -21.97 -3.60 11.05
N GLN D 38 -20.98 -2.92 11.65
CA GLN D 38 -20.84 -1.48 11.49
C GLN D 38 -19.40 -1.14 11.19
N LYS D 39 -19.16 -0.59 10.00
CA LYS D 39 -17.87 -0.05 9.64
C LYS D 39 -17.72 1.36 10.21
N PRO D 40 -16.48 1.85 10.37
CA PRO D 40 -16.27 3.08 11.14
C PRO D 40 -17.03 4.28 10.59
N GLY D 41 -17.92 4.83 11.41
CA GLY D 41 -18.61 6.05 11.08
C GLY D 41 -19.67 5.93 10.00
N LYS D 42 -20.19 4.73 9.76
CA LYS D 42 -21.20 4.53 8.73
C LYS D 42 -22.34 3.69 9.30
N ALA D 43 -23.42 3.59 8.53
CA ALA D 43 -24.64 2.96 9.02
C ALA D 43 -24.43 1.46 9.18
N PRO D 44 -25.06 0.84 10.19
CA PRO D 44 -24.93 -0.60 10.37
C PRO D 44 -25.78 -1.38 9.38
N LYS D 45 -25.32 -2.59 9.09
CA LYS D 45 -26.05 -3.55 8.26
C LYS D 45 -26.68 -4.61 9.15
N LEU D 46 -27.76 -5.21 8.63
CA LEU D 46 -28.40 -6.33 9.30
C LEU D 46 -27.77 -7.63 8.81
N LEU D 47 -27.12 -8.36 9.72
CA LEU D 47 -26.47 -9.63 9.37
C LEU D 47 -27.43 -10.80 9.62
N ILE D 48 -27.64 -11.14 10.89
CA ILE D 48 -28.36 -12.34 11.28
C ILE D 48 -29.44 -11.96 12.28
N TYR D 49 -30.70 -12.16 11.91
CA TYR D 49 -31.83 -11.97 12.82
C TYR D 49 -32.44 -13.32 13.18
N ALA D 50 -33.26 -13.30 14.23
CA ALA D 50 -33.93 -14.49 14.73
C ALA D 50 -32.91 -15.60 15.04
N ALA D 51 -31.82 -15.20 15.70
CA ALA D 51 -30.77 -16.09 16.17
C ALA D 51 -30.03 -16.80 15.03
N SER D 52 -30.76 -17.52 14.17
CA SER D 52 -30.14 -18.43 13.22
C SER D 52 -30.38 -18.09 11.76
N THR D 53 -31.25 -17.13 11.43
CA THR D 53 -31.62 -16.86 10.06
C THR D 53 -30.78 -15.73 9.47
N LEU D 54 -30.37 -15.88 8.22
CA LEU D 54 -29.55 -14.90 7.53
C LEU D 54 -30.42 -13.96 6.72
N GLN D 55 -29.91 -12.74 6.51
CA GLN D 55 -30.60 -11.70 5.76
C GLN D 55 -30.15 -11.72 4.30
N SER D 56 -31.08 -11.44 3.39
CA SER D 56 -30.76 -11.40 1.97
C SER D 56 -29.62 -10.44 1.70
N GLY D 57 -28.64 -10.89 0.92
CA GLY D 57 -27.45 -10.13 0.63
C GLY D 57 -26.25 -10.49 1.48
N VAL D 58 -26.48 -11.05 2.65
CA VAL D 58 -25.37 -11.47 3.53
C VAL D 58 -24.77 -12.75 2.97
N PRO D 59 -23.45 -12.84 2.81
CA PRO D 59 -22.84 -14.04 2.24
C PRO D 59 -23.07 -15.27 3.11
N SER D 60 -22.77 -16.43 2.52
CA SER D 60 -22.97 -17.69 3.24
C SER D 60 -21.95 -17.90 4.35
N ARG D 61 -20.85 -17.15 4.35
CA ARG D 61 -19.81 -17.34 5.34
C ARG D 61 -20.20 -16.86 6.73
N PHE D 62 -21.27 -16.08 6.85
CA PHE D 62 -21.74 -15.62 8.15
C PHE D 62 -22.74 -16.62 8.74
N SER D 63 -22.55 -16.96 10.01
CA SER D 63 -23.38 -17.94 10.68
C SER D 63 -23.60 -17.52 12.13
N GLY D 64 -24.80 -17.75 12.62
CA GLY D 64 -25.13 -17.48 14.00
C GLY D 64 -26.07 -18.52 14.56
N SER D 65 -25.71 -19.11 15.70
CA SER D 65 -26.51 -20.18 16.30
C SER D 65 -26.62 -19.95 17.80
N GLY D 66 -27.85 -19.93 18.30
CA GLY D 66 -28.07 -19.71 19.71
C GLY D 66 -29.50 -19.95 20.17
N SER D 67 -29.65 -20.52 21.37
CA SER D 67 -30.95 -20.75 21.96
C SER D 67 -30.80 -20.68 23.47
N GLY D 68 -31.52 -19.76 24.10
CA GLY D 68 -31.41 -19.54 25.53
C GLY D 68 -30.82 -18.19 25.87
N THR D 69 -29.69 -18.20 26.58
CA THR D 69 -29.00 -16.97 26.98
C THR D 69 -27.55 -16.96 26.52
N GLU D 70 -27.18 -17.80 25.57
CA GLU D 70 -25.83 -17.86 25.03
C GLU D 70 -25.92 -17.96 23.51
N PHE D 71 -25.26 -17.03 22.83
CA PHE D 71 -25.34 -16.93 21.38
C PHE D 71 -23.95 -16.77 20.79
N THR D 72 -23.82 -17.12 19.51
CA THR D 72 -22.55 -17.04 18.80
C THR D 72 -22.77 -16.46 17.42
N LEU D 73 -21.69 -15.95 16.83
CA LEU D 73 -21.67 -15.48 15.44
C LEU D 73 -20.38 -15.95 14.81
N THR D 74 -20.48 -16.77 13.77
CA THR D 74 -19.33 -17.46 13.18
C THR D 74 -19.10 -17.00 11.75
N ILE D 75 -17.85 -16.72 11.42
CA ILE D 75 -17.41 -16.48 10.05
C ILE D 75 -16.56 -17.67 9.63
N SER D 76 -17.02 -18.41 8.62
CA SER D 76 -16.31 -19.61 8.19
C SER D 76 -14.93 -19.27 7.67
N SER D 77 -14.87 -18.46 6.60
CA SER D 77 -13.60 -18.00 6.03
C SER D 77 -13.62 -16.49 5.98
N LEU D 78 -12.69 -15.85 6.67
CA LEU D 78 -12.68 -14.40 6.81
C LEU D 78 -12.18 -13.77 5.51
N GLN D 79 -13.03 -12.92 4.91
CA GLN D 79 -12.71 -12.11 3.73
C GLN D 79 -12.36 -10.68 4.15
N PRO D 80 -11.55 -9.98 3.36
CA PRO D 80 -10.99 -8.69 3.83
C PRO D 80 -12.03 -7.64 4.21
N GLU D 81 -13.26 -7.74 3.73
CA GLU D 81 -14.28 -6.74 4.02
C GLU D 81 -15.11 -7.07 5.25
N ASP D 82 -14.63 -7.98 6.10
CA ASP D 82 -15.33 -8.34 7.33
C ASP D 82 -14.78 -7.64 8.57
N PHE D 83 -13.78 -6.78 8.40
CA PHE D 83 -13.17 -6.07 9.52
C PHE D 83 -14.06 -4.89 9.89
N ALA D 84 -14.87 -5.06 10.94
CA ALA D 84 -15.78 -4.02 11.41
C ALA D 84 -16.16 -4.33 12.85
N THR D 85 -17.13 -3.59 13.38
CA THR D 85 -17.63 -3.76 14.72
C THR D 85 -18.99 -4.44 14.68
N TYR D 86 -19.13 -5.54 15.40
CA TYR D 86 -20.33 -6.38 15.36
C TYR D 86 -21.13 -6.19 16.64
N TYR D 87 -22.43 -6.02 16.50
CA TYR D 87 -23.29 -5.62 17.60
C TYR D 87 -24.39 -6.65 17.84
N CYS D 88 -24.70 -6.87 19.12
CA CYS D 88 -25.79 -7.73 19.54
C CYS D 88 -27.02 -6.87 19.85
N GLN D 89 -28.20 -7.48 19.75
CA GLN D 89 -29.45 -6.77 19.98
C GLN D 89 -30.41 -7.67 20.74
N GLN D 90 -31.55 -7.11 21.12
CA GLN D 90 -32.61 -7.82 21.82
C GLN D 90 -33.94 -7.50 21.16
N LEU D 91 -34.81 -8.51 21.06
CA LEU D 91 -36.05 -8.41 20.31
C LEU D 91 -37.27 -8.78 21.14
N ASN D 92 -37.16 -8.77 22.46
CA ASN D 92 -38.22 -9.26 23.34
C ASN D 92 -38.82 -8.15 24.19
N SER D 93 -38.02 -7.49 25.01
CA SER D 93 -38.53 -6.55 26.00
C SER D 93 -38.90 -5.23 25.35
N TYR D 94 -39.65 -4.41 26.11
CA TYR D 94 -39.97 -3.07 25.65
C TYR D 94 -38.72 -2.19 25.53
N PRO D 95 -37.81 -2.14 26.53
CA PRO D 95 -36.56 -1.40 26.32
C PRO D 95 -35.50 -2.26 25.65
N ILE D 96 -35.55 -2.34 24.32
CA ILE D 96 -34.58 -3.16 23.60
C ILE D 96 -33.18 -2.60 23.84
N THR D 97 -32.22 -3.50 24.03
CA THR D 97 -30.88 -3.12 24.43
C THR D 97 -29.85 -3.77 23.51
N PHE D 98 -28.86 -2.99 23.10
CA PHE D 98 -27.73 -3.47 22.33
C PHE D 98 -26.56 -3.80 23.26
N GLY D 99 -25.69 -4.68 22.80
CA GLY D 99 -24.46 -4.99 23.50
C GLY D 99 -23.31 -4.19 22.91
N GLN D 100 -22.32 -3.89 23.75
CA GLN D 100 -21.17 -3.12 23.28
C GLN D 100 -20.44 -3.92 22.21
N GLY D 101 -19.93 -3.21 21.20
CA GLY D 101 -19.46 -3.87 20.01
C GLY D 101 -18.17 -4.63 20.21
N THR D 102 -17.98 -5.64 19.37
CA THR D 102 -16.74 -6.40 19.27
C THR D 102 -15.98 -5.92 18.04
N ARG D 103 -14.79 -5.37 18.24
CA ARG D 103 -14.00 -4.81 17.14
C ARG D 103 -13.12 -5.90 16.55
N LEU D 104 -13.30 -6.17 15.26
CA LEU D 104 -12.54 -7.20 14.55
C LEU D 104 -11.45 -6.52 13.74
N GLU D 105 -10.21 -6.60 14.22
CA GLU D 105 -9.09 -5.92 13.60
C GLU D 105 -8.23 -6.90 12.80
N ILE D 106 -7.32 -6.34 12.01
CA ILE D 106 -6.38 -7.14 11.23
C ILE D 106 -5.22 -7.56 12.12
N LYS D 107 -4.77 -8.79 11.95
CA LYS D 107 -3.62 -9.29 12.70
C LYS D 107 -2.34 -9.02 11.92
N ARG D 108 -1.28 -8.68 12.64
CA ARG D 108 -0.04 -8.26 12.02
C ARG D 108 1.14 -8.68 12.91
N THR D 109 2.32 -8.76 12.30
CA THR D 109 3.52 -8.99 13.07
C THR D 109 3.76 -7.84 14.05
N VAL D 110 4.37 -8.17 15.19
CA VAL D 110 4.56 -7.18 16.24
C VAL D 110 5.54 -6.12 15.79
N ALA D 111 5.21 -4.86 16.07
CA ALA D 111 6.05 -3.71 15.70
C ALA D 111 6.17 -2.79 16.90
N ALA D 112 7.39 -2.55 17.34
CA ALA D 112 7.64 -1.65 18.46
C ALA D 112 7.35 -0.21 18.05
N PRO D 113 6.87 0.62 18.98
CA PRO D 113 6.50 1.99 18.63
C PRO D 113 7.70 2.91 18.49
N SER D 114 7.65 3.78 17.48
CA SER D 114 8.63 4.84 17.34
C SER D 114 8.21 6.03 18.18
N VAL D 115 9.06 6.43 19.12
CA VAL D 115 8.72 7.43 20.11
C VAL D 115 9.38 8.76 19.76
N PHE D 116 8.62 9.84 19.90
CA PHE D 116 9.14 11.19 19.70
C PHE D 116 8.53 12.11 20.74
N ILE D 117 9.18 13.27 20.93
CA ILE D 117 8.67 14.31 21.82
C ILE D 117 8.84 15.64 21.12
N PHE D 118 7.98 16.60 21.47
CA PHE D 118 7.96 17.90 20.82
C PHE D 118 7.84 19.00 21.86
N PRO D 119 8.64 20.05 21.75
CA PRO D 119 8.64 21.10 22.78
C PRO D 119 7.46 22.04 22.60
N PRO D 120 7.04 22.72 23.67
CA PRO D 120 5.99 23.73 23.52
C PRO D 120 6.45 24.88 22.66
N SER D 121 5.53 25.43 21.87
CA SER D 121 5.86 26.48 20.93
C SER D 121 6.18 27.78 21.66
N ASP D 122 7.19 28.50 21.17
CA ASP D 122 7.50 29.82 21.70
C ASP D 122 6.36 30.80 21.47
N GLU D 123 5.52 30.56 20.45
CA GLU D 123 4.33 31.36 20.23
C GLU D 123 3.16 30.90 21.07
N GLN D 124 3.16 29.64 21.52
CA GLN D 124 2.10 29.16 22.41
C GLN D 124 2.35 29.60 23.85
N LEU D 125 3.62 29.74 24.25
CA LEU D 125 3.94 30.19 25.60
C LEU D 125 3.44 31.60 25.87
N LYS D 126 3.20 32.39 24.83
CA LYS D 126 2.75 33.76 25.03
C LYS D 126 1.37 33.82 25.66
N SER D 127 0.51 32.85 25.36
CA SER D 127 -0.84 32.81 25.89
C SER D 127 -0.90 32.30 27.33
N GLY D 128 0.22 31.85 27.89
CA GLY D 128 0.26 31.39 29.26
C GLY D 128 0.01 29.91 29.45
N THR D 129 -0.20 29.16 28.37
CA THR D 129 -0.44 27.73 28.43
C THR D 129 0.51 27.03 27.48
N ALA D 130 1.03 25.88 27.91
CA ALA D 130 1.99 25.11 27.13
C ALA D 130 1.60 23.64 27.16
N SER D 131 1.34 23.07 26.00
CA SER D 131 0.96 21.67 25.86
C SER D 131 2.12 20.90 25.25
N VAL D 132 2.67 19.93 25.99
CA VAL D 132 3.74 19.08 25.50
C VAL D 132 3.14 17.84 24.87
N VAL D 133 3.72 17.38 23.77
CA VAL D 133 3.18 16.28 22.99
C VAL D 133 4.17 15.13 22.98
N CYS D 134 3.63 13.91 22.92
CA CYS D 134 4.43 12.69 22.86
C CYS D 134 3.83 11.79 21.78
N LEU D 135 4.63 11.47 20.76
CA LEU D 135 4.14 10.77 19.58
C LEU D 135 4.61 9.31 19.59
N LEU D 136 3.68 8.39 19.38
CA LEU D 136 3.95 6.98 19.17
C LEU D 136 3.50 6.64 17.75
N ASN D 137 4.47 6.36 16.88
CA ASN D 137 4.21 6.25 15.45
C ASN D 137 4.39 4.80 14.98
N ASN D 138 3.36 4.28 14.29
CA ASN D 138 3.42 3.00 13.61
C ASN D 138 3.79 1.86 14.55
N PHE D 139 2.82 1.33 15.29
CA PHE D 139 3.06 0.20 16.17
C PHE D 139 1.84 -0.71 16.17
N TYR D 140 2.06 -1.93 16.66
CA TYR D 140 1.02 -2.96 16.74
C TYR D 140 1.51 -4.02 17.70
N PRO D 141 0.66 -4.53 18.61
CA PRO D 141 -0.76 -4.22 18.80
C PRO D 141 -1.06 -2.82 19.31
N ARG D 142 -2.34 -2.46 19.35
CA ARG D 142 -2.74 -1.12 19.76
C ARG D 142 -2.53 -0.88 21.24
N GLU D 143 -2.58 -1.95 22.05
CA GLU D 143 -2.44 -1.80 23.50
C GLU D 143 -1.06 -1.26 23.85
N ALA D 144 -1.05 -0.18 24.62
CA ALA D 144 0.20 0.46 25.05
C ALA D 144 -0.07 1.29 26.29
N LYS D 145 1.01 1.77 26.90
CA LYS D 145 0.92 2.56 28.12
C LYS D 145 1.89 3.72 28.03
N VAL D 146 1.40 4.93 28.29
CA VAL D 146 2.19 6.15 28.21
C VAL D 146 2.08 6.89 29.53
N GLN D 147 3.21 7.16 30.16
CA GLN D 147 3.26 7.91 31.42
C GLN D 147 4.14 9.15 31.24
N TRP D 148 3.80 10.20 31.98
CA TRP D 148 4.46 11.49 31.87
C TRP D 148 5.36 11.72 33.08
N LYS D 149 6.59 12.17 32.83
CA LYS D 149 7.58 12.39 33.88
C LYS D 149 8.03 13.84 33.80
N VAL D 150 7.63 14.63 34.80
CA VAL D 150 8.08 16.02 34.93
C VAL D 150 9.11 16.05 36.05
N ASP D 151 10.38 16.14 35.67
CA ASP D 151 11.48 15.98 36.61
C ASP D 151 11.35 14.69 37.39
N ASN D 152 10.99 13.61 36.67
CA ASN D 152 10.78 12.28 37.25
C ASN D 152 9.69 12.30 38.31
N ALA D 153 8.53 12.83 37.94
CA ALA D 153 7.34 12.83 38.78
C ALA D 153 6.15 12.36 37.96
N LEU D 154 5.41 11.39 38.50
CA LEU D 154 4.26 10.84 37.81
C LEU D 154 3.15 11.88 37.74
N GLN D 155 2.42 11.81 36.64
CA GLN D 155 1.37 12.76 36.32
C GLN D 155 0.08 12.01 36.07
N SER D 156 -1.03 12.73 36.22
CA SER D 156 -2.35 12.13 36.09
C SER D 156 -3.40 13.23 35.95
N GLY D 157 -4.25 13.13 34.93
CA GLY D 157 -5.32 14.08 34.73
C GLY D 157 -5.01 15.22 33.78
N ASN D 158 -3.73 15.56 33.60
CA ASN D 158 -3.33 16.64 32.71
C ASN D 158 -3.06 16.17 31.28
N SER D 159 -3.05 14.86 31.04
CA SER D 159 -2.71 14.28 29.75
C SER D 159 -3.96 13.70 29.09
N GLN D 160 -4.08 13.93 27.79
CA GLN D 160 -5.21 13.46 26.99
C GLN D 160 -4.67 12.75 25.76
N GLU D 161 -5.13 11.53 25.53
CA GLU D 161 -4.62 10.66 24.47
C GLU D 161 -5.66 10.51 23.37
N SER D 162 -5.17 10.38 22.13
CA SER D 162 -6.01 10.11 20.97
C SER D 162 -5.23 9.19 20.04
N VAL D 163 -5.88 8.11 19.61
CA VAL D 163 -5.24 7.07 18.79
C VAL D 163 -5.87 7.09 17.40
N THR D 164 -5.04 6.88 16.38
CA THR D 164 -5.53 6.80 15.01
C THR D 164 -6.20 5.45 14.75
N GLU D 165 -6.82 5.35 13.58
CA GLU D 165 -7.36 4.07 13.15
C GLU D 165 -6.27 3.25 12.46
N GLN D 166 -6.64 2.07 12.01
CA GLN D 166 -5.68 1.14 11.43
C GLN D 166 -5.25 1.63 10.05
N ASP D 167 -3.94 1.66 9.82
CA ASP D 167 -3.39 2.05 8.53
C ASP D 167 -3.63 0.95 7.50
N SER D 168 -3.65 1.35 6.23
CA SER D 168 -3.96 0.44 5.13
C SER D 168 -2.71 -0.10 4.44
N LYS D 169 -1.54 0.50 4.66
CA LYS D 169 -0.31 0.00 4.04
C LYS D 169 0.51 -0.90 4.96
N ASP D 170 0.27 -0.85 6.27
CA ASP D 170 1.00 -1.72 7.19
C ASP D 170 0.19 -2.19 8.38
N SER D 171 -1.10 -1.84 8.48
CA SER D 171 -1.98 -2.32 9.56
C SER D 171 -1.42 -2.00 10.94
N THR D 172 -0.95 -0.76 11.11
CA THR D 172 -0.37 -0.31 12.37
C THR D 172 -1.17 0.87 12.91
N TYR D 173 -1.01 1.13 14.20
CA TYR D 173 -1.69 2.22 14.89
C TYR D 173 -0.68 3.29 15.28
N SER D 174 -1.23 4.42 15.75
CA SER D 174 -0.41 5.53 16.23
C SER D 174 -1.16 6.26 17.32
N LEU D 175 -0.43 6.72 18.32
CA LEU D 175 -1.02 7.36 19.50
C LEU D 175 -0.26 8.65 19.81
N SER D 176 -0.99 9.60 20.38
CA SER D 176 -0.41 10.88 20.79
C SER D 176 -0.99 11.30 22.13
N SER D 177 -0.12 11.61 23.08
CA SER D 177 -0.52 12.07 24.41
C SER D 177 -0.09 13.51 24.60
N THR D 178 -1.04 14.37 24.99
CA THR D 178 -0.80 15.80 25.15
C THR D 178 -0.81 16.15 26.63
N LEU D 179 0.34 16.56 27.15
CA LEU D 179 0.44 17.06 28.51
C LEU D 179 0.20 18.56 28.51
N THR D 180 -0.90 18.98 29.13
CA THR D 180 -1.28 20.40 29.17
C THR D 180 -0.89 21.00 30.52
N LEU D 181 -0.25 22.16 30.48
CA LEU D 181 0.20 22.85 31.67
C LEU D 181 0.19 24.35 31.42
N SER D 182 -0.07 25.12 32.48
CA SER D 182 0.07 26.56 32.41
C SER D 182 1.54 26.95 32.32
N LYS D 183 1.79 28.17 31.86
CA LYS D 183 3.17 28.63 31.69
C LYS D 183 3.88 28.71 33.04
N ALA D 184 3.19 29.20 34.07
CA ALA D 184 3.80 29.28 35.40
C ALA D 184 4.15 27.89 35.93
N ASP D 185 3.23 26.93 35.78
CA ASP D 185 3.53 25.55 36.16
C ASP D 185 4.60 24.93 35.27
N TYR D 186 4.78 25.45 34.05
CA TYR D 186 5.76 24.89 33.14
C TYR D 186 7.17 25.37 33.45
N GLU D 187 7.31 26.55 34.06
CA GLU D 187 8.62 27.12 34.34
C GLU D 187 9.30 26.48 35.54
N LYS D 188 8.55 25.81 36.42
CA LYS D 188 9.14 25.30 37.65
C LYS D 188 10.17 24.21 37.39
N HIS D 189 9.94 23.38 36.37
CA HIS D 189 10.74 22.20 36.13
C HIS D 189 11.49 22.32 34.81
N LYS D 190 12.54 21.50 34.68
CA LYS D 190 13.44 21.55 33.53
C LYS D 190 13.37 20.33 32.63
N VAL D 191 13.06 19.16 33.17
CA VAL D 191 13.05 17.91 32.41
C VAL D 191 11.62 17.41 32.27
N TYR D 192 11.21 17.18 31.02
CA TYR D 192 9.91 16.58 30.71
C TYR D 192 10.16 15.34 29.88
N ALA D 193 9.57 14.22 30.29
CA ALA D 193 9.82 12.95 29.63
C ALA D 193 8.57 12.09 29.64
N CYS D 194 8.27 11.48 28.50
CA CYS D 194 7.25 10.45 28.39
C CYS D 194 7.94 9.12 28.11
N GLU D 195 7.65 8.11 28.93
CA GLU D 195 8.20 6.78 28.71
C GLU D 195 7.08 5.85 28.23
N VAL D 196 7.37 5.11 27.16
CA VAL D 196 6.41 4.22 26.53
C VAL D 196 6.73 2.78 26.94
N THR D 197 5.70 2.03 27.29
CA THR D 197 5.85 0.61 27.61
C THR D 197 4.99 -0.17 26.62
N HIS D 198 5.64 -0.97 25.78
CA HIS D 198 4.95 -1.75 24.76
C HIS D 198 5.50 -3.16 24.76
N GLN D 199 4.65 -4.13 24.38
CA GLN D 199 5.06 -5.53 24.40
C GLN D 199 6.26 -5.79 23.50
N GLY D 200 6.39 -5.05 22.39
CA GLY D 200 7.53 -5.21 21.52
C GLY D 200 8.81 -4.57 22.04
N LEU D 201 8.74 -3.85 23.16
CA LEU D 201 9.89 -3.18 23.73
C LEU D 201 10.47 -4.03 24.86
N SER D 202 11.79 -4.18 24.88
CA SER D 202 12.43 -4.97 25.94
C SER D 202 12.30 -4.28 27.30
N SER D 203 12.32 -2.96 27.31
CA SER D 203 12.19 -2.15 28.51
C SER D 203 11.55 -0.83 28.13
N PRO D 204 10.86 -0.18 29.08
CA PRO D 204 10.24 1.14 28.79
C PRO D 204 11.25 2.17 28.35
N VAL D 205 11.17 2.59 27.09
CA VAL D 205 12.09 3.57 26.53
C VAL D 205 11.56 4.96 26.84
N THR D 206 12.45 5.95 26.87
CA THR D 206 12.12 7.30 27.29
C THR D 206 12.63 8.31 26.28
N LYS D 207 11.93 9.43 26.19
CA LYS D 207 12.34 10.58 25.38
C LYS D 207 12.12 11.85 26.20
N SER D 208 13.17 12.67 26.30
CA SER D 208 13.12 13.85 27.16
C SER D 208 13.73 15.04 26.43
N PHE D 209 13.49 16.22 26.96
CA PHE D 209 14.04 17.46 26.43
C PHE D 209 14.08 18.49 27.54
N ASN D 210 14.91 19.52 27.35
CA ASN D 210 15.13 20.55 28.35
C ASN D 210 14.77 21.91 27.77
N ARG D 211 14.41 22.84 28.65
CA ARG D 211 14.03 24.17 28.23
C ARG D 211 15.24 24.96 27.75
N GLY D 212 15.13 25.54 26.56
CA GLY D 212 16.24 26.26 25.98
C GLY D 212 17.17 25.42 25.14
N GLU D 213 16.65 24.38 24.50
CA GLU D 213 17.46 23.47 23.68
C GLU D 213 18.63 22.89 24.46
N SER E 11 39.83 35.29 -50.74
CA SER E 11 38.72 35.37 -49.80
C SER E 11 39.22 35.30 -48.36
N CYS E 12 39.40 36.46 -47.74
CA CYS E 12 39.81 36.48 -46.34
C CYS E 12 38.66 36.12 -45.41
N ALA E 13 37.42 36.43 -45.83
CA ALA E 13 36.25 36.15 -45.01
C ALA E 13 36.04 34.67 -44.78
N GLU E 14 36.80 33.79 -45.44
CA GLU E 14 36.77 32.37 -45.12
C GLU E 14 37.06 32.14 -43.65
N THR E 15 37.94 32.96 -43.07
CA THR E 15 38.27 32.82 -41.65
C THR E 15 37.05 33.14 -40.78
N ARG E 16 36.21 34.08 -41.21
CA ARG E 16 35.03 34.43 -40.42
C ARG E 16 34.04 33.27 -40.32
N GLN E 17 34.05 32.37 -41.30
CA GLN E 17 33.19 31.19 -41.23
C GLN E 17 33.55 30.32 -40.03
N VAL E 18 34.86 30.15 -39.78
CA VAL E 18 35.30 29.39 -38.61
C VAL E 18 34.97 30.14 -37.33
N LEU E 19 35.08 31.46 -37.35
CA LEU E 19 34.89 32.25 -36.13
C LEU E 19 33.43 32.23 -35.67
N GLY E 20 32.50 31.97 -36.59
CA GLY E 20 31.12 31.80 -36.18
C GLY E 20 30.91 30.60 -35.27
N ALA E 21 31.79 29.60 -35.39
CA ALA E 21 31.78 28.47 -34.47
C ALA E 21 32.43 28.78 -33.13
N ARG E 22 33.07 29.94 -33.01
CA ARG E 22 33.68 30.37 -31.76
C ARG E 22 32.74 31.23 -30.92
N GLY E 23 31.50 31.44 -31.36
CA GLY E 23 30.63 32.37 -30.67
C GLY E 23 31.12 33.80 -30.72
N TYR E 24 31.84 34.16 -31.78
CA TYR E 24 32.47 35.46 -31.93
C TYR E 24 31.44 36.54 -32.22
N SER E 25 31.89 37.80 -32.16
CA SER E 25 31.14 38.94 -32.68
C SER E 25 31.21 38.87 -34.20
N LEU E 26 30.35 38.03 -34.77
CA LEU E 26 30.43 37.70 -36.19
C LEU E 26 30.19 38.91 -37.09
N ASN E 27 29.43 39.90 -36.59
CA ASN E 27 29.08 41.04 -37.45
C ASN E 27 30.24 42.02 -37.59
N LEU E 28 31.08 42.15 -36.56
CA LEU E 28 32.08 43.22 -36.57
C LEU E 28 33.18 42.96 -37.57
N ILE E 29 33.71 41.75 -37.62
CA ILE E 29 34.90 41.45 -38.42
C ILE E 29 34.59 41.62 -39.90
N PRO E 30 35.38 42.39 -40.65
CA PRO E 30 35.10 42.59 -42.07
C PRO E 30 35.99 41.70 -42.93
N PRO E 31 35.69 41.60 -44.23
CA PRO E 31 36.54 40.79 -45.12
C PRO E 31 37.82 41.48 -45.55
N ALA E 32 37.78 42.82 -45.59
CA ALA E 32 38.91 43.62 -46.05
C ALA E 32 40.00 43.65 -44.99
N LEU E 33 41.14 44.25 -45.33
CA LEU E 33 42.29 44.32 -44.44
C LEU E 33 42.77 45.76 -44.35
N ILE E 34 43.10 46.19 -43.13
CA ILE E 34 43.67 47.51 -42.90
C ILE E 34 45.12 47.44 -42.43
N THR E 35 45.55 46.32 -41.86
CA THR E 35 46.89 46.21 -41.31
C THR E 35 47.65 45.02 -41.88
N VAL E 41 50.00 43.79 -30.53
CA VAL E 41 51.26 43.24 -31.01
C VAL E 41 51.24 43.14 -32.53
N CYS E 42 50.31 42.35 -33.08
CA CYS E 42 50.13 42.25 -34.53
C CYS E 42 49.36 43.48 -35.00
N PRO E 43 50.05 44.49 -35.58
CA PRO E 43 49.51 45.81 -35.83
C PRO E 43 48.94 45.99 -37.22
N CYS E 48 43.40 41.43 -42.41
CA CYS E 48 42.00 41.48 -42.01
C CYS E 48 41.93 41.41 -40.48
N CYS E 49 42.63 42.33 -39.83
CA CYS E 49 42.85 42.31 -38.39
C CYS E 49 42.26 43.58 -37.78
N SER E 50 41.08 43.44 -37.17
CA SER E 50 40.38 44.59 -36.60
C SER E 50 41.04 45.01 -35.29
N SER E 51 40.55 46.14 -34.75
CA SER E 51 41.10 46.71 -33.54
C SER E 51 40.80 45.86 -32.31
N GLU E 52 39.55 45.91 -31.84
CA GLU E 52 39.19 45.28 -30.58
C GLU E 52 38.96 43.78 -30.68
N THR E 53 38.91 43.23 -31.89
CA THR E 53 38.73 41.79 -32.04
C THR E 53 39.90 41.01 -31.45
N GLU E 54 41.12 41.41 -31.82
CA GLU E 54 42.29 40.72 -31.30
C GLU E 54 42.40 40.86 -29.79
N GLN E 55 41.97 42.01 -29.25
CA GLN E 55 42.17 42.28 -27.83
C GLN E 55 41.21 41.48 -26.96
N ARG E 56 40.13 40.95 -27.53
CA ARG E 56 39.35 39.89 -26.90
C ARG E 56 39.82 38.51 -27.36
N LEU E 57 40.49 38.43 -28.50
CA LEU E 57 41.10 37.17 -28.93
C LEU E 57 42.24 36.79 -28.00
N ILE E 58 43.13 37.74 -27.71
CA ILE E 58 44.34 37.42 -26.95
C ILE E 58 43.98 36.87 -25.58
N ARG E 59 42.94 37.41 -24.95
CA ARG E 59 42.48 36.86 -23.68
C ARG E 59 41.81 35.51 -23.87
N GLU E 60 41.14 35.32 -25.00
CA GLU E 60 40.56 34.00 -25.29
C GLU E 60 41.65 32.97 -25.54
N THR E 61 42.68 33.35 -26.29
CA THR E 61 43.81 32.44 -26.48
C THR E 61 44.49 32.12 -25.16
N GLU E 62 44.52 33.07 -24.22
CA GLU E 62 45.01 32.75 -22.87
C GLU E 62 44.16 31.68 -22.22
N ALA E 63 42.84 31.69 -22.47
CA ALA E 63 41.96 30.78 -21.78
C ALA E 63 42.13 29.34 -22.27
N THR E 64 42.35 29.16 -23.57
CA THR E 64 42.48 27.81 -24.10
C THR E 64 43.76 27.14 -23.61
N PHE E 65 44.88 27.88 -23.65
CA PHE E 65 46.14 27.31 -23.18
C PHE E 65 46.08 27.01 -21.69
N ARG E 66 45.39 27.85 -20.92
CA ARG E 66 45.22 27.58 -19.50
C ARG E 66 44.50 26.24 -19.30
N GLY E 67 43.39 26.05 -19.99
CA GLY E 67 42.66 24.80 -19.88
C GLY E 67 43.39 23.63 -20.49
N LEU E 68 44.20 23.88 -21.53
CA LEU E 68 44.98 22.81 -22.14
C LEU E 68 46.00 22.23 -21.16
N VAL E 69 46.62 23.10 -20.35
CA VAL E 69 47.58 22.64 -19.36
C VAL E 69 46.88 21.91 -18.22
N GLU E 70 45.74 22.43 -17.77
CA GLU E 70 45.02 21.78 -16.68
C GLU E 70 44.48 20.42 -17.10
N ASP E 71 43.78 20.36 -18.24
CA ASP E 71 43.23 19.11 -18.72
C ASP E 71 44.31 18.11 -19.11
N THR E 72 45.52 18.57 -19.41
CA THR E 72 46.60 17.67 -19.81
C THR E 72 47.03 16.79 -18.65
N GLY E 73 47.47 17.41 -17.55
CA GLY E 73 47.99 16.65 -16.43
C GLY E 73 47.09 16.67 -15.22
N SER E 74 45.78 16.61 -15.44
CA SER E 74 44.82 16.60 -14.34
C SER E 74 44.71 15.24 -13.67
N PHE E 75 45.31 14.19 -14.24
CA PHE E 75 45.12 12.85 -13.68
C PHE E 75 45.87 12.69 -12.36
N LEU E 76 46.97 13.42 -12.18
CA LEU E 76 47.62 13.45 -10.87
C LEU E 76 46.71 14.03 -9.81
N VAL E 77 45.90 15.04 -10.19
CA VAL E 77 44.96 15.61 -9.23
C VAL E 77 43.95 14.55 -8.79
N HIS E 78 43.50 13.73 -9.74
CA HIS E 78 42.53 12.68 -9.45
C HIS E 78 43.19 11.43 -8.90
N THR E 79 44.40 11.10 -9.36
CA THR E 79 45.11 9.96 -8.79
C THR E 79 45.46 10.22 -7.33
N LEU E 80 46.04 11.39 -7.02
CA LEU E 80 46.42 11.69 -5.66
C LEU E 80 45.19 11.83 -4.76
N ALA E 81 44.11 12.41 -5.28
CA ALA E 81 42.90 12.57 -4.49
C ALA E 81 42.20 11.24 -4.24
N ALA E 82 42.38 10.27 -5.12
CA ALA E 82 41.79 8.93 -4.97
C ALA E 82 42.62 8.05 -4.05
N ARG E 83 43.93 7.97 -4.30
CA ARG E 83 44.78 7.16 -3.43
C ARG E 83 44.74 7.68 -2.00
N HIS E 84 44.75 9.01 -1.83
CA HIS E 84 44.63 9.59 -0.50
C HIS E 84 43.35 9.15 0.19
N ARG E 85 42.27 8.95 -0.56
CA ARG E 85 41.02 8.53 0.06
C ARG E 85 40.96 7.03 0.25
N LYS E 86 41.69 6.27 -0.57
CA LYS E 86 41.75 4.82 -0.37
C LYS E 86 42.57 4.47 0.86
N PHE E 87 43.69 5.17 1.07
CA PHE E 87 44.48 4.93 2.27
C PHE E 87 43.78 5.46 3.52
N ASP E 88 43.10 6.61 3.39
CA ASP E 88 42.40 7.17 4.54
C ASP E 88 41.30 6.24 5.03
N GLU E 89 40.53 5.67 4.11
CA GLU E 89 39.50 4.70 4.49
C GLU E 89 40.13 3.45 5.07
N PHE E 90 41.25 2.99 4.49
CA PHE E 90 41.88 1.75 4.94
C PHE E 90 42.38 1.87 6.37
N PHE E 91 43.02 3.00 6.71
CA PHE E 91 43.57 3.16 8.04
C PHE E 91 42.48 3.31 9.09
N LEU E 92 41.46 4.11 8.80
CA LEU E 92 40.31 4.20 9.69
C LEU E 92 39.60 2.87 9.83
N GLU E 93 39.66 2.03 8.78
CA GLU E 93 39.04 0.71 8.85
C GLU E 93 39.77 -0.20 9.82
N MET E 94 41.10 -0.27 9.71
CA MET E 94 41.87 -1.21 10.51
C MET E 94 41.87 -0.85 12.00
N LEU E 95 41.58 0.41 12.35
CA LEU E 95 41.47 0.77 13.76
C LEU E 95 40.29 0.05 14.39
N SER E 96 39.14 0.04 13.71
CA SER E 96 37.98 -0.69 14.23
C SER E 96 38.16 -2.19 14.08
N VAL E 97 38.87 -2.63 13.04
CA VAL E 97 39.14 -4.06 12.87
C VAL E 97 40.01 -4.56 14.03
N ALA E 98 41.05 -3.81 14.38
CA ALA E 98 41.87 -4.17 15.52
C ALA E 98 41.09 -4.02 16.83
N GLN E 99 40.09 -3.15 16.85
CA GLN E 99 39.24 -3.00 18.04
C GLN E 99 38.41 -4.25 18.27
N HIS E 100 37.71 -4.72 17.24
CA HIS E 100 36.86 -5.90 17.37
C HIS E 100 37.70 -7.17 17.51
N SER E 101 38.89 -7.19 16.94
CA SER E 101 39.75 -8.37 17.03
C SER E 101 40.28 -8.57 18.44
N LEU E 102 40.71 -7.49 19.09
CA LEU E 102 41.25 -7.62 20.44
C LEU E 102 40.16 -7.93 21.46
N THR E 103 38.92 -7.55 21.18
CA THR E 103 37.81 -7.87 22.08
C THR E 103 37.56 -9.37 22.12
N GLN E 104 37.64 -10.04 20.97
CA GLN E 104 37.38 -11.47 20.93
C GLN E 104 38.44 -12.26 21.69
N LEU E 105 39.71 -11.89 21.53
CA LEU E 105 40.78 -12.59 22.23
C LEU E 105 40.70 -12.38 23.74
N PHE E 106 40.46 -11.14 24.17
CA PHE E 106 40.40 -10.81 25.58
C PHE E 106 39.03 -11.05 26.20
N SER E 107 38.12 -11.70 25.47
CA SER E 107 36.89 -12.23 26.06
C SER E 107 36.86 -13.76 26.06
N HIS E 108 37.79 -14.40 25.34
CA HIS E 108 37.81 -15.85 25.21
C HIS E 108 38.66 -16.51 26.29
N SER E 109 39.90 -16.02 26.47
CA SER E 109 40.81 -16.63 27.43
C SER E 109 40.44 -16.26 28.86
N TYR E 110 40.23 -14.97 29.12
CA TYR E 110 39.97 -14.51 30.48
C TYR E 110 39.25 -13.17 30.41
N GLY E 111 38.54 -12.85 31.49
CA GLY E 111 37.80 -11.60 31.58
C GLY E 111 38.32 -10.68 32.66
N HIS E 117 32.15 -5.71 30.67
CA HIS E 117 32.97 -6.88 30.38
C HIS E 117 34.26 -6.45 29.68
N ALA E 118 34.48 -6.95 28.47
CA ALA E 118 35.60 -6.48 27.67
C ALA E 118 35.39 -5.01 27.32
N LEU E 119 36.14 -4.12 27.94
CA LEU E 119 35.87 -2.70 27.82
C LEU E 119 37.17 -1.91 27.84
N ILE E 120 37.02 -0.59 27.77
CA ILE E 120 38.09 0.41 27.73
C ILE E 120 38.68 0.49 26.33
N PHE E 121 38.42 -0.53 25.50
CA PHE E 121 38.80 -0.44 24.10
C PHE E 121 38.07 0.68 23.38
N ASN E 122 36.78 0.83 23.68
CA ASN E 122 35.93 1.75 22.93
C ASN E 122 36.45 3.18 23.03
N GLY E 123 36.69 3.65 24.25
CA GLY E 123 37.26 4.97 24.42
C GLY E 123 38.69 5.07 23.91
N LEU E 124 39.43 3.97 23.97
CA LEU E 124 40.83 3.98 23.54
C LEU E 124 40.93 4.27 22.04
N PHE E 125 40.28 3.43 21.23
CA PHE E 125 40.36 3.61 19.79
C PHE E 125 39.64 4.88 19.35
N SER E 126 38.56 5.26 20.04
CA SER E 126 37.96 6.56 19.81
C SER E 126 38.99 7.67 20.03
N ARG E 127 39.76 7.57 21.11
CA ARG E 127 40.84 8.53 21.35
C ARG E 127 42.08 8.24 20.51
N LEU E 128 42.16 7.07 19.88
CA LEU E 128 43.22 6.81 18.92
C LEU E 128 42.87 7.37 17.54
N ARG E 129 41.59 7.33 17.17
CA ARG E 129 41.17 7.88 15.89
C ARG E 129 41.48 9.37 15.78
N ASP E 130 41.48 10.09 16.91
CA ASP E 130 41.69 11.53 16.86
C ASP E 130 43.15 11.88 16.55
N PHE E 131 44.09 10.99 16.87
CA PHE E 131 45.48 11.30 16.55
C PHE E 131 45.78 11.06 15.08
N TYR E 132 45.29 9.96 14.52
CA TYR E 132 45.53 9.68 13.10
C TYR E 132 44.75 10.64 12.22
N GLY E 133 43.42 10.68 12.36
CA GLY E 133 42.58 11.53 11.54
C GLY E 133 42.58 12.98 11.97
N GLU E 134 43.63 13.39 12.66
CA GLU E 134 43.80 14.76 13.14
C GLU E 134 42.72 15.16 14.13
N THR E 135 42.85 16.37 14.69
CA THR E 135 42.17 16.95 15.85
C THR E 135 42.76 16.44 17.15
N GLY E 136 43.64 15.43 17.12
CA GLY E 136 44.39 15.05 18.30
C GLY E 136 45.88 15.06 18.00
N GLU E 137 46.67 15.51 18.99
CA GLU E 137 48.10 15.66 18.78
C GLU E 137 48.87 15.57 20.09
N GLY E 138 48.45 14.66 20.97
CA GLY E 138 49.14 14.47 22.24
C GLY E 138 49.52 13.02 22.48
N LEU E 139 48.51 12.17 22.65
CA LEU E 139 48.66 10.72 22.76
C LEU E 139 49.35 10.28 24.05
N ASP E 140 50.12 11.18 24.68
CA ASP E 140 50.80 10.83 25.92
C ASP E 140 49.79 10.47 27.00
N ASP E 141 48.82 11.35 27.25
CA ASP E 141 47.79 11.07 28.24
C ASP E 141 46.73 10.12 27.72
N THR E 142 46.57 10.01 26.41
CA THR E 142 45.61 9.05 25.85
C THR E 142 46.01 7.62 26.18
N LEU E 143 47.31 7.30 26.06
CA LEU E 143 47.77 5.97 26.40
C LEU E 143 47.80 5.78 27.92
N ALA E 144 48.24 6.80 28.66
CA ALA E 144 48.39 6.66 30.10
C ALA E 144 47.05 6.41 30.78
N ASP E 145 45.95 6.90 30.19
CA ASP E 145 44.63 6.63 30.76
C ASP E 145 44.32 5.14 30.75
N PHE E 146 44.68 4.46 29.67
CA PHE E 146 44.32 3.06 29.53
C PHE E 146 44.95 2.21 30.62
N TRP E 147 46.28 2.25 30.73
CA TRP E 147 46.97 1.46 31.75
C TRP E 147 46.51 1.84 33.15
N ALA E 148 46.23 3.12 33.37
CA ALA E 148 45.65 3.54 34.65
C ALA E 148 44.23 3.00 34.79
N GLN E 149 43.46 2.98 33.70
CA GLN E 149 42.11 2.44 33.76
C GLN E 149 42.14 0.94 34.06
N LEU E 150 42.95 0.19 33.33
CA LEU E 150 43.07 -1.24 33.57
C LEU E 150 43.59 -1.52 34.98
N LEU E 151 44.33 -0.58 35.56
CA LEU E 151 44.87 -0.75 36.91
C LEU E 151 43.75 -0.76 37.95
N GLU E 152 42.77 0.14 37.82
CA GLU E 152 41.74 0.29 38.83
C GLU E 152 40.72 -0.84 38.80
N ARG E 153 40.85 -1.82 37.91
CA ARG E 153 39.90 -2.92 37.82
C ARG E 153 40.53 -4.30 37.94
N VAL E 154 41.84 -4.44 37.72
CA VAL E 154 42.48 -5.75 37.69
C VAL E 154 43.12 -6.05 39.03
N PHE E 155 43.50 -5.01 39.78
CA PHE E 155 44.07 -5.22 41.11
C PHE E 155 43.08 -5.85 42.07
N PRO E 156 41.78 -5.47 42.10
CA PRO E 156 40.84 -6.18 42.98
C PRO E 156 40.42 -7.55 42.43
N LEU E 157 41.27 -8.20 41.66
CA LEU E 157 41.05 -9.58 41.25
C LEU E 157 41.78 -10.58 42.13
N LEU E 158 42.99 -10.24 42.58
CA LEU E 158 43.71 -11.02 43.57
C LEU E 158 43.63 -10.39 44.96
N HIS E 159 42.87 -9.30 45.10
CA HIS E 159 42.63 -8.65 46.39
C HIS E 159 41.14 -8.47 46.59
N PRO E 160 40.39 -9.56 46.80
CA PRO E 160 38.94 -9.45 46.96
C PRO E 160 38.50 -9.01 48.35
N GLN E 161 39.44 -8.74 49.26
CA GLN E 161 39.08 -8.44 50.64
C GLN E 161 38.56 -7.02 50.81
N TYR E 162 39.07 -6.08 50.01
CA TYR E 162 38.79 -4.66 50.20
C TYR E 162 37.90 -4.12 49.09
N SER E 163 37.47 -2.88 49.29
CA SER E 163 36.86 -2.06 48.26
C SER E 163 37.39 -0.64 48.41
N PHE E 164 37.39 0.10 47.31
CA PHE E 164 38.00 1.42 47.33
C PHE E 164 36.99 2.49 46.88
N PRO E 165 36.97 3.65 47.55
CA PRO E 165 36.11 4.78 47.19
C PRO E 165 36.66 5.60 46.03
N CYS E 171 38.85 7.53 40.94
CA CYS E 171 39.51 8.35 41.95
C CYS E 171 40.35 9.45 41.30
N LEU E 172 39.66 10.42 40.68
CA LEU E 172 40.35 11.56 40.07
C LEU E 172 41.02 12.45 41.10
N SER E 173 40.65 12.34 42.38
CA SER E 173 41.21 13.21 43.40
C SER E 173 42.66 12.82 43.72
N ARG E 174 42.89 11.54 44.05
CA ARG E 174 44.20 11.06 44.45
C ARG E 174 44.58 9.83 43.61
N LEU E 175 44.61 10.00 42.29
CA LEU E 175 45.07 8.93 41.42
C LEU E 175 46.57 8.74 41.56
N ALA E 176 47.02 7.50 41.49
CA ALA E 176 48.41 7.15 41.70
C ALA E 176 49.21 7.03 40.41
N SER E 177 48.58 7.27 39.26
CA SER E 177 49.27 7.12 37.99
C SER E 177 49.93 8.43 37.55
N SER E 178 49.44 9.01 36.45
CA SER E 178 49.99 10.24 35.87
C SER E 178 51.45 9.97 35.51
N THR E 179 52.41 10.82 35.91
CA THR E 179 53.80 10.62 35.52
C THR E 179 54.69 11.09 36.67
N ASP E 180 54.88 10.21 37.65
CA ASP E 180 55.78 10.46 38.77
C ASP E 180 56.48 9.15 39.11
N GLY E 181 57.51 9.25 39.95
CA GLY E 181 58.30 8.10 40.35
C GLY E 181 57.48 6.99 40.97
N SER E 182 57.45 5.85 40.31
CA SER E 182 56.65 4.72 40.79
C SER E 182 57.22 3.43 40.19
N LEU E 183 57.48 2.44 41.05
CA LEU E 183 57.85 1.12 40.56
C LEU E 183 56.67 0.53 39.82
N GLN E 184 56.79 0.47 38.49
CA GLN E 184 55.62 0.29 37.64
C GLN E 184 54.97 -1.07 37.89
N PRO E 185 53.64 -1.12 37.99
CA PRO E 185 52.99 -2.42 38.23
C PRO E 185 53.01 -3.33 37.03
N PHE E 186 53.02 -2.79 35.81
CA PHE E 186 53.04 -3.63 34.61
C PHE E 186 54.45 -3.82 34.05
N GLY E 187 55.39 -2.93 34.36
CA GLY E 187 56.79 -3.16 34.05
C GLY E 187 57.18 -2.97 32.60
N ASP E 188 57.34 -1.71 32.20
CA ASP E 188 58.03 -1.39 30.96
C ASP E 188 57.26 -1.86 29.72
N SER E 189 56.16 -2.58 29.93
CA SER E 189 55.31 -2.96 28.81
C SER E 189 54.58 -1.74 28.24
N PRO E 190 54.08 -0.79 29.06
CA PRO E 190 53.47 0.40 28.46
C PRO E 190 54.41 1.20 27.56
N ARG E 191 55.66 1.40 27.97
CA ARG E 191 56.60 2.17 27.15
C ARG E 191 57.03 1.40 25.91
N ARG E 192 57.10 0.07 26.01
CA ARG E 192 57.37 -0.73 24.81
C ARG E 192 56.21 -0.69 23.83
N LEU E 193 54.98 -0.57 24.34
CA LEU E 193 53.83 -0.41 23.47
C LEU E 193 53.63 1.03 23.03
N ARG E 194 54.01 2.00 23.89
CA ARG E 194 53.92 3.40 23.49
C ARG E 194 54.82 3.70 22.30
N LEU E 195 56.03 3.14 22.29
CA LEU E 195 56.94 3.34 21.17
C LEU E 195 56.35 2.79 19.87
N GLN E 196 55.74 1.60 19.93
CA GLN E 196 55.20 0.99 18.73
C GLN E 196 53.97 1.73 18.23
N ILE E 197 53.05 2.08 19.14
CA ILE E 197 51.84 2.77 18.73
C ILE E 197 52.15 4.15 18.18
N THR E 198 53.15 4.82 18.77
CA THR E 198 53.53 6.15 18.29
C THR E 198 54.09 6.06 16.87
N ARG E 199 55.09 5.21 16.65
CA ARG E 199 55.71 5.12 15.34
C ARG E 199 54.74 4.61 14.28
N THR E 200 53.74 3.82 14.67
CA THR E 200 52.76 3.34 13.71
C THR E 200 51.77 4.43 13.31
N LEU E 201 51.31 5.23 14.28
CA LEU E 201 50.29 6.24 14.00
C LEU E 201 50.88 7.48 13.34
N VAL E 202 52.10 7.88 13.71
CA VAL E 202 52.69 9.07 13.09
C VAL E 202 53.13 8.77 11.67
N ALA E 203 53.49 7.52 11.37
CA ALA E 203 53.90 7.18 10.01
C ALA E 203 52.69 7.07 9.08
N ALA E 204 51.57 6.57 9.60
CA ALA E 204 50.35 6.52 8.79
C ALA E 204 49.74 7.90 8.63
N ARG E 205 49.90 8.78 9.61
CA ARG E 205 49.37 10.13 9.51
C ARG E 205 50.20 10.97 8.54
N ALA E 206 51.52 10.83 8.60
CA ALA E 206 52.39 11.60 7.71
C ALA E 206 52.29 11.17 6.26
N PHE E 207 51.89 9.91 6.01
CA PHE E 207 51.76 9.44 4.63
C PHE E 207 50.49 9.97 3.98
N VAL E 208 49.37 9.97 4.72
CA VAL E 208 48.13 10.48 4.17
C VAL E 208 48.20 11.99 3.97
N GLN E 209 48.70 12.72 4.98
CA GLN E 209 48.83 14.16 4.86
C GLN E 209 49.80 14.55 3.75
N GLY E 210 50.77 13.68 3.45
CA GLY E 210 51.64 13.91 2.31
C GLY E 210 50.90 13.83 0.99
N LEU E 211 49.85 13.01 0.91
CA LEU E 211 49.08 12.90 -0.31
C LEU E 211 48.08 14.04 -0.45
N GLU E 212 47.41 14.40 0.66
CA GLU E 212 46.56 15.58 0.64
C GLU E 212 47.36 16.82 0.29
N THR E 213 48.64 16.84 0.66
CA THR E 213 49.53 17.90 0.22
C THR E 213 49.81 17.80 -1.26
N GLY E 214 50.29 16.63 -1.72
CA GLY E 214 50.67 16.48 -3.12
C GLY E 214 49.53 16.76 -4.08
N ARG E 215 48.31 16.44 -3.69
CA ARG E 215 47.15 16.80 -4.50
C ARG E 215 47.04 18.30 -4.68
N ASN E 216 47.13 19.04 -3.56
CA ASN E 216 46.90 20.49 -3.59
C ASN E 216 48.05 21.24 -4.27
N VAL E 217 49.29 20.75 -4.17
CA VAL E 217 50.38 21.34 -4.94
C VAL E 217 50.06 21.28 -6.42
N VAL E 218 49.83 20.06 -6.91
CA VAL E 218 49.64 19.85 -8.33
C VAL E 218 48.33 20.46 -8.79
N SER E 219 47.32 20.46 -7.92
CA SER E 219 46.02 21.01 -8.30
C SER E 219 46.14 22.48 -8.71
N GLU E 220 46.99 23.25 -8.03
CA GLU E 220 47.16 24.65 -8.37
C GLU E 220 48.47 24.94 -9.10
N ALA E 221 49.41 24.00 -9.15
CA ALA E 221 50.59 24.19 -10.00
C ALA E 221 50.20 24.26 -11.46
N LEU E 222 49.08 23.64 -11.83
CA LEU E 222 48.58 23.70 -13.19
C LEU E 222 47.73 24.95 -13.44
N LYS E 223 47.15 25.52 -12.40
CA LYS E 223 46.38 26.75 -12.51
C LYS E 223 47.35 27.92 -12.64
N VAL E 224 47.64 28.32 -13.88
CA VAL E 224 48.64 29.35 -14.15
C VAL E 224 48.02 30.45 -15.01
N PRO E 225 47.79 31.64 -14.46
CA PRO E 225 47.51 32.79 -15.31
C PRO E 225 48.76 33.14 -16.13
N VAL E 226 48.54 33.46 -17.40
CA VAL E 226 49.65 33.62 -18.33
C VAL E 226 50.44 34.88 -17.99
N SER E 227 51.76 34.76 -18.01
CA SER E 227 52.62 35.94 -17.87
C SER E 227 52.37 36.89 -19.03
N GLU E 228 52.44 38.20 -18.75
CA GLU E 228 52.15 39.18 -19.79
C GLU E 228 53.19 39.11 -20.91
N GLY E 229 54.46 38.91 -20.56
CA GLY E 229 55.45 38.63 -21.59
C GLY E 229 55.15 37.33 -22.31
N CYS E 230 54.54 36.37 -21.62
CA CYS E 230 54.19 35.10 -22.26
C CYS E 230 52.95 35.27 -23.12
N SER E 231 51.92 35.95 -22.59
CA SER E 231 50.67 36.12 -23.32
C SER E 231 50.91 36.79 -24.67
N GLN E 232 51.90 37.68 -24.75
CA GLN E 232 52.21 38.32 -26.03
C GLN E 232 52.69 37.29 -27.05
N ALA E 233 53.74 36.53 -26.70
CA ALA E 233 54.32 35.56 -27.62
C ALA E 233 53.47 34.31 -27.77
N LEU E 234 52.66 33.98 -26.75
CA LEU E 234 51.72 32.88 -26.91
C LEU E 234 50.66 33.24 -27.93
N MET E 235 50.37 34.53 -28.09
CA MET E 235 49.38 34.95 -29.08
C MET E 235 49.88 34.72 -30.49
N ARG E 236 51.18 34.95 -30.74
CA ARG E 236 51.71 34.85 -32.09
C ARG E 236 51.62 33.43 -32.63
N LEU E 237 51.71 32.41 -31.76
CA LEU E 237 51.73 31.03 -32.21
C LEU E 237 50.40 30.63 -32.84
N ILE E 238 49.30 30.80 -32.11
CA ILE E 238 48.02 30.25 -32.51
C ILE E 238 46.99 31.34 -32.78
N GLY E 239 47.40 32.60 -32.80
CA GLY E 239 46.46 33.69 -32.92
C GLY E 239 46.60 34.56 -34.16
N CYS E 240 47.78 35.13 -34.38
CA CYS E 240 47.95 36.08 -35.48
C CYS E 240 47.70 35.51 -36.87
N PRO E 241 47.86 34.20 -37.14
CA PRO E 241 47.34 33.68 -38.42
C PRO E 241 45.86 33.94 -38.63
N LEU E 242 45.06 33.95 -37.56
CA LEU E 242 43.64 34.27 -37.70
C LEU E 242 43.46 35.67 -38.27
N CYS E 243 44.38 36.58 -37.95
CA CYS E 243 44.26 37.96 -38.40
C CYS E 243 44.55 38.09 -39.90
N ARG E 244 45.59 37.43 -40.38
CA ARG E 244 45.99 37.54 -41.78
C ARG E 244 46.11 36.15 -42.36
N GLY E 245 45.29 35.83 -43.36
CA GLY E 245 45.39 34.56 -44.03
C GLY E 245 44.71 33.43 -43.28
N VAL E 246 45.06 32.22 -43.71
CA VAL E 246 44.47 31.03 -43.10
C VAL E 246 45.04 30.84 -41.70
N PRO E 247 44.27 30.34 -40.75
CA PRO E 247 44.84 29.98 -39.45
C PRO E 247 45.14 28.50 -39.39
N SER E 248 45.17 27.88 -40.57
CA SER E 248 45.32 26.45 -40.71
C SER E 248 46.76 26.01 -40.87
N LEU E 249 47.72 26.92 -40.67
CA LEU E 249 49.14 26.56 -40.70
C LEU E 249 49.57 26.25 -39.26
N MET E 250 49.33 25.01 -38.87
CA MET E 250 49.60 24.54 -37.51
C MET E 250 51.08 24.65 -37.20
N PRO E 251 51.48 25.47 -36.23
CA PRO E 251 52.91 25.62 -35.93
C PRO E 251 53.47 24.32 -35.36
N CYS E 252 54.64 23.93 -35.88
CA CYS E 252 55.25 22.66 -35.50
C CYS E 252 55.94 22.80 -34.15
N GLN E 253 56.68 21.76 -33.77
CA GLN E 253 57.41 21.76 -32.51
C GLN E 253 58.40 22.92 -32.44
N GLY E 254 59.00 23.27 -33.58
CA GLY E 254 60.01 24.32 -33.63
C GLY E 254 59.63 25.59 -32.90
N PHE E 255 58.64 26.31 -33.42
CA PHE E 255 58.19 27.54 -32.79
C PHE E 255 57.32 27.28 -31.56
N CYS E 256 56.82 26.06 -31.38
CA CYS E 256 55.90 25.78 -30.29
C CYS E 256 56.63 25.58 -28.97
N LEU E 257 57.60 24.68 -28.95
CA LEU E 257 58.16 24.22 -27.67
C LEU E 257 58.81 25.36 -26.89
N ASN E 258 59.59 26.20 -27.57
CA ASN E 258 60.24 27.30 -26.85
C ASN E 258 59.20 28.25 -26.25
N VAL E 259 58.02 28.34 -26.85
CA VAL E 259 56.94 29.11 -26.25
C VAL E 259 56.39 28.39 -25.03
N VAL E 260 56.22 27.07 -25.12
CA VAL E 260 55.64 26.32 -24.01
C VAL E 260 56.58 26.34 -22.81
N ARG E 261 57.84 25.95 -23.01
CA ARG E 261 58.82 26.01 -21.92
C ARG E 261 59.11 27.45 -21.50
N GLY E 262 58.95 28.41 -22.42
CA GLY E 262 59.22 29.80 -22.10
C GLY E 262 58.32 30.35 -21.00
N CYS E 263 57.19 29.68 -20.75
CA CYS E 263 56.28 30.08 -19.69
C CYS E 263 56.07 29.01 -18.64
N LEU E 264 56.48 27.77 -18.90
CA LEU E 264 56.34 26.68 -17.95
C LEU E 264 57.64 26.31 -17.26
N SER E 265 58.75 26.98 -17.60
CA SER E 265 60.00 26.73 -16.89
C SER E 265 59.94 27.26 -15.47
N SER E 266 59.40 28.46 -15.29
CA SER E 266 59.33 29.07 -13.96
C SER E 266 58.45 28.24 -13.03
N ARG E 267 57.31 27.77 -13.51
CA ARG E 267 56.46 26.86 -12.75
C ARG E 267 57.03 25.45 -12.69
N GLY E 268 58.14 25.18 -13.37
CA GLY E 268 58.71 23.85 -13.41
C GLY E 268 59.49 23.48 -12.17
N LEU E 269 58.81 22.99 -11.14
CA LEU E 269 59.45 22.51 -9.92
C LEU E 269 59.99 21.09 -10.07
N GLU E 270 60.67 20.81 -11.19
CA GLU E 270 61.14 19.46 -11.49
C GLU E 270 62.05 18.89 -10.41
N PRO E 271 63.09 19.58 -9.94
CA PRO E 271 63.98 18.95 -8.94
C PRO E 271 63.29 18.64 -7.63
N ASP E 272 62.42 19.53 -7.15
CA ASP E 272 61.72 19.33 -5.89
C ASP E 272 60.59 18.31 -6.00
N TRP E 273 60.36 17.75 -7.19
CA TRP E 273 59.28 16.80 -7.39
C TRP E 273 59.73 15.34 -7.23
N GLY E 274 61.01 15.05 -7.49
CA GLY E 274 61.48 13.68 -7.41
C GLY E 274 61.55 13.17 -5.98
N ASN E 275 62.02 14.01 -5.06
CA ASN E 275 62.16 13.59 -3.67
C ASN E 275 60.81 13.26 -3.04
N TYR E 276 59.75 13.97 -3.45
CA TYR E 276 58.43 13.71 -2.90
C TYR E 276 57.96 12.31 -3.26
N LEU E 277 58.06 11.95 -4.54
CA LEU E 277 57.66 10.60 -4.96
C LEU E 277 58.61 9.55 -4.43
N ASP E 278 59.89 9.92 -4.20
CA ASP E 278 60.82 8.97 -3.59
C ASP E 278 60.50 8.74 -2.13
N GLY E 279 60.03 9.77 -1.43
CA GLY E 279 59.69 9.61 -0.03
C GLY E 279 58.36 8.92 0.20
N LEU E 280 57.45 9.00 -0.76
CA LEU E 280 56.18 8.29 -0.65
C LEU E 280 56.41 6.78 -0.68
N LEU E 281 57.29 6.32 -1.56
CA LEU E 281 57.55 4.88 -1.67
C LEU E 281 58.36 4.39 -0.46
N ILE E 282 59.28 5.22 0.04
CA ILE E 282 60.11 4.80 1.17
C ILE E 282 59.26 4.66 2.43
N LEU E 283 58.38 5.63 2.70
CA LEU E 283 57.50 5.53 3.86
C LEU E 283 56.55 4.36 3.74
N ALA E 284 55.99 4.15 2.53
CA ALA E 284 55.01 3.09 2.34
C ALA E 284 55.64 1.71 2.58
N ASP E 285 56.91 1.55 2.20
CA ASP E 285 57.59 0.26 2.43
C ASP E 285 57.73 -0.01 3.93
N LYS E 286 58.11 1.01 4.70
CA LYS E 286 58.23 0.83 6.15
C LYS E 286 56.87 0.62 6.80
N LEU E 287 55.81 1.19 6.21
CA LEU E 287 54.48 1.10 6.79
C LEU E 287 53.77 -0.21 6.47
N GLN E 288 54.28 -0.99 5.52
CA GLN E 288 53.70 -2.28 5.20
C GLN E 288 54.37 -3.43 5.92
N GLY E 289 55.39 -3.17 6.73
CA GLY E 289 56.13 -4.20 7.42
C GLY E 289 56.25 -3.95 8.91
N PRO E 290 57.31 -3.24 9.31
CA PRO E 290 57.56 -3.01 10.74
C PRO E 290 56.44 -2.24 11.43
N PHE E 291 56.11 -1.06 10.92
CA PHE E 291 55.07 -0.22 11.51
C PHE E 291 53.67 -0.63 11.09
N SER E 292 53.52 -1.75 10.40
CA SER E 292 52.23 -2.14 9.85
C SER E 292 51.22 -2.41 10.95
N PHE E 293 49.94 -2.23 10.61
CA PHE E 293 48.88 -2.44 11.58
C PHE E 293 48.72 -3.91 11.96
N GLU E 294 49.04 -4.81 11.04
CA GLU E 294 48.94 -6.24 11.35
C GLU E 294 49.87 -6.62 12.49
N LEU E 295 51.06 -6.00 12.55
CA LEU E 295 51.95 -6.25 13.68
C LEU E 295 51.49 -5.51 14.93
N THR E 296 50.97 -4.30 14.75
CA THR E 296 50.40 -3.55 15.87
C THR E 296 48.99 -4.00 16.23
N ALA E 297 48.47 -5.03 15.56
CA ALA E 297 47.18 -5.60 15.93
C ALA E 297 47.30 -6.68 17.00
N GLU E 298 48.39 -7.45 16.97
CA GLU E 298 48.63 -8.45 18.00
C GLU E 298 49.66 -8.02 19.04
N SER E 299 50.53 -7.06 18.72
CA SER E 299 51.51 -6.59 19.70
C SER E 299 50.83 -5.90 20.87
N ILE E 300 49.68 -5.27 20.65
CA ILE E 300 48.91 -4.71 21.75
C ILE E 300 48.44 -5.82 22.68
N GLY E 301 47.92 -6.91 22.11
CA GLY E 301 47.48 -8.01 22.93
C GLY E 301 48.61 -8.74 23.63
N VAL E 302 49.79 -8.78 23.01
CA VAL E 302 50.93 -9.46 23.62
C VAL E 302 51.44 -8.67 24.82
N LYS E 303 51.68 -7.37 24.62
CA LYS E 303 52.23 -6.55 25.70
C LYS E 303 51.28 -6.44 26.88
N ILE E 304 49.97 -6.44 26.63
CA ILE E 304 49.00 -6.40 27.73
C ILE E 304 49.01 -7.73 28.48
N SER E 305 48.98 -8.84 27.74
CA SER E 305 49.07 -10.15 28.37
C SER E 305 50.42 -10.34 29.06
N GLU E 306 51.49 -9.85 28.43
CA GLU E 306 52.80 -9.87 29.08
C GLU E 306 52.83 -8.94 30.29
N GLY E 307 52.19 -7.77 30.18
CA GLY E 307 52.17 -6.84 31.30
C GLY E 307 51.44 -7.38 32.50
N LEU E 308 50.40 -8.19 32.30
CA LEU E 308 49.69 -8.79 33.42
C LEU E 308 50.54 -9.85 34.10
N MET E 309 51.25 -10.66 33.31
CA MET E 309 52.11 -11.70 33.90
C MET E 309 53.23 -11.09 34.71
N TYR E 310 53.66 -9.87 34.37
CA TYR E 310 54.61 -9.16 35.22
C TYR E 310 53.98 -8.86 36.58
N LEU E 311 52.81 -8.23 36.58
CA LEU E 311 52.15 -7.86 37.83
C LEU E 311 51.79 -9.09 38.66
N GLN E 312 51.40 -10.18 37.99
CA GLN E 312 51.01 -11.38 38.72
C GLN E 312 52.17 -11.97 39.51
N GLU E 313 53.35 -12.01 38.90
CA GLU E 313 54.52 -12.56 39.57
C GLU E 313 55.34 -11.52 40.32
N ASN E 314 54.99 -10.27 40.08
CA ASN E 314 55.69 -9.15 40.76
C ASN E 314 54.71 -8.51 41.75
N SER E 315 53.55 -9.12 41.96
CA SER E 315 52.53 -8.56 42.87
C SER E 315 53.03 -8.47 44.30
N ALA E 316 53.86 -9.40 44.74
CA ALA E 316 54.34 -9.42 46.13
C ALA E 316 55.09 -8.14 46.46
N LYS E 317 55.95 -7.68 45.54
CA LYS E 317 56.75 -6.46 45.79
C LYS E 317 56.09 -5.20 45.27
N VAL E 318 54.91 -5.28 44.65
CA VAL E 318 54.21 -4.01 44.29
C VAL E 318 53.06 -3.84 45.27
N SER E 319 52.25 -4.86 45.48
CA SER E 319 51.09 -4.68 46.38
C SER E 319 51.55 -4.35 47.79
N ALA E 320 52.63 -4.99 48.27
CA ALA E 320 53.06 -4.67 49.64
C ALA E 320 53.42 -3.20 49.70
N GLN E 321 54.19 -2.72 48.74
CA GLN E 321 54.53 -1.29 48.75
C GLN E 321 53.26 -0.49 48.49
N VAL E 322 52.43 -0.94 47.56
CA VAL E 322 51.23 -0.16 47.15
C VAL E 322 50.10 -0.40 48.13
N PHE E 323 50.11 0.29 49.25
CA PHE E 323 49.03 0.10 50.25
C PHE E 323 48.30 1.42 50.45
N GLN E 324 48.84 2.53 49.94
CA GLN E 324 48.37 3.90 50.18
C GLN E 324 46.91 4.10 49.76
N GLU E 325 46.67 4.32 48.47
CA GLU E 325 45.32 4.67 48.04
C GLU E 325 45.15 4.41 46.55
N CYS E 326 43.99 3.84 46.20
CA CYS E 326 43.55 3.60 44.84
C CYS E 326 44.64 2.94 43.98
N GLY E 327 44.77 1.63 44.11
CA GLY E 327 45.76 0.89 43.33
C GLY E 327 45.15 -0.13 42.40
N THR E 360 28.11 -4.09 6.29
CA THR E 360 29.06 -4.99 5.68
C THR E 360 29.84 -4.29 4.56
N THR E 361 30.79 -3.44 4.96
CA THR E 361 31.56 -2.66 3.99
C THR E 361 32.43 -3.57 3.12
N ALA E 362 32.69 -3.10 1.90
CA ALA E 362 33.53 -3.82 0.94
C ALA E 362 35.01 -3.51 1.13
N ALA E 363 35.37 -2.75 2.16
CA ALA E 363 36.76 -2.36 2.37
C ALA E 363 37.55 -3.56 2.90
N GLY E 364 38.75 -3.31 3.38
CA GLY E 364 39.63 -4.37 3.81
C GLY E 364 40.63 -4.84 2.78
N THR E 365 40.89 -4.03 1.75
CA THR E 365 41.86 -4.38 0.74
C THR E 365 43.24 -4.58 1.37
N ASN E 366 43.97 -5.59 0.89
CA ASN E 366 45.25 -5.93 1.46
C ASN E 366 46.23 -4.76 1.35
N LEU E 367 47.03 -4.56 2.40
CA LEU E 367 47.98 -3.46 2.40
C LEU E 367 49.08 -3.68 1.37
N HIS E 368 49.50 -4.93 1.19
CA HIS E 368 50.49 -5.23 0.15
C HIS E 368 49.95 -4.86 -1.23
N ARG E 369 48.66 -5.08 -1.46
CA ARG E 369 48.07 -4.74 -2.75
C ARG E 369 48.03 -3.23 -2.95
N LEU E 370 47.62 -2.48 -1.93
CA LEU E 370 47.53 -1.03 -2.05
C LEU E 370 48.90 -0.40 -2.30
N VAL E 371 49.94 -0.95 -1.68
CA VAL E 371 51.27 -0.34 -1.79
C VAL E 371 51.78 -0.42 -3.22
N TRP E 372 51.78 -1.62 -3.81
CA TRP E 372 52.27 -1.73 -5.18
C TRP E 372 51.28 -1.14 -6.18
N GLU E 373 49.98 -1.15 -5.86
CA GLU E 373 49.01 -0.45 -6.71
C GLU E 373 49.36 1.03 -6.79
N LEU E 374 49.74 1.61 -5.65
CA LEU E 374 50.25 2.98 -5.65
C LEU E 374 51.58 3.08 -6.39
N ARG E 375 52.42 2.05 -6.29
CA ARG E 375 53.74 2.12 -6.87
C ARG E 375 53.68 2.15 -8.40
N GLU E 376 52.64 1.54 -9.00
CA GLU E 376 52.47 1.59 -10.44
C GLU E 376 51.76 2.86 -10.89
N ARG E 377 50.93 3.45 -10.02
CA ARG E 377 50.31 4.73 -10.33
C ARG E 377 51.35 5.83 -10.41
N LEU E 378 52.35 5.78 -9.52
CA LEU E 378 53.34 6.83 -9.40
C LEU E 378 54.52 6.65 -10.36
N ALA E 379 54.53 5.56 -11.14
CA ALA E 379 55.59 5.37 -12.12
C ALA E 379 55.45 6.31 -13.30
N ARG E 380 54.23 6.75 -13.59
CA ARG E 380 53.94 7.68 -14.67
C ARG E 380 53.87 9.13 -14.18
N MET E 381 54.65 9.47 -13.15
CA MET E 381 54.70 10.85 -12.68
C MET E 381 56.10 11.37 -12.42
N ARG E 382 57.13 10.52 -12.36
CA ARG E 382 58.47 11.00 -12.04
C ARG E 382 58.97 12.01 -13.07
N GLY E 383 58.68 11.78 -14.34
CA GLY E 383 59.13 12.68 -15.37
C GLY E 383 57.98 13.39 -16.07
N PHE E 384 56.95 13.77 -15.31
CA PHE E 384 55.78 14.39 -15.93
C PHE E 384 56.11 15.78 -16.44
N TRP E 385 56.75 16.61 -15.62
CA TRP E 385 56.95 18.01 -16.00
C TRP E 385 57.83 18.13 -17.24
N ALA E 386 58.79 17.20 -17.41
CA ALA E 386 59.64 17.24 -18.59
C ALA E 386 58.85 16.96 -19.86
N ARG E 387 57.89 16.04 -19.79
CA ARG E 387 57.07 15.66 -20.94
C ARG E 387 55.85 16.54 -21.12
N LEU E 388 55.66 17.56 -20.27
CA LEU E 388 54.46 18.37 -20.35
C LEU E 388 54.40 19.13 -21.67
N SER E 389 55.51 19.73 -22.08
CA SER E 389 55.52 20.54 -23.30
C SER E 389 55.20 19.69 -24.53
N LEU E 390 55.72 18.46 -24.58
CA LEU E 390 55.44 17.59 -25.73
C LEU E 390 53.97 17.20 -25.75
N THR E 391 53.36 17.00 -24.59
CA THR E 391 51.95 16.65 -24.54
C THR E 391 51.08 17.86 -24.88
N VAL E 392 51.47 19.05 -24.41
CA VAL E 392 50.69 20.25 -24.68
C VAL E 392 50.64 20.53 -26.18
N CYS E 393 51.78 20.45 -26.85
CA CYS E 393 51.84 20.63 -28.30
C CYS E 393 51.73 19.31 -29.06
N GLY E 394 51.00 18.35 -28.50
CA GLY E 394 50.70 17.11 -29.19
C GLY E 394 49.20 16.92 -29.32
N ASP E 395 48.47 18.03 -29.35
CA ASP E 395 47.02 18.03 -29.43
C ASP E 395 46.59 19.07 -30.44
N SER E 396 46.15 18.61 -31.62
CA SER E 396 45.63 19.47 -32.68
C SER E 396 46.70 20.42 -33.23
N ARG E 397 47.98 20.05 -33.07
CA ARG E 397 49.10 20.82 -33.60
C ARG E 397 50.18 19.89 -34.13
N MET E 398 49.78 18.81 -34.80
CA MET E 398 50.73 17.78 -35.18
C MET E 398 51.72 18.30 -36.23
N ALA E 399 52.94 17.76 -36.17
CA ALA E 399 54.01 18.16 -37.07
C ALA E 399 54.62 16.90 -37.70
N ALA E 400 54.55 16.82 -39.02
CA ALA E 400 55.09 15.65 -39.73
C ALA E 400 55.89 16.08 -40.96
N LEU E 404 48.70 20.69 -50.14
CA LEU E 404 50.02 20.07 -50.09
C LEU E 404 50.18 19.15 -48.87
N GLU E 405 51.40 18.67 -48.66
CA GLU E 405 51.71 17.79 -47.54
C GLU E 405 52.43 18.55 -46.44
N ALA E 406 53.47 17.95 -45.88
CA ALA E 406 54.24 18.59 -44.81
C ALA E 406 54.88 19.87 -45.32
N ALA E 407 54.60 20.98 -44.63
CA ALA E 407 55.08 22.30 -45.01
C ALA E 407 55.63 23.01 -43.80
N PRO E 408 56.55 23.97 -43.99
CA PRO E 408 57.05 24.77 -42.87
C PRO E 408 55.93 25.45 -42.09
N CYS E 409 56.19 25.75 -40.82
CA CYS E 409 55.15 26.13 -39.87
C CYS E 409 54.98 27.64 -39.82
N TRP E 410 54.02 28.08 -39.01
CA TRP E 410 53.80 29.50 -38.82
C TRP E 410 54.74 30.03 -37.74
N THR E 411 55.41 31.14 -38.04
CA THR E 411 56.32 31.80 -37.12
C THR E 411 55.76 33.20 -36.81
N GLY E 412 56.49 33.95 -35.98
CA GLY E 412 56.02 35.25 -35.55
C GLY E 412 56.50 36.41 -36.39
N ALA E 413 56.88 36.15 -37.64
CA ALA E 413 57.35 37.21 -38.51
C ALA E 413 57.07 36.89 -39.99
N GLY E 414 56.87 35.62 -40.29
CA GLY E 414 56.61 35.22 -41.67
C GLY E 414 56.40 33.73 -41.76
N ARG E 415 56.12 33.28 -42.98
CA ARG E 415 55.88 31.87 -43.27
C ARG E 415 57.16 31.14 -43.63
N GLY E 416 58.25 31.41 -42.92
CA GLY E 416 59.53 30.77 -43.18
C GLY E 416 59.79 29.59 -42.25
N ARG E 417 60.92 28.94 -42.48
CA ARG E 417 61.32 27.82 -41.65
C ARG E 417 61.77 28.32 -40.29
N TYR E 418 62.21 27.39 -39.44
CA TYR E 418 62.50 27.72 -38.05
C TYR E 418 63.88 27.24 -37.65
N LEU E 419 64.41 27.89 -36.61
CA LEU E 419 65.75 27.65 -36.09
C LEU E 419 65.73 26.44 -35.15
N PRO E 420 66.90 25.91 -34.79
CA PRO E 420 66.96 24.81 -33.82
C PRO E 420 66.28 25.18 -32.52
N PRO E 421 65.39 24.33 -32.01
CA PRO E 421 64.64 24.66 -30.79
C PRO E 421 65.51 24.49 -29.55
N VAL E 422 65.56 25.53 -28.72
CA VAL E 422 66.25 25.43 -27.44
C VAL E 422 65.56 24.40 -26.57
N VAL E 423 66.36 23.48 -25.99
CA VAL E 423 65.79 22.44 -25.14
C VAL E 423 65.01 23.06 -23.99
N GLY E 424 65.57 24.11 -23.38
CA GLY E 424 64.88 24.82 -22.31
C GLY E 424 64.50 23.96 -21.13
N GLY E 425 65.21 22.87 -20.89
CA GLY E 425 64.92 21.98 -19.79
C GLY E 425 65.03 22.67 -18.45
N SER E 426 66.21 23.24 -18.16
CA SER E 426 66.36 23.98 -16.91
C SER E 426 66.06 25.45 -17.15
N PRO E 427 65.29 26.09 -16.27
CA PRO E 427 64.96 27.51 -16.48
C PRO E 427 66.18 28.41 -16.53
N ALA E 428 67.26 28.07 -15.83
CA ALA E 428 68.48 28.86 -15.92
C ALA E 428 69.09 28.78 -17.31
N GLU E 429 69.11 27.60 -17.91
CA GLU E 429 69.50 27.48 -19.32
C GLU E 429 68.44 28.08 -20.22
N GLN E 430 67.18 28.00 -19.82
CA GLN E 430 66.07 28.56 -20.57
C GLN E 430 66.07 30.09 -20.56
N VAL E 431 66.85 30.71 -19.66
CA VAL E 431 66.97 32.17 -19.63
C VAL E 431 67.28 32.70 -21.02
N ASN E 432 68.14 32.00 -21.77
CA ASN E 432 68.47 32.38 -23.14
C ASN E 432 67.40 31.83 -24.09
N ASN E 433 66.18 32.35 -23.92
CA ASN E 433 65.05 31.93 -24.74
C ASN E 433 64.82 32.94 -25.85
N PRO E 434 64.92 32.55 -27.12
CA PRO E 434 64.63 33.52 -28.20
C PRO E 434 63.18 33.96 -28.23
N GLU E 435 62.24 33.04 -28.04
CA GLU E 435 60.84 33.38 -28.30
C GLU E 435 60.24 34.20 -27.16
N LEU E 436 60.46 33.77 -25.92
CA LEU E 436 59.84 34.28 -24.71
C LEU E 436 60.84 35.09 -23.88
N LYS E 437 60.34 35.61 -22.77
CA LYS E 437 61.14 36.34 -21.80
C LYS E 437 60.86 35.82 -20.41
N VAL E 438 61.94 35.38 -19.73
CA VAL E 438 61.90 34.83 -18.34
C VAL E 438 62.37 35.93 -17.39
N ASP E 439 62.14 35.78 -16.08
CA ASP E 439 62.55 36.84 -15.13
C ASP E 439 64.02 36.64 -14.69
N ALA E 440 64.51 37.42 -13.73
CA ALA E 440 65.94 37.40 -13.33
C ALA E 440 66.36 36.00 -12.89
N SER E 441 65.50 35.34 -12.13
CA SER E 441 65.65 33.93 -11.71
C SER E 441 64.42 33.24 -12.25
N GLY E 442 64.54 32.03 -12.80
CA GLY E 442 63.36 31.45 -13.47
C GLY E 442 62.19 31.28 -12.53
N PRO E 443 62.40 30.74 -11.32
CA PRO E 443 61.30 30.53 -10.39
C PRO E 443 60.52 31.81 -10.11
N ASP E 444 59.20 31.70 -10.16
CA ASP E 444 58.23 32.80 -9.90
C ASP E 444 57.96 32.94 -8.40
N VAL E 445 56.97 33.78 -8.08
CA VAL E 445 56.61 34.11 -6.71
C VAL E 445 55.85 32.96 -6.05
N PRO E 446 54.74 32.44 -6.65
CA PRO E 446 53.97 31.42 -5.93
C PRO E 446 54.63 30.05 -5.93
N THR E 447 55.33 29.70 -7.02
CA THR E 447 55.94 28.39 -7.11
C THR E 447 57.06 28.22 -6.09
N ARG E 448 57.82 29.30 -5.85
CA ARG E 448 58.87 29.23 -4.84
C ARG E 448 58.29 29.09 -3.45
N ARG E 449 57.09 29.63 -3.23
CA ARG E 449 56.37 29.40 -1.99
C ARG E 449 55.51 28.13 -2.03
N ARG E 450 55.28 27.57 -3.21
CA ARG E 450 54.66 26.25 -3.32
C ARG E 450 55.69 25.13 -3.40
N ARG E 451 56.95 25.44 -3.13
CA ARG E 451 58.02 24.45 -2.99
C ARG E 451 58.79 24.71 -1.70
N LEU E 452 58.07 24.99 -0.62
CA LEU E 452 58.65 25.24 0.69
C LEU E 452 57.81 24.55 1.76
N GLN E 453 56.61 25.07 2.01
CA GLN E 453 55.68 24.36 2.88
C GLN E 453 55.37 22.97 2.34
N LEU E 454 55.40 22.82 1.02
CA LEU E 454 55.17 21.57 0.33
C LEU E 454 56.46 20.89 -0.16
N ARG E 455 57.60 21.58 -0.05
CA ARG E 455 58.87 20.89 0.02
C ARG E 455 59.06 20.34 1.44
N ALA E 456 59.98 19.39 1.57
CA ALA E 456 60.30 18.72 2.83
C ALA E 456 59.07 18.10 3.50
N ALA E 457 57.99 17.90 2.74
CA ALA E 457 56.98 16.97 3.20
C ALA E 457 57.59 15.58 3.29
N THR E 458 58.55 15.30 2.40
CA THR E 458 59.42 14.14 2.54
C THR E 458 60.09 14.12 3.91
N ALA E 459 60.60 15.28 4.35
CA ALA E 459 61.26 15.35 5.65
C ALA E 459 60.32 14.97 6.78
N ARG E 460 59.05 15.40 6.69
CA ARG E 460 58.07 14.96 7.68
C ARG E 460 57.71 13.49 7.50
N MET E 461 57.88 12.95 6.30
CA MET E 461 57.63 11.54 6.03
C MET E 461 58.87 10.68 6.23
N LYS E 462 60.05 11.17 5.81
CA LYS E 462 61.27 10.41 5.99
C LYS E 462 61.63 10.27 7.46
N THR E 463 61.49 11.35 8.24
CA THR E 463 61.72 11.26 9.68
C THR E 463 60.75 10.27 10.32
N ALA E 464 59.48 10.35 9.95
CA ALA E 464 58.51 9.37 10.44
C ALA E 464 58.83 7.96 9.96
N ALA E 465 59.41 7.84 8.76
CA ALA E 465 59.86 6.53 8.30
C ALA E 465 61.00 5.99 9.16
N LEU E 466 61.78 6.87 9.77
CA LEU E 466 62.82 6.45 10.70
C LEU E 466 62.25 6.09 12.06
N GLY E 467 61.06 6.61 12.41
CA GLY E 467 60.44 6.39 13.70
C GLY E 467 60.35 7.65 14.55
N HIS E 468 61.32 8.54 14.41
CA HIS E 468 61.30 9.80 15.15
C HIS E 468 60.35 10.79 14.49
N ASP E 469 59.84 11.73 15.28
CA ASP E 469 58.80 12.64 14.82
C ASP E 469 59.18 14.08 15.09
N LEU E 470 58.88 14.95 14.13
CA LEU E 470 59.10 16.38 14.28
C LEU E 470 57.77 17.11 14.40
N GLU F 1 38.05 16.19 -30.84
CA GLU F 1 39.15 16.43 -29.91
C GLU F 1 39.72 15.09 -29.42
N VAL F 2 39.43 14.74 -28.16
CA VAL F 2 39.87 13.46 -27.62
C VAL F 2 38.99 12.37 -28.20
N GLN F 3 39.60 11.47 -28.96
CA GLN F 3 38.86 10.52 -29.78
C GLN F 3 39.37 9.11 -29.55
N LEU F 4 38.43 8.18 -29.31
CA LEU F 4 38.72 6.76 -29.17
C LEU F 4 37.87 6.01 -30.19
N VAL F 5 38.43 5.77 -31.37
CA VAL F 5 37.73 5.09 -32.46
C VAL F 5 38.11 3.61 -32.44
N GLU F 6 37.10 2.74 -32.46
CA GLU F 6 37.30 1.30 -32.37
C GLU F 6 36.68 0.61 -33.57
N THR F 7 37.34 -0.48 -34.02
CA THR F 7 36.92 -1.23 -35.18
C THR F 7 37.15 -2.72 -34.92
N GLY F 8 36.80 -3.55 -35.91
CA GLY F 8 37.06 -4.96 -35.86
C GLY F 8 35.85 -5.84 -35.58
N GLY F 9 34.66 -5.25 -35.44
CA GLY F 9 33.48 -6.04 -35.13
C GLY F 9 32.97 -6.82 -36.35
N GLY F 10 32.30 -7.92 -36.07
CA GLY F 10 31.78 -8.74 -37.13
C GLY F 10 30.84 -9.80 -36.62
N VAL F 11 30.63 -10.83 -37.44
CA VAL F 11 29.74 -11.94 -37.14
C VAL F 11 30.58 -13.21 -37.14
N VAL F 12 30.52 -13.96 -36.03
CA VAL F 12 31.29 -15.18 -35.88
C VAL F 12 30.41 -16.27 -35.29
N LYS F 13 30.40 -17.44 -35.92
CA LYS F 13 29.67 -18.57 -35.38
C LYS F 13 30.35 -19.06 -34.10
N PRO F 14 29.61 -19.70 -33.20
CA PRO F 14 30.19 -20.17 -31.94
C PRO F 14 31.45 -21.00 -32.16
N GLY F 15 32.50 -20.64 -31.42
CA GLY F 15 33.83 -21.16 -31.68
C GLY F 15 34.71 -20.23 -32.47
N GLY F 16 34.20 -19.06 -32.87
CA GLY F 16 34.98 -18.10 -33.61
C GLY F 16 35.84 -17.24 -32.71
N SER F 17 36.47 -16.24 -33.33
CA SER F 17 37.38 -15.36 -32.62
C SER F 17 37.57 -14.09 -33.42
N LEU F 18 37.55 -12.95 -32.73
CA LEU F 18 37.71 -11.64 -33.34
C LEU F 18 38.81 -10.87 -32.60
N ARG F 19 39.24 -9.78 -33.22
CA ARG F 19 40.30 -8.92 -32.67
C ARG F 19 39.88 -7.48 -32.87
N LEU F 20 39.55 -6.79 -31.78
CA LEU F 20 39.09 -5.41 -31.82
C LEU F 20 40.23 -4.48 -31.43
N SER F 21 40.30 -3.33 -32.11
CA SER F 21 41.36 -2.35 -31.89
C SER F 21 40.74 -1.00 -31.55
N CYS F 22 41.35 -0.30 -30.60
CA CYS F 22 40.86 0.99 -30.12
C CYS F 22 41.89 2.07 -30.47
N ALA F 23 41.77 2.64 -31.66
CA ALA F 23 42.68 3.70 -32.09
C ALA F 23 42.43 4.96 -31.28
N ALA F 24 43.47 5.43 -30.59
CA ALA F 24 43.37 6.58 -29.70
C ALA F 24 44.09 7.78 -30.30
N SER F 25 43.53 8.96 -30.10
CA SER F 25 44.14 10.20 -30.57
C SER F 25 43.60 11.36 -29.73
N GLY F 26 44.39 12.42 -29.65
CA GLY F 26 44.01 13.60 -28.91
C GLY F 26 44.53 13.68 -27.49
N PHE F 27 45.38 12.74 -27.08
CA PHE F 27 45.92 12.70 -25.73
C PHE F 27 47.03 11.66 -25.70
N THR F 28 47.85 11.74 -24.65
CA THR F 28 48.92 10.76 -24.45
C THR F 28 48.33 9.45 -23.98
N PHE F 29 48.47 8.40 -24.79
CA PHE F 29 47.91 7.10 -24.45
C PHE F 29 48.65 6.45 -23.29
N SER F 30 49.90 6.83 -23.07
CA SER F 30 50.76 6.15 -22.10
C SER F 30 50.51 6.55 -20.66
N ASP F 31 49.66 7.54 -20.42
CA ASP F 31 49.44 8.07 -19.07
C ASP F 31 48.19 7.51 -18.41
N TYR F 32 47.10 7.34 -19.16
CA TYR F 32 45.80 7.02 -18.58
C TYR F 32 45.53 5.52 -18.65
N TYR F 33 44.73 5.04 -17.70
CA TYR F 33 44.31 3.65 -17.70
C TYR F 33 43.18 3.43 -18.70
N MET F 34 43.13 2.23 -19.27
CA MET F 34 42.12 1.86 -20.26
C MET F 34 41.31 0.68 -19.77
N SER F 35 40.18 0.45 -20.43
CA SER F 35 39.25 -0.61 -20.04
C SER F 35 38.33 -0.93 -21.21
N TRP F 36 37.63 -2.06 -21.09
CA TRP F 36 36.66 -2.50 -22.09
C TRP F 36 35.33 -2.76 -21.38
N ILE F 37 34.31 -2.01 -21.75
CA ILE F 37 32.97 -2.13 -21.17
C ILE F 37 32.01 -2.47 -22.29
N ARG F 38 31.25 -3.55 -22.13
CA ARG F 38 30.34 -4.00 -23.17
C ARG F 38 28.89 -3.84 -22.75
N GLN F 39 28.01 -3.87 -23.74
CA GLN F 39 26.57 -3.68 -23.56
C GLN F 39 25.80 -4.57 -24.53
N ALA F 40 24.94 -5.42 -23.99
CA ALA F 40 24.12 -6.36 -24.77
C ALA F 40 22.98 -5.60 -25.44
N PRO F 41 22.13 -6.29 -26.21
CA PRO F 41 20.86 -5.65 -26.61
C PRO F 41 20.07 -5.10 -25.43
N GLY F 42 20.05 -5.83 -24.32
CA GLY F 42 19.53 -5.25 -23.09
C GLY F 42 20.42 -4.10 -22.64
N LYS F 43 19.78 -3.08 -22.07
CA LYS F 43 20.46 -1.82 -21.79
C LYS F 43 21.44 -1.90 -20.63
N GLY F 44 21.62 -3.06 -20.02
CA GLY F 44 22.58 -3.18 -18.94
C GLY F 44 24.01 -3.01 -19.43
N LEU F 45 24.84 -2.44 -18.56
CA LEU F 45 26.26 -2.20 -18.85
C LEU F 45 27.10 -3.15 -18.02
N GLU F 46 27.93 -3.94 -18.69
CA GLU F 46 28.80 -4.92 -18.03
C GLU F 46 30.25 -4.57 -18.31
N TRP F 47 31.11 -4.83 -17.32
CA TRP F 47 32.53 -4.56 -17.41
C TRP F 47 33.27 -5.85 -17.76
N VAL F 48 34.20 -5.75 -18.71
CA VAL F 48 34.92 -6.92 -19.20
C VAL F 48 36.32 -6.97 -18.58
N SER F 49 37.18 -6.03 -18.97
CA SER F 49 38.56 -6.04 -18.54
C SER F 49 39.04 -4.61 -18.32
N TYR F 50 40.32 -4.48 -17.98
CA TYR F 50 40.96 -3.21 -17.68
C TYR F 50 42.46 -3.42 -17.58
N ILE F 51 43.23 -2.54 -18.20
CA ILE F 51 44.68 -2.66 -18.24
C ILE F 51 45.30 -1.34 -17.81
N SER F 52 46.44 -1.42 -17.11
CA SER F 52 47.12 -0.24 -16.63
C SER F 52 47.89 0.44 -17.76
N SER F 53 48.42 1.63 -17.47
CA SER F 53 49.14 2.40 -18.48
C SER F 53 50.45 1.71 -18.86
N SER F 54 51.20 1.20 -17.88
CA SER F 54 52.41 0.45 -18.17
C SER F 54 52.11 -0.98 -18.59
N GLY F 55 50.90 -1.46 -18.37
CA GLY F 55 50.54 -2.82 -18.72
C GLY F 55 50.88 -3.86 -17.68
N SER F 56 51.23 -3.45 -16.46
CA SER F 56 51.64 -4.38 -15.42
C SER F 56 50.49 -4.90 -14.58
N THR F 57 49.31 -4.30 -14.68
CA THR F 57 48.13 -4.73 -13.93
C THR F 57 47.00 -5.02 -14.90
N ILE F 58 46.51 -6.26 -14.88
CA ILE F 58 45.44 -6.69 -15.78
C ILE F 58 44.39 -7.45 -14.97
N TYR F 59 43.11 -7.14 -15.22
CA TYR F 59 42.01 -7.86 -14.60
C TYR F 59 40.96 -8.17 -15.66
N TYR F 60 40.32 -9.33 -15.54
CA TYR F 60 39.17 -9.69 -16.34
C TYR F 60 38.06 -10.17 -15.42
N ALA F 61 36.82 -10.03 -15.88
CA ALA F 61 35.69 -10.60 -15.16
C ALA F 61 35.73 -12.12 -15.26
N ASP F 62 35.10 -12.78 -14.28
CA ASP F 62 35.05 -14.24 -14.29
C ASP F 62 34.33 -14.75 -15.54
N SER F 63 33.36 -14.00 -16.05
CA SER F 63 32.65 -14.36 -17.27
C SER F 63 33.54 -14.28 -18.51
N VAL F 64 34.72 -13.67 -18.41
CA VAL F 64 35.60 -13.47 -19.55
C VAL F 64 37.04 -13.81 -19.16
N LYS F 65 37.21 -14.53 -18.04
CA LYS F 65 38.55 -14.70 -17.47
C LYS F 65 39.43 -15.56 -18.36
N GLY F 66 38.91 -16.69 -18.83
CA GLY F 66 39.75 -17.65 -19.52
C GLY F 66 39.92 -17.44 -21.00
N ARG F 67 38.89 -16.94 -21.68
CA ARG F 67 38.86 -16.91 -23.14
C ARG F 67 38.99 -15.49 -23.71
N PHE F 68 39.46 -14.54 -22.91
CA PHE F 68 39.67 -13.18 -23.37
C PHE F 68 41.06 -12.71 -22.97
N THR F 69 41.55 -11.70 -23.69
CA THR F 69 42.89 -11.16 -23.46
C THR F 69 42.93 -9.72 -23.96
N ILE F 70 43.47 -8.82 -23.15
CA ILE F 70 43.54 -7.41 -23.47
C ILE F 70 45.02 -7.00 -23.54
N SER F 71 45.35 -6.20 -24.55
CA SER F 71 46.71 -5.73 -24.76
C SER F 71 46.68 -4.26 -25.17
N ARG F 72 47.86 -3.66 -25.25
CA ARG F 72 47.97 -2.26 -25.66
C ARG F 72 49.32 -2.03 -26.32
N ASP F 73 49.39 -0.98 -27.13
CA ASP F 73 50.60 -0.60 -27.85
C ASP F 73 50.81 0.91 -27.63
N ASN F 74 51.76 1.25 -26.76
CA ASN F 74 51.99 2.64 -26.39
C ASN F 74 52.79 3.43 -27.42
N SER F 75 53.06 2.85 -28.59
CA SER F 75 53.70 3.58 -29.67
C SER F 75 52.72 3.97 -30.77
N LYS F 76 51.90 3.01 -31.22
CA LYS F 76 50.82 3.29 -32.15
C LYS F 76 49.58 3.85 -31.44
N ASN F 77 49.60 3.92 -30.12
CA ASN F 77 48.48 4.41 -29.31
C ASN F 77 47.20 3.66 -29.66
N THR F 78 47.24 2.34 -29.45
CA THR F 78 46.14 1.46 -29.81
C THR F 78 45.89 0.45 -28.70
N LEU F 79 44.62 0.24 -28.36
CA LEU F 79 44.20 -0.73 -27.37
C LEU F 79 43.51 -1.88 -28.06
N TYR F 80 43.86 -3.11 -27.66
CA TYR F 80 43.30 -4.31 -28.27
C TYR F 80 42.51 -5.11 -27.25
N LEU F 81 41.67 -6.01 -27.76
CA LEU F 81 40.92 -6.95 -26.92
C LEU F 81 40.72 -8.22 -27.75
N GLN F 82 41.50 -9.24 -27.45
CA GLN F 82 41.47 -10.48 -28.21
C GLN F 82 40.26 -11.31 -27.79
N MET F 83 39.32 -11.49 -28.70
CA MET F 83 38.17 -12.35 -28.47
C MET F 83 38.53 -13.76 -28.91
N ASN F 84 38.40 -14.72 -27.99
CA ASN F 84 38.73 -16.11 -28.28
C ASN F 84 37.61 -17.01 -27.78
N SER F 85 37.16 -17.92 -28.66
CA SER F 85 36.18 -18.96 -28.31
C SER F 85 34.97 -18.36 -27.59
N LEU F 86 34.37 -17.36 -28.21
CA LEU F 86 33.26 -16.65 -27.59
C LEU F 86 32.04 -17.56 -27.46
N ARG F 87 31.37 -17.46 -26.31
CA ARG F 87 30.11 -18.16 -26.10
C ARG F 87 28.97 -17.35 -26.74
N ALA F 88 27.75 -17.89 -26.65
CA ALA F 88 26.58 -17.18 -27.16
C ALA F 88 26.22 -15.98 -26.31
N GLU F 89 26.61 -15.99 -25.03
CA GLU F 89 26.37 -14.84 -24.17
C GLU F 89 27.21 -13.62 -24.56
N ASP F 90 28.22 -13.80 -25.42
CA ASP F 90 29.19 -12.73 -25.61
C ASP F 90 28.71 -11.66 -26.58
N THR F 91 27.63 -11.92 -27.32
CA THR F 91 27.16 -10.95 -28.31
C THR F 91 26.69 -9.68 -27.63
N ALA F 92 27.25 -8.55 -28.04
CA ALA F 92 27.01 -7.25 -27.43
C ALA F 92 27.71 -6.19 -28.29
N VAL F 93 27.69 -4.95 -27.81
CA VAL F 93 28.50 -3.89 -28.36
C VAL F 93 29.64 -3.62 -27.38
N TYR F 94 30.83 -3.34 -27.91
CA TYR F 94 32.03 -3.24 -27.09
C TYR F 94 32.60 -1.83 -27.16
N TYR F 95 32.93 -1.27 -25.99
CA TYR F 95 33.50 0.06 -25.87
C TYR F 95 34.89 -0.02 -25.26
N CYS F 96 35.73 0.96 -25.59
CA CYS F 96 36.99 1.19 -24.89
C CYS F 96 36.92 2.57 -24.25
N ALA F 97 37.23 2.63 -22.96
CA ALA F 97 37.05 3.84 -22.17
C ALA F 97 38.36 4.19 -21.49
N ARG F 98 38.47 5.46 -21.10
CA ARG F 98 39.69 6.01 -20.53
C ARG F 98 39.42 6.39 -19.08
N GLU F 99 40.10 5.72 -18.15
CA GLU F 99 40.07 6.10 -16.75
C GLU F 99 40.80 7.43 -16.56
N SER F 100 40.06 8.47 -16.20
CA SER F 100 40.63 9.81 -16.14
C SER F 100 41.61 9.99 -14.99
N GLY F 101 41.54 9.16 -13.95
CA GLY F 101 42.40 9.32 -12.80
C GLY F 101 41.80 8.73 -11.54
N TYR F 102 40.61 9.21 -11.18
CA TYR F 102 39.86 8.58 -10.10
C TYR F 102 39.55 7.15 -10.48
N ASP F 103 39.73 6.24 -9.52
CA ASP F 103 39.63 4.80 -9.78
C ASP F 103 38.29 4.45 -10.41
N TYR F 104 38.32 3.97 -11.65
CA TYR F 104 37.16 3.42 -12.37
C TYR F 104 36.13 4.46 -12.80
N VAL F 105 36.55 5.68 -13.10
CA VAL F 105 35.68 6.66 -13.76
C VAL F 105 36.15 6.81 -15.19
N PHE F 106 35.22 6.68 -16.13
CA PHE F 106 35.52 6.77 -17.55
C PHE F 106 34.82 8.01 -18.11
N ASP F 107 35.62 9.03 -18.45
CA ASP F 107 35.09 10.29 -18.97
C ASP F 107 35.06 10.35 -20.48
N TYR F 108 35.89 9.57 -21.17
CA TYR F 108 35.94 9.57 -22.63
C TYR F 108 35.72 8.15 -23.13
N TRP F 109 34.57 7.90 -23.72
CA TRP F 109 34.21 6.59 -24.27
C TRP F 109 34.42 6.60 -25.78
N GLY F 110 34.30 5.41 -26.37
CA GLY F 110 34.48 5.26 -27.80
C GLY F 110 33.17 5.22 -28.56
N GLN F 111 33.29 5.20 -29.89
CA GLN F 111 32.12 5.12 -30.75
C GLN F 111 31.42 3.77 -30.63
N GLY F 112 32.14 2.73 -30.23
CA GLY F 112 31.56 1.42 -30.07
C GLY F 112 31.39 0.64 -31.37
N THR F 113 31.65 -0.66 -31.29
CA THR F 113 31.39 -1.58 -32.39
C THR F 113 30.78 -2.84 -31.83
N LEU F 114 29.84 -3.43 -32.57
CA LEU F 114 29.10 -4.58 -32.08
C LEU F 114 29.65 -5.87 -32.68
N VAL F 115 29.42 -6.97 -31.94
CA VAL F 115 29.85 -8.30 -32.36
C VAL F 115 28.71 -9.25 -32.03
N ALA F 116 28.21 -9.97 -33.04
CA ALA F 116 27.10 -10.89 -32.89
C ALA F 116 27.58 -12.30 -33.19
N VAL F 117 27.28 -13.24 -32.30
CA VAL F 117 27.61 -14.65 -32.51
C VAL F 117 26.32 -15.44 -32.59
N SER F 118 26.27 -16.39 -33.52
CA SER F 118 25.11 -17.24 -33.80
C SER F 118 25.49 -18.20 -34.92
N SER F 119 24.59 -19.16 -35.18
CA SER F 119 24.79 -20.15 -36.23
C SER F 119 24.07 -19.81 -37.52
N ALA F 120 23.56 -18.59 -37.65
CA ALA F 120 22.81 -18.21 -38.84
C ALA F 120 23.76 -17.92 -40.00
N SER F 121 23.18 -17.78 -41.19
CA SER F 121 23.92 -17.52 -42.41
C SER F 121 23.37 -16.29 -43.11
N THR F 122 24.09 -15.82 -44.11
CA THR F 122 23.71 -14.62 -44.85
C THR F 122 22.45 -14.89 -45.66
N LYS F 123 21.39 -14.12 -45.41
CA LYS F 123 20.12 -14.32 -46.08
C LYS F 123 19.36 -13.00 -46.10
N GLY F 124 18.68 -12.73 -47.21
CA GLY F 124 17.93 -11.51 -47.38
C GLY F 124 16.54 -11.57 -46.78
N PRO F 125 15.74 -10.53 -47.01
CA PRO F 125 14.41 -10.46 -46.39
C PRO F 125 13.30 -10.92 -47.31
N SER F 126 12.14 -11.24 -46.73
CA SER F 126 10.93 -11.55 -47.47
C SER F 126 9.94 -10.42 -47.23
N VAL F 127 9.69 -9.61 -48.24
CA VAL F 127 8.89 -8.40 -48.11
C VAL F 127 7.43 -8.76 -48.40
N PHE F 128 6.58 -8.65 -47.39
CA PHE F 128 5.17 -8.95 -47.50
C PHE F 128 4.33 -7.71 -47.20
N PRO F 129 3.11 -7.63 -47.74
CA PRO F 129 2.30 -6.43 -47.54
C PRO F 129 1.21 -6.60 -46.49
N LEU F 130 1.09 -5.62 -45.59
CA LEU F 130 -0.03 -5.55 -44.65
C LEU F 130 -1.10 -4.65 -45.28
N ALA F 131 -1.88 -5.24 -46.18
CA ALA F 131 -2.88 -4.48 -46.91
C ALA F 131 -3.90 -3.86 -45.95
N PRO F 132 -4.41 -2.67 -46.29
CA PRO F 132 -5.35 -2.00 -45.38
C PRO F 132 -6.68 -2.71 -45.30
N SER F 133 -7.38 -2.50 -44.19
CA SER F 133 -8.69 -3.07 -43.95
C SER F 133 -9.66 -1.96 -43.59
N SER F 134 -10.71 -1.81 -44.38
CA SER F 134 -11.72 -0.79 -44.13
C SER F 134 -13.03 -1.15 -44.82
N THR F 137 -15.95 2.81 -47.42
CA THR F 137 -16.36 4.00 -48.16
C THR F 137 -16.48 5.21 -47.23
N SER F 138 -15.42 5.46 -46.48
CA SER F 138 -15.36 6.57 -45.55
C SER F 138 -14.35 7.61 -46.06
N GLY F 139 -14.06 8.60 -45.21
CA GLY F 139 -13.09 9.62 -45.56
C GLY F 139 -12.03 9.82 -44.49
N GLY F 140 -12.02 8.94 -43.49
CA GLY F 140 -11.08 9.03 -42.38
C GLY F 140 -9.69 8.56 -42.74
N THR F 141 -8.92 8.10 -41.75
CA THR F 141 -7.54 7.67 -41.97
C THR F 141 -7.45 6.17 -41.77
N ALA F 142 -6.90 5.48 -42.77
CA ALA F 142 -6.70 4.03 -42.71
C ALA F 142 -5.23 3.71 -42.94
N ALA F 143 -4.71 2.77 -42.19
CA ALA F 143 -3.29 2.45 -42.20
C ALA F 143 -2.98 1.24 -43.07
N LEU F 144 -1.77 1.23 -43.62
CA LEU F 144 -1.24 0.11 -44.38
C LEU F 144 0.19 -0.16 -43.92
N GLY F 145 0.70 -1.34 -44.26
CA GLY F 145 2.00 -1.74 -43.76
C GLY F 145 2.91 -2.45 -44.75
N CYS F 146 4.03 -2.98 -44.26
CA CYS F 146 5.03 -3.64 -45.08
C CYS F 146 5.85 -4.53 -44.16
N LEU F 147 5.80 -5.84 -44.38
CA LEU F 147 6.42 -6.81 -43.49
C LEU F 147 7.74 -7.32 -44.06
N VAL F 148 8.79 -7.24 -43.26
CA VAL F 148 10.12 -7.73 -43.60
C VAL F 148 10.45 -8.86 -42.63
N LYS F 149 10.56 -10.08 -43.14
CA LYS F 149 10.63 -11.25 -42.28
C LYS F 149 11.83 -12.13 -42.65
N ASP F 150 12.43 -12.72 -41.61
CA ASP F 150 13.44 -13.76 -41.74
C ASP F 150 14.62 -13.33 -42.61
N TYR F 151 15.57 -12.61 -42.01
CA TYR F 151 16.77 -12.18 -42.69
C TYR F 151 17.93 -12.21 -41.71
N PHE F 152 19.14 -12.03 -42.24
CA PHE F 152 20.35 -12.04 -41.43
C PHE F 152 21.54 -11.56 -42.27
N PRO F 153 22.38 -10.65 -41.75
CA PRO F 153 22.19 -9.98 -40.46
C PRO F 153 21.57 -8.59 -40.62
N GLU F 154 21.56 -7.83 -39.53
CA GLU F 154 21.09 -6.45 -39.59
C GLU F 154 22.05 -5.61 -40.44
N PRO F 155 21.57 -4.51 -41.04
CA PRO F 155 20.19 -4.03 -41.02
C PRO F 155 19.47 -4.12 -42.36
N VAL F 156 18.19 -3.77 -42.36
CA VAL F 156 17.45 -3.47 -43.58
C VAL F 156 16.82 -2.10 -43.40
N THR F 157 16.83 -1.30 -44.45
CA THR F 157 16.34 0.08 -44.41
C THR F 157 15.05 0.18 -45.20
N VAL F 158 13.99 0.67 -44.55
CA VAL F 158 12.67 0.78 -45.15
C VAL F 158 12.47 2.19 -45.66
N SER F 159 12.04 2.32 -46.92
CA SER F 159 11.73 3.59 -47.51
C SER F 159 10.56 3.41 -48.48
N TRP F 160 9.68 4.40 -48.52
CA TRP F 160 8.47 4.34 -49.32
C TRP F 160 8.56 5.35 -50.45
N ASN F 161 8.18 4.90 -51.65
CA ASN F 161 8.23 5.75 -52.85
C ASN F 161 9.62 6.32 -53.07
N SER F 162 10.63 5.49 -52.75
CA SER F 162 12.04 5.89 -52.80
C SER F 162 12.30 7.09 -51.88
N GLY F 163 11.66 7.09 -50.72
CA GLY F 163 11.90 8.09 -49.70
C GLY F 163 11.11 9.37 -49.84
N ALA F 164 10.24 9.48 -50.84
CA ALA F 164 9.47 10.72 -51.01
C ALA F 164 8.48 10.92 -49.87
N LEU F 165 7.73 9.88 -49.54
CA LEU F 165 6.79 9.93 -48.41
C LEU F 165 7.53 9.63 -47.12
N THR F 166 7.50 10.58 -46.18
CA THR F 166 8.16 10.41 -44.90
C THR F 166 7.27 10.71 -43.70
N SER F 167 6.07 11.23 -43.89
CA SER F 167 5.21 11.62 -42.80
C SER F 167 4.32 10.46 -42.37
N GLY F 168 4.18 10.28 -41.06
CA GLY F 168 3.33 9.25 -40.51
C GLY F 168 3.84 7.84 -40.65
N VAL F 169 5.10 7.66 -41.03
CA VAL F 169 5.69 6.33 -41.24
C VAL F 169 6.46 5.94 -39.99
N HIS F 170 6.16 4.76 -39.46
CA HIS F 170 6.85 4.21 -38.30
C HIS F 170 7.56 2.93 -38.70
N THR F 171 8.85 2.86 -38.42
CA THR F 171 9.65 1.65 -38.63
C THR F 171 9.97 1.04 -37.28
N PHE F 172 9.47 -0.16 -37.03
CA PHE F 172 9.66 -0.81 -35.75
C PHE F 172 11.04 -1.44 -35.65
N PRO F 173 11.65 -1.39 -34.47
CA PRO F 173 12.94 -2.06 -34.27
C PRO F 173 12.83 -3.56 -34.52
N ALA F 174 13.83 -4.11 -35.20
CA ALA F 174 13.80 -5.53 -35.57
C ALA F 174 13.80 -6.40 -34.31
N VAL F 175 13.13 -7.55 -34.42
CA VAL F 175 13.01 -8.50 -33.33
C VAL F 175 13.67 -9.80 -33.76
N LEU F 176 14.49 -10.38 -32.88
CA LEU F 176 15.16 -11.64 -33.15
C LEU F 176 14.17 -12.78 -32.97
N GLN F 177 13.89 -13.50 -34.05
CA GLN F 177 12.90 -14.57 -34.01
C GLN F 177 13.52 -15.86 -33.46
N SER F 178 12.71 -16.92 -33.42
CA SER F 178 13.14 -18.17 -32.81
C SER F 178 14.21 -18.88 -33.64
N SER F 179 14.15 -18.74 -34.97
CA SER F 179 15.09 -19.41 -35.85
C SER F 179 16.45 -18.70 -35.91
N GLY F 180 16.62 -17.61 -35.19
CA GLY F 180 17.86 -16.86 -35.22
C GLY F 180 17.91 -15.75 -36.26
N LEU F 181 16.87 -15.62 -37.09
CA LEU F 181 16.79 -14.57 -38.08
C LEU F 181 15.89 -13.45 -37.58
N TYR F 182 16.19 -12.23 -38.00
CA TYR F 182 15.44 -11.05 -37.58
C TYR F 182 14.20 -10.85 -38.45
N SER F 183 13.36 -9.90 -38.02
CA SER F 183 12.11 -9.58 -38.70
C SER F 183 11.60 -8.24 -38.19
N LEU F 184 11.03 -7.45 -39.09
CA LEU F 184 10.46 -6.16 -38.71
C LEU F 184 9.32 -5.82 -39.65
N SER F 185 8.63 -4.73 -39.33
CA SER F 185 7.49 -4.29 -40.13
C SER F 185 7.31 -2.79 -39.93
N SER F 186 7.06 -2.08 -41.03
CA SER F 186 6.82 -0.64 -40.99
C SER F 186 5.45 -0.35 -41.57
N VAL F 187 4.79 0.67 -41.02
CA VAL F 187 3.43 1.02 -41.40
C VAL F 187 3.36 2.50 -41.74
N VAL F 188 2.33 2.85 -42.51
CA VAL F 188 2.04 4.23 -42.90
C VAL F 188 0.58 4.52 -42.58
N THR F 189 0.28 5.77 -42.25
CA THR F 189 -1.07 6.24 -42.00
C THR F 189 -1.49 7.18 -43.12
N VAL F 190 -2.59 6.86 -43.80
CA VAL F 190 -3.03 7.61 -44.98
C VAL F 190 -4.54 7.78 -44.96
N PRO F 191 -5.13 8.75 -45.69
CA PRO F 191 -6.60 8.89 -45.67
C PRO F 191 -7.28 7.68 -46.31
N SER F 192 -8.57 7.53 -45.99
CA SER F 192 -9.35 6.44 -46.55
C SER F 192 -9.73 6.70 -48.01
N SER F 193 -9.73 7.95 -48.44
CA SER F 193 -10.02 8.31 -49.83
C SER F 193 -8.77 8.26 -50.71
N SER F 194 -7.60 7.98 -50.13
CA SER F 194 -6.36 7.88 -50.88
C SER F 194 -6.05 6.45 -51.31
N LEU F 195 -7.07 5.58 -51.37
CA LEU F 195 -6.84 4.21 -51.79
C LEU F 195 -6.80 4.08 -53.30
N GLY F 196 -7.54 4.92 -54.03
CA GLY F 196 -7.57 4.83 -55.47
C GLY F 196 -6.42 5.53 -56.15
N THR F 197 -5.90 6.59 -55.55
CA THR F 197 -4.81 7.37 -56.12
C THR F 197 -3.64 7.43 -55.13
N GLN F 198 -2.53 7.98 -55.61
CA GLN F 198 -1.26 8.02 -54.87
C GLN F 198 -0.91 6.63 -54.34
N THR F 199 -0.59 5.75 -55.29
CA THR F 199 -0.28 4.37 -54.96
C THR F 199 1.04 4.28 -54.22
N TYR F 200 1.08 3.45 -53.18
CA TYR F 200 2.23 3.35 -52.30
C TYR F 200 3.05 2.09 -52.61
N ILE F 201 4.35 2.20 -52.38
CA ILE F 201 5.28 1.09 -52.59
C ILE F 201 6.41 1.22 -51.57
N CYS F 202 6.68 0.15 -50.84
CA CYS F 202 7.74 0.12 -49.84
C CYS F 202 8.97 -0.56 -50.43
N ASN F 203 10.05 0.20 -50.57
CA ASN F 203 11.31 -0.32 -51.11
C ASN F 203 12.21 -0.74 -49.96
N VAL F 204 12.66 -1.99 -49.99
CA VAL F 204 13.47 -2.57 -48.93
C VAL F 204 14.82 -2.98 -49.51
N ASN F 205 15.90 -2.59 -48.83
CA ASN F 205 17.26 -2.89 -49.26
C ASN F 205 17.96 -3.69 -48.16
N HIS F 206 18.59 -4.79 -48.56
CA HIS F 206 19.42 -5.59 -47.66
C HIS F 206 20.84 -5.56 -48.20
N LYS F 207 21.68 -4.72 -47.59
CA LYS F 207 23.05 -4.54 -48.07
C LYS F 207 23.88 -5.82 -48.05
N PRO F 208 23.89 -6.63 -46.97
CA PRO F 208 24.77 -7.80 -46.98
C PRO F 208 24.49 -8.80 -48.09
N SER F 209 23.22 -9.03 -48.42
CA SER F 209 22.86 -9.94 -49.50
C SER F 209 22.57 -9.22 -50.82
N ASN F 210 22.68 -7.89 -50.84
CA ASN F 210 22.45 -7.09 -52.05
C ASN F 210 21.09 -7.40 -52.68
N THR F 211 20.06 -7.45 -51.84
CA THR F 211 18.72 -7.83 -52.27
C THR F 211 17.78 -6.65 -52.04
N LYS F 212 17.83 -5.67 -52.94
CA LYS F 212 16.88 -4.57 -52.93
C LYS F 212 15.57 -5.03 -53.56
N VAL F 213 14.47 -4.93 -52.82
CA VAL F 213 13.17 -5.41 -53.26
C VAL F 213 12.23 -4.23 -53.41
N ASP F 214 11.44 -4.24 -54.48
CA ASP F 214 10.48 -3.19 -54.81
C ASP F 214 9.09 -3.77 -54.63
N LYS F 215 8.47 -3.49 -53.48
CA LYS F 215 7.19 -4.07 -53.11
C LYS F 215 6.10 -3.00 -53.11
N LYS F 216 5.02 -3.26 -53.83
CA LYS F 216 3.88 -2.37 -53.91
C LYS F 216 2.70 -2.97 -53.16
N VAL F 217 2.10 -2.19 -52.27
CA VAL F 217 0.96 -2.64 -51.46
C VAL F 217 -0.32 -2.19 -52.16
N GLU F 218 -1.21 -3.13 -52.42
CA GLU F 218 -2.46 -2.86 -53.12
C GLU F 218 -3.63 -3.43 -52.35
N PRO F 219 -4.78 -2.74 -52.40
CA PRO F 219 -6.02 -3.36 -51.90
C PRO F 219 -6.82 -3.99 -53.03
N LYS F 220 -7.39 -5.16 -52.80
CA LYS F 220 -8.14 -5.87 -53.83
C LYS F 220 -9.32 -5.05 -54.34
N VAL G 2 -12.54 -3.48 -1.89
CA VAL G 2 -13.01 -4.41 -2.89
C VAL G 2 -14.23 -3.84 -3.61
N GLN G 3 -14.79 -2.79 -3.00
CA GLN G 3 -15.97 -2.12 -3.60
C GLN G 3 -15.65 -0.63 -3.75
N LEU G 4 -16.16 0.00 -4.80
CA LEU G 4 -15.80 1.43 -4.95
C LEU G 4 -17.02 2.30 -4.78
N UNK G 5 -16.92 3.32 -3.92
CA UNK G 5 -18.05 4.25 -3.70
C UNK G 5 -17.56 5.67 -3.96
N UNK G 6 -18.38 6.49 -4.60
CA UNK G 6 -18.01 7.85 -4.96
C UNK G 6 -19.03 8.84 -4.42
N SER G 7 -18.60 10.11 -4.34
CA SER G 7 -19.44 11.19 -3.85
C SER G 7 -19.11 12.45 -4.64
N GLY G 8 -19.76 13.56 -4.26
CA GLY G 8 -19.43 14.85 -4.82
C GLY G 8 -20.41 15.39 -5.84
N GLY G 9 -21.71 15.28 -5.56
CA GLY G 9 -22.71 15.82 -6.47
C GLY G 9 -22.98 17.29 -6.21
N GLY G 10 -23.05 18.06 -7.29
CA GLY G 10 -23.28 19.48 -7.15
C GLY G 10 -23.67 20.13 -8.46
N UNK G 11 -23.59 21.46 -8.47
CA UNK G 11 -23.95 22.25 -9.63
C UNK G 11 -23.18 23.56 -9.60
N VAL G 12 -23.05 24.19 -10.77
CA VAL G 12 -22.31 25.44 -10.88
C VAL G 12 -22.59 26.10 -12.23
N GLN G 13 -22.21 27.36 -12.37
CA GLN G 13 -22.30 28.09 -13.63
C GLN G 13 -21.01 27.92 -14.42
N UNK G 14 -21.02 28.29 -15.71
CA UNK G 14 -19.78 28.22 -16.49
C UNK G 14 -18.64 29.01 -15.85
N GLY G 15 -17.52 28.34 -15.64
CA GLY G 15 -16.37 28.94 -15.00
C GLY G 15 -16.22 28.64 -13.53
N UNK G 16 -17.03 27.74 -12.97
CA UNK G 16 -16.98 27.43 -11.57
C UNK G 16 -15.99 26.31 -11.25
N SER G 17 -15.98 25.91 -9.98
CA SER G 17 -15.07 24.89 -9.50
C SER G 17 -15.73 24.10 -8.39
N LEU G 18 -15.47 22.79 -8.37
CA LEU G 18 -15.95 21.92 -7.30
C LEU G 18 -15.00 20.74 -7.16
N UNK G 19 -15.26 19.92 -6.15
CA UNK G 19 -14.42 18.77 -5.86
C UNK G 19 -15.30 17.63 -5.36
N LEU G 20 -14.85 16.40 -5.61
CA LEU G 20 -15.60 15.21 -5.27
C LEU G 20 -14.70 14.24 -4.52
N SER G 21 -15.09 12.96 -4.54
CA SER G 21 -14.31 11.91 -3.83
C SER G 21 -14.61 10.52 -4.40
N CYS G 22 -13.60 9.65 -4.44
CA CYS G 22 -13.80 8.26 -4.92
C CYS G 22 -13.08 7.36 -3.92
N UNK G 23 -13.75 6.32 -3.44
CA UNK G 23 -13.14 5.42 -2.44
C UNK G 23 -13.31 3.96 -2.89
N UNK G 28 -7.19 -4.03 0.11
CA UNK G 28 -6.06 -3.11 0.15
C UNK G 28 -5.80 -2.49 -1.21
N UNK G 29 -6.16 -1.21 -1.36
CA UNK G 29 -5.97 -0.50 -2.62
C UNK G 29 -5.09 0.71 -2.37
N UNK G 30 -3.85 0.47 -1.93
CA UNK G 30 -2.87 1.53 -1.77
C UNK G 30 -1.97 1.66 -2.99
N UNK G 31 -1.58 0.53 -3.57
CA UNK G 31 -0.73 0.53 -4.76
C UNK G 31 -1.53 0.66 -6.05
N UNK G 32 -2.67 -0.02 -6.13
CA UNK G 32 -3.44 -0.04 -7.38
C UNK G 32 -3.84 1.37 -7.80
N UNK G 33 -3.67 1.64 -9.11
CA UNK G 33 -3.97 2.95 -9.64
C UNK G 33 -5.48 3.22 -9.61
N UNK G 34 -5.82 4.51 -9.59
CA UNK G 34 -7.20 4.96 -9.58
C UNK G 34 -7.40 5.92 -10.74
N UNK G 35 -8.41 5.64 -11.57
CA UNK G 35 -8.71 6.45 -12.75
C UNK G 35 -9.96 7.29 -12.50
N TRP G 36 -10.20 8.22 -13.42
CA TRP G 36 -11.39 9.06 -13.39
C TRP G 36 -11.91 9.20 -14.82
N UNK G 37 -13.21 8.94 -15.01
CA UNK G 37 -13.84 9.00 -16.31
C UNK G 37 -15.08 9.87 -16.24
N ARG G 38 -15.64 10.15 -17.42
CA ARG G 38 -16.90 10.85 -17.55
C ARG G 38 -17.61 10.34 -18.80
N GLN G 39 -18.94 10.25 -18.73
CA GLN G 39 -19.73 9.85 -19.88
C GLN G 39 -20.97 10.72 -19.95
N UNK G 40 -21.10 11.47 -21.03
CA UNK G 40 -22.32 12.22 -21.28
C UNK G 40 -23.33 11.34 -22.00
N PRO G 41 -24.60 11.33 -21.58
CA PRO G 41 -25.60 10.52 -22.28
C PRO G 41 -25.68 10.89 -23.74
N GLY G 42 -25.60 9.87 -24.60
CA GLY G 42 -25.50 10.07 -26.03
C GLY G 42 -24.09 10.03 -26.58
N UNK G 43 -23.11 9.62 -25.78
CA UNK G 43 -21.72 9.53 -26.22
C UNK G 43 -21.00 8.57 -25.29
N UNK G 44 -19.93 7.97 -25.80
CA UNK G 44 -19.21 6.96 -25.04
C UNK G 44 -18.39 7.59 -23.92
N ARG G 45 -18.01 6.75 -22.96
CA ARG G 45 -17.22 7.18 -21.83
C ARG G 45 -15.79 7.47 -22.28
N GLU G 46 -15.38 8.73 -22.19
CA GLU G 46 -14.05 9.15 -22.62
C GLU G 46 -13.19 9.53 -21.42
N UNK G 47 -11.91 9.73 -21.69
CA UNK G 47 -10.90 9.84 -20.65
C UNK G 47 -10.91 11.22 -19.98
N VAL G 48 -10.53 11.24 -18.70
CA VAL G 48 -10.45 12.46 -17.92
C VAL G 48 -9.09 12.54 -17.24
N UNK G 49 -8.91 11.77 -16.17
CA UNK G 49 -7.71 11.84 -15.36
C UNK G 49 -7.30 10.45 -14.90
N UNK G 50 -6.06 10.33 -14.45
CA UNK G 50 -5.50 9.07 -13.96
C UNK G 50 -4.43 9.38 -12.93
N UNK G 51 -4.39 8.59 -11.87
CA UNK G 51 -3.37 8.72 -10.83
C UNK G 51 -2.81 7.33 -10.52
N UNK G 52 -1.53 7.15 -10.77
CA UNK G 52 -0.85 5.89 -10.50
C UNK G 52 -0.46 5.86 -9.02
N UNK G 53 0.38 4.89 -8.63
CA UNK G 53 0.81 4.84 -7.25
C UNK G 53 1.74 6.02 -6.94
N UNK G 54 1.91 6.29 -5.65
CA UNK G 54 2.71 7.43 -5.22
C UNK G 54 4.13 7.32 -5.74
N UNK G 55 4.64 8.42 -6.30
CA UNK G 55 5.96 8.44 -6.88
C UNK G 55 6.02 8.06 -8.35
N UNK G 56 4.88 7.82 -8.99
CA UNK G 56 4.83 7.46 -10.40
C UNK G 56 4.16 8.52 -11.25
N UNK G 57 4.09 9.76 -10.75
CA UNK G 57 3.54 10.86 -11.52
C UNK G 57 2.02 10.84 -11.59
N UNK G 58 1.50 11.78 -12.39
CA UNK G 58 0.07 11.92 -12.60
C UNK G 58 -0.17 12.30 -14.06
N UNK G 59 -1.14 11.62 -14.69
CA UNK G 59 -1.42 11.80 -16.11
C UNK G 59 -2.88 12.21 -16.30
N UNK G 60 -3.13 13.08 -17.27
CA UNK G 60 -4.46 13.60 -17.55
C UNK G 60 -4.73 13.52 -19.04
N UNK G 61 -5.94 13.88 -19.43
CA UNK G 61 -6.36 13.89 -20.82
C UNK G 61 -6.15 15.27 -21.44
N ASP G 62 -6.33 15.36 -22.76
CA ASP G 62 -6.20 16.63 -23.46
C ASP G 62 -7.35 17.57 -23.13
N SER G 63 -8.53 17.03 -22.85
CA SER G 63 -9.72 17.87 -22.66
C SER G 63 -9.62 18.68 -21.37
N UNK G 64 -9.11 18.07 -20.30
CA UNK G 64 -9.12 18.67 -18.98
C UNK G 64 -7.71 19.01 -18.50
N UNK G 65 -6.73 19.04 -19.40
CA UNK G 65 -5.35 19.30 -19.00
C UNK G 65 -5.20 20.72 -18.48
N GLY G 66 -4.60 20.85 -17.29
CA GLY G 66 -4.38 22.15 -16.69
C GLY G 66 -5.33 22.44 -15.53
N ARG G 67 -6.63 22.23 -15.76
CA ARG G 67 -7.62 22.54 -14.74
C ARG G 67 -7.61 21.50 -13.63
N PHE G 68 -7.64 20.22 -13.99
CA PHE G 68 -7.89 19.15 -13.04
C PHE G 68 -6.63 18.78 -12.27
N THR G 69 -6.84 18.12 -11.13
CA THR G 69 -5.75 17.59 -10.31
C THR G 69 -6.29 16.46 -9.45
N UNK G 70 -5.39 15.62 -8.96
CA UNK G 70 -5.78 14.44 -8.21
C UNK G 70 -4.72 14.16 -7.15
N SER G 71 -5.18 13.79 -5.95
CA SER G 71 -4.32 13.42 -4.84
C SER G 71 -4.74 12.06 -4.30
N UNK G 72 -3.77 11.20 -4.03
CA UNK G 72 -4.01 9.86 -3.52
C UNK G 72 -3.44 9.72 -2.12
N ASP G 73 -4.19 9.04 -1.25
CA ASP G 73 -3.79 8.84 0.13
C ASP G 73 -3.97 7.37 0.49
N UNK G 74 -2.91 6.78 1.07
CA UNK G 74 -2.98 5.39 1.51
C UNK G 74 -4.01 5.22 2.63
N UNK G 75 -4.05 6.16 3.56
CA UNK G 75 -5.04 6.15 4.62
C UNK G 75 -6.20 7.07 4.26
N UNK G 76 -7.39 6.71 4.73
CA UNK G 76 -8.68 7.33 4.42
C UNK G 76 -9.23 6.87 3.06
N UNK G 77 -8.33 6.55 2.15
CA UNK G 77 -8.71 6.05 0.80
C UNK G 77 -9.75 6.96 0.16
N UNK G 78 -9.45 8.24 0.01
CA UNK G 78 -10.32 9.21 -0.64
C UNK G 78 -9.54 9.87 -1.78
N UNK G 79 -9.38 9.14 -2.88
CA UNK G 79 -8.84 9.76 -4.09
C UNK G 79 -9.88 10.71 -4.66
N UNK G 80 -9.44 11.86 -5.12
CA UNK G 80 -10.35 12.91 -5.54
C UNK G 80 -9.81 13.59 -6.79
N LEU G 81 -10.72 14.19 -7.56
CA LEU G 81 -10.39 14.87 -8.81
C LEU G 81 -10.90 16.30 -8.72
N GLN G 82 -9.98 17.23 -8.45
CA GLN G 82 -10.32 18.64 -8.39
C GLN G 82 -10.78 19.14 -9.76
N UNK G 83 -11.86 19.92 -9.76
CA UNK G 83 -12.40 20.52 -10.97
C UNK G 83 -12.14 22.01 -10.97
N UNK G 84 -11.85 22.57 -12.15
CA UNK G 84 -11.46 23.96 -12.25
C UNK G 84 -11.89 24.51 -13.61
N UNK G 85 -12.36 25.75 -13.62
CA UNK G 85 -12.70 26.48 -14.85
C UNK G 85 -13.56 25.64 -15.78
N LEU G 86 -14.74 25.26 -15.30
CA LEU G 86 -15.62 24.36 -16.04
C LEU G 86 -16.19 25.06 -17.28
N UNK G 87 -16.19 24.34 -18.39
CA UNK G 87 -16.81 24.77 -19.63
C UNK G 87 -18.27 24.33 -19.68
N UNK G 88 -19.05 24.81 -20.65
CA UNK G 88 -20.40 24.27 -20.83
C UNK G 88 -20.46 22.90 -21.47
N UNK G 89 -19.31 22.26 -21.72
CA UNK G 89 -19.26 20.98 -22.40
C UNK G 89 -18.62 19.89 -21.55
N ASP G 90 -18.36 20.16 -20.27
CA ASP G 90 -17.76 19.17 -19.37
C ASP G 90 -18.79 18.45 -18.52
N UNK G 91 -20.07 18.62 -18.80
CA UNK G 91 -21.11 18.05 -17.96
C UNK G 91 -21.34 16.58 -18.30
N ALA G 92 -21.39 15.74 -17.27
CA ALA G 92 -21.59 14.30 -17.41
C ALA G 92 -21.67 13.65 -16.04
N UNK G 93 -21.80 12.33 -16.00
CA UNK G 93 -21.70 11.56 -14.76
C UNK G 93 -20.29 10.97 -14.69
N TYR G 94 -19.60 11.24 -13.60
CA TYR G 94 -18.17 10.95 -13.49
C TYR G 94 -17.95 9.67 -12.71
N TYR G 95 -17.39 8.66 -13.38
CA TYR G 95 -17.10 7.37 -12.78
C TYR G 95 -15.60 7.20 -12.59
N CYS G 96 -15.23 6.43 -11.56
CA CYS G 96 -13.86 6.04 -11.31
C CYS G 96 -13.75 4.52 -11.30
N UNK G 97 -12.56 4.03 -11.61
CA UNK G 97 -12.33 2.58 -11.70
C UNK G 97 -10.87 2.30 -11.47
N UNK G 98 -10.58 1.42 -10.50
CA UNK G 98 -9.19 1.11 -10.18
C UNK G 98 -8.60 0.19 -11.24
N UNK G 99 -7.29 0.27 -11.41
CA UNK G 99 -6.57 -0.61 -12.33
C UNK G 99 -6.20 -1.90 -11.60
N UNK G 100 -6.72 -3.03 -12.07
CA UNK G 100 -6.45 -4.30 -11.42
C UNK G 100 -5.00 -4.72 -11.60
N UNK G 101 -4.40 -4.41 -12.75
CA UNK G 101 -3.02 -4.80 -13.02
C UNK G 101 -2.05 -3.93 -12.24
N UNK G 102 -0.99 -4.55 -11.72
CA UNK G 102 -0.04 -3.82 -10.88
C UNK G 102 0.83 -2.89 -11.69
N UNK G 103 1.23 -3.31 -12.89
CA UNK G 103 2.17 -2.56 -13.72
C UNK G 103 1.47 -1.60 -14.69
N UNK G 104 0.24 -1.18 -14.36
CA UNK G 104 -0.52 -0.19 -15.14
C UNK G 104 -0.70 -0.65 -16.59
N UNK G 105 -1.49 -1.70 -16.74
CA UNK G 105 -1.83 -2.24 -18.05
C UNK G 105 -3.15 -1.70 -18.59
N UNK G 106 -3.86 -0.87 -17.82
CA UNK G 106 -5.10 -0.30 -18.28
C UNK G 106 -6.31 -1.21 -18.17
N UNK G 107 -6.28 -2.14 -17.22
CA UNK G 107 -7.37 -3.09 -17.02
C UNK G 107 -8.13 -2.72 -15.75
N UNK G 108 -9.36 -2.23 -15.92
CA UNK G 108 -10.22 -1.85 -14.79
C UNK G 108 -11.28 -2.92 -14.63
N UNK G 109 -11.07 -3.82 -13.66
CA UNK G 109 -12.02 -4.89 -13.40
C UNK G 109 -13.12 -4.49 -12.43
N UNK G 110 -12.98 -3.37 -11.74
CA UNK G 110 -13.98 -2.89 -10.79
C UNK G 110 -14.40 -1.47 -11.15
N TRP G 111 -15.70 -1.25 -11.22
CA TRP G 111 -16.27 0.05 -11.54
C TRP G 111 -17.34 0.40 -10.50
N GLY G 112 -17.55 1.70 -10.30
CA GLY G 112 -18.47 2.20 -9.30
C GLY G 112 -19.69 2.88 -9.89
N UNK G 113 -20.51 3.43 -8.99
CA UNK G 113 -21.75 4.09 -9.36
C UNK G 113 -21.57 5.55 -9.76
N GLY G 114 -20.39 6.13 -9.53
CA GLY G 114 -20.08 7.46 -10.00
C GLY G 114 -20.92 8.56 -9.36
N THR G 115 -20.92 9.71 -10.04
CA THR G 115 -21.59 10.91 -9.55
C THR G 115 -21.94 11.80 -10.73
N UNK G 116 -23.19 12.24 -10.78
CA UNK G 116 -23.64 13.13 -11.84
C UNK G 116 -23.15 14.55 -11.60
N VAL G 117 -22.70 15.20 -12.67
CA VAL G 117 -22.24 16.59 -12.63
C VAL G 117 -23.10 17.39 -13.59
N THR G 118 -23.71 18.46 -13.08
CA THR G 118 -24.71 19.23 -13.84
C THR G 118 -24.05 20.36 -14.63
N VAL G 119 -23.56 21.38 -13.92
CA VAL G 119 -22.95 22.57 -14.53
C VAL G 119 -23.86 23.20 -15.57
N ASP H 1 30.59 -9.69 -6.48
CA ASP H 1 29.24 -10.00 -6.01
C ASP H 1 28.65 -8.83 -5.24
N ILE H 2 28.72 -7.63 -5.84
CA ILE H 2 28.22 -6.41 -5.23
C ILE H 2 27.19 -5.80 -6.18
N GLN H 3 25.92 -5.89 -5.82
CA GLN H 3 24.85 -5.48 -6.72
C GLN H 3 24.55 -4.00 -6.57
N MET H 4 24.16 -3.40 -7.69
CA MET H 4 23.73 -2.01 -7.74
C MET H 4 22.28 -1.95 -8.20
N THR H 5 21.46 -1.15 -7.52
CA THR H 5 20.05 -1.06 -7.80
C THR H 5 19.65 0.39 -7.98
N GLN H 6 18.91 0.68 -9.05
CA GLN H 6 18.42 2.01 -9.34
C GLN H 6 16.91 2.08 -9.11
N SER H 7 16.39 3.31 -9.16
CA SER H 7 14.97 3.58 -9.01
C SER H 7 14.66 5.00 -9.47
N PRO H 8 13.62 5.20 -10.28
CA PRO H 8 12.74 4.14 -10.78
C PRO H 8 13.21 3.57 -12.12
N SER H 9 12.50 2.58 -12.64
CA SER H 9 12.84 2.04 -13.94
C SER H 9 12.46 2.99 -15.07
N THR H 10 11.47 3.87 -14.83
CA THR H 10 11.04 4.85 -15.81
C THR H 10 10.48 6.04 -15.07
N LEU H 11 10.95 7.24 -15.44
CA LEU H 11 10.52 8.49 -14.81
C LEU H 11 9.99 9.43 -15.88
N SER H 12 8.80 9.98 -15.64
CA SER H 12 8.13 10.87 -16.57
C SER H 12 8.06 12.27 -15.97
N ALA H 13 8.49 13.27 -16.75
CA ALA H 13 8.47 14.65 -16.28
C ALA H 13 8.55 15.58 -17.48
N PHE H 14 8.08 16.81 -17.28
CA PHE H 14 8.09 17.83 -18.33
C PHE H 14 9.41 18.59 -18.34
N VAL H 15 9.58 19.42 -19.37
CA VAL H 15 10.73 20.30 -19.44
C VAL H 15 10.61 21.37 -18.36
N GLY H 16 11.67 21.54 -17.58
CA GLY H 16 11.68 22.51 -16.50
C GLY H 16 11.34 21.95 -15.14
N ASP H 17 11.01 20.67 -15.03
CA ASP H 17 10.69 20.06 -13.75
C ASP H 17 11.96 19.74 -12.98
N ARG H 18 11.77 19.43 -11.69
CA ARG H 18 12.85 19.01 -10.82
C ARG H 18 12.76 17.50 -10.63
N VAL H 19 13.79 16.78 -11.07
CA VAL H 19 13.79 15.33 -11.07
C VAL H 19 14.94 14.81 -10.23
N THR H 20 14.71 13.69 -9.54
CA THR H 20 15.72 13.04 -8.71
C THR H 20 15.72 11.55 -9.00
N ILE H 21 16.89 11.01 -9.31
CA ILE H 21 17.08 9.58 -9.56
C ILE H 21 17.88 9.00 -8.42
N THR H 22 17.39 7.92 -7.82
CA THR H 22 18.00 7.29 -6.66
C THR H 22 18.70 6.00 -7.05
N CYS H 23 19.89 5.79 -6.49
CA CYS H 23 20.65 4.57 -6.68
C CYS H 23 21.02 4.00 -5.31
N ARG H 24 20.99 2.67 -5.22
CA ARG H 24 21.31 1.96 -3.98
C ARG H 24 22.25 0.81 -4.29
N ALA H 25 23.14 0.53 -3.34
CA ALA H 25 24.19 -0.46 -3.52
C ALA H 25 24.00 -1.61 -2.54
N SER H 26 24.68 -2.72 -2.82
CA SER H 26 24.63 -3.89 -1.95
C SER H 26 25.26 -3.59 -0.60
N GLN H 27 26.44 -2.97 -0.62
CA GLN H 27 27.21 -2.72 0.58
C GLN H 27 27.45 -1.22 0.73
N SER H 28 28.19 -0.86 1.77
CA SER H 28 28.53 0.54 2.02
C SER H 28 29.74 0.93 1.19
N ILE H 29 29.56 1.86 0.27
CA ILE H 29 30.66 2.49 -0.46
C ILE H 29 30.79 3.92 0.06
N SER H 30 31.96 4.26 0.60
CA SER H 30 32.19 5.52 1.29
C SER H 30 31.78 6.71 0.42
N SER H 31 32.52 6.98 -0.65
CA SER H 31 32.14 8.02 -1.60
C SER H 31 32.28 7.57 -3.05
N TRP H 32 32.73 6.34 -3.30
CA TRP H 32 33.05 5.91 -4.66
C TRP H 32 31.77 5.56 -5.40
N LEU H 33 31.43 6.36 -6.41
CA LEU H 33 30.29 6.12 -7.29
C LEU H 33 30.38 7.10 -8.45
N ALA H 34 29.85 6.68 -9.60
CA ALA H 34 29.84 7.50 -10.80
C ALA H 34 28.47 7.47 -11.45
N TRP H 35 28.16 8.53 -12.20
CA TRP H 35 26.91 8.66 -12.93
C TRP H 35 27.21 8.89 -14.40
N TYR H 36 26.44 8.25 -15.27
CA TYR H 36 26.59 8.38 -16.70
C TYR H 36 25.24 8.63 -17.36
N GLN H 37 25.27 9.32 -18.50
CA GLN H 37 24.10 9.54 -19.34
C GLN H 37 24.34 8.92 -20.69
N GLN H 38 23.38 8.13 -21.17
CA GLN H 38 23.49 7.48 -22.46
C GLN H 38 22.23 7.75 -23.28
N LYS H 39 22.41 8.44 -24.41
CA LYS H 39 21.33 8.55 -25.37
C LYS H 39 21.27 7.30 -26.23
N PRO H 40 20.08 6.91 -26.71
CA PRO H 40 19.93 5.61 -27.38
C PRO H 40 20.88 5.39 -28.55
N GLY H 41 21.70 4.35 -28.45
CA GLY H 41 22.58 3.97 -29.53
C GLY H 41 23.86 4.75 -29.63
N LYS H 42 24.28 5.43 -28.57
CA LYS H 42 25.48 6.26 -28.60
C LYS H 42 26.24 6.08 -27.29
N ALA H 43 27.46 6.62 -27.25
CA ALA H 43 28.35 6.39 -26.13
C ALA H 43 27.88 7.14 -24.89
N PRO H 44 28.10 6.57 -23.71
CA PRO H 44 27.73 7.28 -22.47
C PRO H 44 28.66 8.45 -22.20
N LYS H 45 28.14 9.43 -21.47
CA LYS H 45 28.90 10.61 -21.07
C LYS H 45 29.00 10.67 -19.55
N LEU H 46 30.20 10.95 -19.05
CA LEU H 46 30.43 11.01 -17.62
C LEU H 46 29.84 12.31 -17.06
N LEU H 47 28.84 12.17 -16.19
CA LEU H 47 28.20 13.33 -15.56
C LEU H 47 28.88 13.66 -14.23
N ILE H 48 28.73 12.77 -13.24
CA ILE H 48 29.17 13.03 -11.88
C ILE H 48 29.99 11.84 -11.40
N TYR H 49 31.19 12.12 -10.90
CA TYR H 49 32.04 11.12 -10.29
C TYR H 49 32.36 11.53 -8.85
N ALA H 50 32.79 10.55 -8.06
CA ALA H 50 33.08 10.76 -6.64
C ALA H 50 31.88 11.35 -5.91
N ALA H 51 30.72 10.73 -6.15
CA ALA H 51 29.46 11.05 -5.47
C ALA H 51 28.95 12.45 -5.76
N SER H 52 29.75 13.48 -5.49
CA SER H 52 29.24 14.85 -5.46
C SER H 52 30.07 15.82 -6.30
N THR H 53 30.87 15.33 -7.24
CA THR H 53 31.68 16.19 -8.10
C THR H 53 31.29 15.94 -9.56
N LEU H 54 31.01 17.01 -10.28
CA LEU H 54 30.58 16.92 -11.68
C LEU H 54 31.76 17.14 -12.62
N GLN H 55 31.81 16.34 -13.68
CA GLN H 55 32.86 16.40 -14.68
C GLN H 55 32.76 17.70 -15.50
N SER H 56 33.91 18.18 -15.97
CA SER H 56 33.94 19.38 -16.78
C SER H 56 33.06 19.24 -18.01
N GLY H 57 32.36 20.32 -18.35
CA GLY H 57 31.43 20.32 -19.46
C GLY H 57 29.99 20.06 -19.07
N VAL H 58 29.75 19.53 -17.88
CA VAL H 58 28.39 19.26 -17.41
C VAL H 58 27.81 20.54 -16.81
N PRO H 59 26.60 20.94 -17.18
CA PRO H 59 26.03 22.18 -16.66
C PRO H 59 25.82 22.12 -15.16
N SER H 60 25.49 23.28 -14.59
CA SER H 60 25.30 23.38 -13.14
C SER H 60 24.04 22.68 -12.67
N ARG H 61 23.08 22.41 -13.57
CA ARG H 61 21.81 21.82 -13.15
C ARG H 61 21.95 20.39 -12.66
N PHE H 62 23.00 19.68 -13.08
CA PHE H 62 23.23 18.32 -12.60
C PHE H 62 23.88 18.35 -11.22
N SER H 63 23.27 17.64 -10.28
CA SER H 63 23.72 17.62 -8.89
C SER H 63 23.87 16.18 -8.43
N GLY H 64 24.91 15.93 -7.63
CA GLY H 64 25.15 14.62 -7.07
C GLY H 64 25.25 14.64 -5.56
N SER H 65 24.50 13.77 -4.89
CA SER H 65 24.47 13.76 -3.43
C SER H 65 24.23 12.34 -2.95
N GLY H 66 24.99 11.92 -1.94
CA GLY H 66 24.83 10.60 -1.38
C GLY H 66 26.10 10.14 -0.69
N SER H 67 25.92 9.15 0.19
CA SER H 67 27.04 8.56 0.91
C SER H 67 26.62 7.19 1.41
N GLY H 68 27.59 6.30 1.56
CA GLY H 68 27.34 4.97 2.07
C GLY H 68 26.60 4.09 1.09
N THR H 69 25.30 3.88 1.33
CA THR H 69 24.48 3.02 0.48
C THR H 69 23.48 3.79 -0.37
N GLU H 70 22.94 4.90 0.13
CA GLU H 70 21.98 5.70 -0.61
C GLU H 70 22.68 6.78 -1.43
N PHE H 71 22.21 6.97 -2.66
CA PHE H 71 22.76 7.98 -3.54
C PHE H 71 21.63 8.55 -4.40
N THR H 72 21.85 9.77 -4.91
CA THR H 72 20.85 10.45 -5.72
C THR H 72 21.54 11.21 -6.86
N LEU H 73 20.74 11.57 -7.85
CA LEU H 73 21.17 12.43 -8.95
C LEU H 73 20.04 13.38 -9.28
N THR H 74 20.29 14.67 -9.20
CA THR H 74 19.25 15.69 -9.29
C THR H 74 19.51 16.61 -10.48
N ILE H 75 18.43 16.97 -11.17
CA ILE H 75 18.44 18.02 -12.19
C ILE H 75 17.52 19.11 -11.67
N SER H 76 18.09 20.28 -11.35
CA SER H 76 17.30 21.35 -10.76
C SER H 76 16.23 21.85 -11.74
N SER H 77 16.65 22.21 -12.95
CA SER H 77 15.72 22.64 -14.00
C SER H 77 15.97 21.79 -15.23
N LEU H 78 14.96 21.07 -15.67
CA LEU H 78 15.10 20.10 -16.76
C LEU H 78 15.01 20.80 -18.10
N GLN H 79 16.09 20.73 -18.87
CA GLN H 79 16.14 21.24 -20.23
C GLN H 79 15.92 20.10 -21.23
N PRO H 80 15.48 20.40 -22.46
CA PRO H 80 15.04 19.33 -23.37
C PRO H 80 16.13 18.34 -23.75
N GLU H 81 17.42 18.68 -23.62
CA GLU H 81 18.48 17.79 -24.06
C GLU H 81 18.93 16.82 -22.97
N ASP H 82 18.17 16.67 -21.90
CA ASP H 82 18.52 15.76 -20.83
C ASP H 82 17.66 14.49 -20.83
N PHE H 83 16.90 14.26 -21.89
CA PHE H 83 16.08 13.05 -22.01
C PHE H 83 16.97 11.91 -22.46
N ALA H 84 17.37 11.06 -21.50
CA ALA H 84 18.23 9.93 -21.81
C ALA H 84 18.14 8.93 -20.66
N THR H 85 18.98 7.90 -20.74
CA THR H 85 19.06 6.84 -19.74
C THR H 85 20.29 7.07 -18.87
N TYR H 86 20.09 7.05 -17.56
CA TYR H 86 21.11 7.39 -16.59
C TYR H 86 21.56 6.12 -15.86
N TYR H 87 22.87 5.90 -15.80
CA TYR H 87 23.45 4.67 -15.30
C TYR H 87 24.22 4.94 -14.01
N CYS H 88 23.92 4.15 -12.98
CA CYS H 88 24.68 4.18 -11.74
C CYS H 88 25.86 3.23 -11.85
N GLN H 89 26.98 3.60 -11.23
CA GLN H 89 28.21 2.82 -11.29
C GLN H 89 28.74 2.58 -9.88
N GLN H 90 29.80 1.78 -9.79
CA GLN H 90 30.44 1.48 -8.53
C GLN H 90 31.95 1.46 -8.76
N LEU H 91 32.69 1.87 -7.73
CA LEU H 91 34.11 2.19 -7.88
C LEU H 91 34.99 1.59 -6.80
N ASN H 92 34.47 0.65 -6.01
CA ASN H 92 35.25 0.16 -4.87
C ASN H 92 35.86 -1.20 -5.14
N SER H 93 35.06 -2.26 -5.01
CA SER H 93 35.58 -3.61 -5.09
C SER H 93 36.04 -3.95 -6.50
N TYR H 94 36.76 -5.07 -6.62
CA TYR H 94 37.24 -5.51 -7.93
C TYR H 94 36.11 -5.71 -8.94
N PRO H 95 35.00 -6.42 -8.62
CA PRO H 95 33.90 -6.49 -9.59
C PRO H 95 33.17 -5.17 -9.71
N ILE H 96 33.51 -4.38 -10.74
CA ILE H 96 32.85 -3.11 -10.98
C ILE H 96 31.50 -3.38 -11.64
N THR H 97 30.43 -2.89 -11.02
CA THR H 97 29.07 -3.20 -11.43
C THR H 97 28.30 -1.92 -11.69
N PHE H 98 27.58 -1.89 -12.80
CA PHE H 98 26.68 -0.81 -13.13
C PHE H 98 25.28 -1.13 -12.60
N GLY H 99 24.34 -0.22 -12.84
CA GLY H 99 22.95 -0.44 -12.51
C GLY H 99 22.09 -0.29 -13.75
N GLN H 100 20.97 -1.01 -13.77
CA GLN H 100 20.06 -0.91 -14.90
C GLN H 100 19.56 0.52 -15.01
N GLY H 101 19.44 1.01 -16.24
CA GLY H 101 19.25 2.42 -16.46
C GLY H 101 17.88 2.92 -16.04
N THR H 102 17.83 4.20 -15.68
CA THR H 102 16.58 4.90 -15.40
C THR H 102 16.27 5.79 -16.59
N ARG H 103 15.19 5.48 -17.29
CA ARG H 103 14.84 6.19 -18.52
C ARG H 103 14.04 7.44 -18.19
N LEU H 104 14.54 8.59 -18.62
CA LEU H 104 13.90 9.88 -18.40
C LEU H 104 13.16 10.24 -19.69
N GLU H 105 11.84 10.07 -19.69
CA GLU H 105 11.04 10.27 -20.88
C GLU H 105 10.27 11.59 -20.80
N ILE H 106 9.82 12.05 -21.97
CA ILE H 106 9.01 13.26 -22.06
C ILE H 106 7.59 12.94 -21.61
N LYS H 107 7.01 13.82 -20.81
CA LYS H 107 5.64 13.64 -20.36
C LYS H 107 4.67 14.28 -21.33
N ARG H 108 3.49 13.67 -21.45
CA ARG H 108 2.51 14.07 -22.46
C ARG H 108 1.12 13.68 -21.98
N THR H 109 0.12 14.39 -22.49
CA THR H 109 -1.27 14.02 -22.22
C THR H 109 -1.55 12.63 -22.80
N VAL H 110 -2.41 11.88 -22.11
CA VAL H 110 -2.65 10.49 -22.47
C VAL H 110 -3.38 10.42 -23.81
N ALA H 111 -2.90 9.54 -24.69
CA ALA H 111 -3.50 9.30 -25.99
C ALA H 111 -3.86 7.82 -26.09
N ALA H 112 -5.14 7.54 -26.32
CA ALA H 112 -5.60 6.17 -26.44
C ALA H 112 -4.97 5.51 -27.67
N PRO H 113 -4.76 4.19 -27.63
CA PRO H 113 -4.10 3.51 -28.76
C PRO H 113 -5.04 3.36 -29.95
N SER H 114 -4.54 3.72 -31.13
CA SER H 114 -5.25 3.47 -32.38
C SER H 114 -4.84 2.08 -32.87
N VAL H 115 -5.79 1.15 -32.85
CA VAL H 115 -5.49 -0.27 -33.05
C VAL H 115 -5.85 -0.67 -34.48
N PHE H 116 -5.04 -1.57 -35.04
CA PHE H 116 -5.27 -2.11 -36.37
C PHE H 116 -4.93 -3.60 -36.35
N ILE H 117 -5.44 -4.31 -37.36
CA ILE H 117 -5.11 -5.72 -37.58
C ILE H 117 -4.93 -5.94 -39.06
N PHE H 118 -4.05 -6.88 -39.42
CA PHE H 118 -3.74 -7.16 -40.80
C PHE H 118 -3.76 -8.66 -41.04
N PRO H 119 -4.47 -9.14 -42.06
CA PRO H 119 -4.53 -10.58 -42.31
C PRO H 119 -3.26 -11.06 -42.97
N PRO H 120 -3.00 -12.37 -42.92
CA PRO H 120 -1.81 -12.90 -43.61
C PRO H 120 -1.90 -12.73 -45.12
N SER H 121 -0.74 -12.55 -45.74
CA SER H 121 -0.69 -12.33 -47.18
C SER H 121 -1.01 -13.62 -47.93
N ASP H 122 -1.77 -13.49 -49.01
CA ASP H 122 -2.09 -14.65 -49.85
C ASP H 122 -0.86 -15.21 -50.55
N GLU H 123 0.21 -14.43 -50.64
CA GLU H 123 1.48 -14.94 -51.15
C GLU H 123 2.39 -15.46 -50.05
N GLN H 124 2.15 -15.07 -48.80
CA GLN H 124 2.90 -15.64 -47.68
C GLN H 124 2.33 -16.99 -47.26
N LEU H 125 1.03 -17.20 -47.46
CA LEU H 125 0.41 -18.47 -47.11
C LEU H 125 0.95 -19.62 -47.95
N LYS H 126 1.58 -19.33 -49.09
CA LYS H 126 2.15 -20.39 -49.92
C LYS H 126 3.36 -21.03 -49.26
N SER H 127 4.10 -20.29 -48.43
CA SER H 127 5.31 -20.80 -47.80
C SER H 127 5.04 -21.72 -46.62
N GLY H 128 3.79 -21.81 -46.16
CA GLY H 128 3.41 -22.70 -45.08
C GLY H 128 3.19 -22.01 -43.74
N THR H 129 3.83 -20.86 -43.52
CA THR H 129 3.67 -20.10 -42.30
C THR H 129 2.85 -18.85 -42.56
N ALA H 130 2.15 -18.39 -41.53
CA ALA H 130 1.29 -17.23 -41.61
C ALA H 130 1.55 -16.32 -40.42
N SER H 131 1.79 -15.04 -40.69
CA SER H 131 2.10 -14.05 -39.66
C SER H 131 0.96 -13.05 -39.59
N VAL H 132 0.30 -13.00 -38.44
CA VAL H 132 -0.79 -12.05 -38.19
C VAL H 132 -0.25 -10.92 -37.33
N VAL H 133 -0.60 -9.68 -37.70
CA VAL H 133 -0.04 -8.49 -37.09
C VAL H 133 -1.15 -7.67 -36.45
N CYS H 134 -0.84 -7.07 -35.30
CA CYS H 134 -1.76 -6.19 -34.58
C CYS H 134 -1.03 -4.89 -34.29
N LEU H 135 -1.45 -3.81 -34.95
CA LEU H 135 -0.73 -2.54 -34.90
C LEU H 135 -1.41 -1.59 -33.90
N LEU H 136 -0.63 -1.11 -32.94
CA LEU H 136 -1.02 -0.02 -32.06
C LEU H 136 -0.20 1.20 -32.45
N ASN H 137 -0.87 2.28 -32.85
CA ASN H 137 -0.22 3.43 -33.44
C ASN H 137 -0.50 4.69 -32.63
N ASN H 138 0.56 5.45 -32.34
CA ASN H 138 0.48 6.76 -31.70
C ASN H 138 -0.35 6.74 -30.42
N PHE H 139 0.26 6.27 -29.33
CA PHE H 139 -0.41 6.22 -28.04
C PHE H 139 0.56 6.62 -26.95
N TYR H 140 0.01 6.96 -25.78
CA TYR H 140 0.78 7.33 -24.61
C TYR H 140 -0.12 7.18 -23.40
N PRO H 141 0.38 6.63 -22.27
CA PRO H 141 1.74 6.17 -22.03
C PRO H 141 2.12 4.90 -22.79
N ARG H 142 3.39 4.48 -22.63
CA ARG H 142 3.88 3.33 -23.38
C ARG H 142 3.32 2.01 -22.84
N GLU H 143 3.04 1.95 -21.54
CA GLU H 143 2.55 0.70 -20.94
C GLU H 143 1.21 0.32 -21.53
N ALA H 144 1.11 -0.91 -22.04
CA ALA H 144 -0.12 -1.42 -22.61
C ALA H 144 -0.11 -2.93 -22.51
N LYS H 145 -1.24 -3.55 -22.87
CA LYS H 145 -1.38 -5.00 -22.83
C LYS H 145 -2.09 -5.44 -24.09
N VAL H 146 -1.47 -6.35 -24.83
CA VAL H 146 -2.02 -6.87 -26.08
C VAL H 146 -2.11 -8.39 -25.96
N GLN H 147 -3.32 -8.91 -26.12
CA GLN H 147 -3.56 -10.34 -26.09
C GLN H 147 -4.22 -10.78 -27.39
N TRP H 148 -3.89 -11.99 -27.82
CA TRP H 148 -4.42 -12.56 -29.06
C TRP H 148 -5.56 -13.51 -28.72
N LYS H 149 -6.66 -13.40 -29.46
CA LYS H 149 -7.84 -14.25 -29.30
C LYS H 149 -8.11 -14.94 -30.63
N VAL H 150 -7.85 -16.23 -30.69
CA VAL H 150 -8.10 -17.04 -31.87
C VAL H 150 -9.35 -17.88 -31.57
N ASP H 151 -10.49 -17.43 -32.10
CA ASP H 151 -11.79 -18.02 -31.78
C ASP H 151 -12.03 -18.01 -30.28
N ASN H 152 -11.79 -16.84 -29.66
CA ASN H 152 -11.94 -16.65 -28.22
C ASN H 152 -11.09 -17.65 -27.43
N ALA H 153 -9.81 -17.71 -27.78
CA ALA H 153 -8.85 -18.55 -27.08
C ALA H 153 -7.58 -17.75 -26.82
N LEU H 154 -7.14 -17.74 -25.56
CA LEU H 154 -5.93 -17.02 -25.20
C LEU H 154 -4.71 -17.71 -25.80
N GLN H 155 -3.73 -16.91 -26.22
CA GLN H 155 -2.53 -17.42 -26.87
C GLN H 155 -1.29 -17.00 -26.08
N SER H 156 -0.23 -17.80 -26.22
CA SER H 156 1.02 -17.53 -25.53
C SER H 156 2.14 -18.28 -26.23
N GLY H 157 3.25 -17.58 -26.49
CA GLY H 157 4.43 -18.17 -27.08
C GLY H 157 4.60 -17.89 -28.56
N ASN H 158 3.54 -17.50 -29.26
CA ASN H 158 3.62 -17.24 -30.69
C ASN H 158 3.78 -15.77 -31.03
N SER H 159 3.35 -14.86 -30.16
CA SER H 159 3.40 -13.44 -30.46
C SER H 159 4.75 -12.85 -30.09
N GLN H 160 5.17 -11.85 -30.86
CA GLN H 160 6.42 -11.12 -30.63
C GLN H 160 6.12 -9.64 -30.78
N GLU H 161 6.31 -8.89 -29.70
CA GLU H 161 5.98 -7.47 -29.66
C GLU H 161 7.25 -6.63 -29.70
N SER H 162 7.20 -5.53 -30.45
CA SER H 162 8.29 -4.57 -30.55
C SER H 162 7.71 -3.17 -30.52
N VAL H 163 8.32 -2.29 -29.71
CA VAL H 163 7.83 -0.95 -29.50
C VAL H 163 8.83 0.05 -30.06
N THR H 164 8.32 1.10 -30.70
CA THR H 164 9.18 2.15 -31.25
C THR H 164 9.64 3.08 -30.13
N GLU H 165 10.60 3.95 -30.46
CA GLU H 165 10.99 4.98 -29.52
C GLU H 165 9.98 6.12 -29.55
N GLN H 166 10.20 7.08 -28.66
CA GLN H 166 9.29 8.21 -28.54
C GLN H 166 9.41 9.13 -29.75
N ASP H 167 8.27 9.40 -30.38
CA ASP H 167 8.26 10.24 -31.57
C ASP H 167 8.70 11.65 -31.23
N SER H 168 9.47 12.26 -32.15
CA SER H 168 9.97 13.61 -31.91
C SER H 168 8.87 14.65 -32.06
N LYS H 169 7.89 14.40 -32.93
CA LYS H 169 6.87 15.39 -33.21
C LYS H 169 5.82 15.46 -32.10
N ASP H 170 5.21 14.32 -31.76
CA ASP H 170 4.09 14.30 -30.82
C ASP H 170 4.37 13.52 -29.54
N SER H 171 5.60 13.02 -29.36
CA SER H 171 6.02 12.34 -28.13
C SER H 171 5.09 11.16 -27.82
N THR H 172 4.85 10.33 -28.83
CA THR H 172 3.98 9.17 -28.71
C THR H 172 4.75 7.90 -29.04
N TYR H 173 4.30 6.79 -28.45
CA TYR H 173 4.88 5.48 -28.70
C TYR H 173 3.99 4.68 -29.63
N SER H 174 4.56 3.61 -30.20
CA SER H 174 3.83 2.72 -31.09
C SER H 174 4.29 1.29 -30.83
N LEU H 175 3.35 0.35 -30.92
CA LEU H 175 3.63 -1.05 -30.63
C LEU H 175 2.98 -1.93 -31.69
N SER H 176 3.65 -3.04 -32.01
CA SER H 176 3.14 -3.99 -32.99
C SER H 176 3.40 -5.41 -32.48
N SER H 177 2.37 -6.25 -32.54
CA SER H 177 2.47 -7.65 -32.16
C SER H 177 2.31 -8.53 -33.39
N THR H 178 3.17 -9.54 -33.52
CA THR H 178 3.18 -10.42 -34.67
C THR H 178 2.84 -11.83 -34.22
N LEU H 179 1.67 -12.31 -34.60
CA LEU H 179 1.23 -13.68 -34.32
C LEU H 179 1.76 -14.59 -35.42
N THR H 180 2.60 -15.55 -35.05
CA THR H 180 3.24 -16.46 -36.00
C THR H 180 2.58 -17.83 -35.89
N LEU H 181 1.95 -18.28 -36.97
CA LEU H 181 1.30 -19.57 -37.02
C LEU H 181 1.55 -20.22 -38.37
N SER H 182 1.59 -21.54 -38.38
CA SER H 182 1.68 -22.28 -39.64
C SER H 182 0.33 -22.29 -40.33
N LYS H 183 0.36 -22.50 -41.65
CA LYS H 183 -0.88 -22.49 -42.43
C LYS H 183 -1.84 -23.58 -41.96
N ALA H 184 -1.30 -24.77 -41.65
CA ALA H 184 -2.15 -25.85 -41.15
C ALA H 184 -2.84 -25.44 -39.85
N ASP H 185 -2.11 -24.85 -38.92
CA ASP H 185 -2.72 -24.28 -37.73
C ASP H 185 -3.55 -23.04 -38.05
N TYR H 186 -3.25 -22.36 -39.16
CA TYR H 186 -4.00 -21.18 -39.55
C TYR H 186 -5.36 -21.54 -40.13
N GLU H 187 -5.43 -22.66 -40.86
CA GLU H 187 -6.69 -23.09 -41.45
C GLU H 187 -7.66 -23.64 -40.42
N LYS H 188 -7.18 -23.97 -39.21
CA LYS H 188 -8.05 -24.58 -38.20
C LYS H 188 -9.17 -23.62 -37.79
N HIS H 189 -8.82 -22.41 -37.41
CA HIS H 189 -9.77 -21.44 -36.88
C HIS H 189 -10.06 -20.36 -37.91
N LYS H 190 -11.18 -19.68 -37.73
CA LYS H 190 -11.64 -18.67 -38.68
C LYS H 190 -11.72 -17.27 -38.10
N VAL H 191 -11.49 -17.10 -36.80
CA VAL H 191 -11.55 -15.80 -36.15
C VAL H 191 -10.23 -15.55 -35.43
N TYR H 192 -9.55 -14.47 -35.81
CA TYR H 192 -8.32 -14.03 -35.15
C TYR H 192 -8.54 -12.60 -34.67
N ALA H 193 -8.35 -12.38 -33.37
CA ALA H 193 -8.64 -11.09 -32.77
C ALA H 193 -7.57 -10.74 -31.75
N CYS H 194 -7.16 -9.47 -31.75
CA CYS H 194 -6.26 -8.95 -30.73
C CYS H 194 -6.99 -7.89 -29.91
N GLU H 195 -6.97 -8.04 -28.60
CA GLU H 195 -7.63 -7.13 -27.67
C GLU H 195 -6.60 -6.24 -27.01
N VAL H 196 -6.84 -4.93 -27.04
CA VAL H 196 -5.91 -3.93 -26.52
C VAL H 196 -6.52 -3.28 -25.29
N THR H 197 -5.79 -3.30 -24.17
CA THR H 197 -6.19 -2.65 -22.94
C THR H 197 -5.17 -1.56 -22.63
N HIS H 198 -5.66 -0.34 -22.40
CA HIS H 198 -4.80 0.80 -22.10
C HIS H 198 -5.48 1.67 -21.05
N GLN H 199 -4.65 2.46 -20.35
CA GLN H 199 -5.18 3.35 -19.31
C GLN H 199 -6.13 4.39 -19.90
N GLY H 200 -5.87 4.83 -21.13
CA GLY H 200 -6.73 5.78 -21.80
C GLY H 200 -7.98 5.21 -22.42
N LEU H 201 -8.21 3.91 -22.27
CA LEU H 201 -9.37 3.23 -22.83
C LEU H 201 -10.37 2.92 -21.72
N SER H 202 -11.64 3.23 -21.97
CA SER H 202 -12.69 2.91 -21.01
C SER H 202 -12.90 1.40 -20.90
N SER H 203 -12.85 0.70 -22.02
CA SER H 203 -12.97 -0.75 -22.08
C SER H 203 -12.01 -1.28 -23.12
N PRO H 204 -11.57 -2.54 -22.98
CA PRO H 204 -10.63 -3.11 -23.95
C PRO H 204 -11.22 -3.11 -25.36
N VAL H 205 -10.54 -2.42 -26.27
CA VAL H 205 -10.94 -2.35 -27.67
C VAL H 205 -10.36 -3.55 -28.40
N THR H 206 -11.13 -4.10 -29.34
CA THR H 206 -10.77 -5.32 -30.02
C THR H 206 -10.97 -5.20 -31.53
N LYS H 207 -10.01 -5.70 -32.29
CA LYS H 207 -10.11 -5.84 -33.73
C LYS H 207 -10.11 -7.32 -34.09
N SER H 208 -10.75 -7.66 -35.21
CA SER H 208 -10.84 -9.04 -35.64
C SER H 208 -11.07 -9.09 -37.14
N PHE H 209 -10.72 -10.22 -37.74
CA PHE H 209 -10.97 -10.47 -39.15
C PHE H 209 -11.44 -11.92 -39.31
N ASN H 210 -11.84 -12.25 -40.54
CA ASN H 210 -12.25 -13.60 -40.88
C ASN H 210 -11.45 -14.09 -42.07
N ARG H 211 -11.42 -15.42 -42.23
CA ARG H 211 -10.59 -16.02 -43.26
C ARG H 211 -11.11 -15.70 -44.67
N GLY H 212 -12.41 -15.89 -44.88
CA GLY H 212 -13.00 -15.72 -46.19
C GLY H 212 -13.15 -14.28 -46.65
N GLU H 213 -12.13 -13.45 -46.39
CA GLU H 213 -12.11 -12.06 -46.81
C GLU H 213 -13.37 -11.29 -46.44
#